data_4A22
#
_entry.id   4A22
#
_cell.length_a   335.386
_cell.length_b   42.977
_cell.length_c   102.601
_cell.angle_alpha   90.00
_cell.angle_beta   99.39
_cell.angle_gamma   90.00
#
_symmetry.space_group_name_H-M   'C 1 2 1'
#
loop_
_entity.id
_entity.type
_entity.pdbx_description
1 polymer 'FRUCTOSE-BISPHOSPHATE ALDOLASE'
2 non-polymer '4-{hydroxy[(phosphonooxy)acetyl]amino}butyl dihydrogen phosphate'
3 non-polymer 'SODIUM ION'
4 non-polymer 'ZINC ION'
5 non-polymer 'SULFATE ION'
6 water water
#
_entity_poly.entity_id   1
_entity_poly.type   'polypeptide(L)'
_entity_poly.pdbx_seq_one_letter_code
;MPIATPEVYAEMLGQAKQNSYAFPAINCTSSETVNAAIKGFADAGSDGIIQFSTGGAEFGSGLGVKDMVTGAVALAEFTH
VIAAKYPVNVALHTDHCPKDKLDSYVRPLLAISAQRVSKGGNPLFQSHMWDGSAVPIDENLAIAQELLKAAAAAKIILEI
EIGVVGGEEDGVANEINEKLYTSPEDFEKTIEALGAGEHGKYLLAATFGNVHGVYKPGNVKLRPDILAQGQQVAAAKLGL
PADAKPFDFVFHGGSGSLKSEIEEALRYGVVKMNVDTDTQYAFTRPIAGHMFTNYDGVLKVDGEVGVKKVYDPRSYLKKA
EASMSQRVVQACNDLHCAGKSLTH
;
_entity_poly.pdbx_strand_id   A,B,C,D
#
loop_
_chem_comp.id
_chem_comp.type
_chem_comp.name
_chem_comp.formula
NA non-polymer 'SODIUM ION' 'Na 1'
SO4 non-polymer 'SULFATE ION' 'O4 S -2'
TD4 non-polymer '4-{hydroxy[(phosphonooxy)acetyl]amino}butyl dihydrogen phosphate' 'C6 H15 N O10 P2'
ZN non-polymer 'ZINC ION' 'Zn 2'
#
# COMPACT_ATOMS: atom_id res chain seq x y z
N PRO A 2 1.51 -21.25 -34.32
CA PRO A 2 0.13 -21.36 -34.80
C PRO A 2 -0.75 -22.14 -33.86
N ILE A 3 -2.06 -22.06 -34.06
CA ILE A 3 -2.99 -22.92 -33.33
C ILE A 3 -2.73 -24.35 -33.77
N ALA A 4 -2.74 -25.27 -32.83
CA ALA A 4 -2.51 -26.67 -33.17
C ALA A 4 -3.66 -27.19 -34.01
N THR A 5 -3.38 -27.80 -35.16
CA THR A 5 -4.43 -28.51 -35.88
C THR A 5 -4.71 -29.80 -35.11
N PRO A 6 -5.85 -30.44 -35.40
CA PRO A 6 -6.08 -31.69 -34.67
C PRO A 6 -4.93 -32.69 -34.88
N GLU A 7 -4.37 -32.74 -36.08
CA GLU A 7 -3.29 -33.70 -36.36
C GLU A 7 -2.03 -33.38 -35.51
N VAL A 8 -1.66 -32.11 -35.46
CA VAL A 8 -0.50 -31.67 -34.68
C VAL A 8 -0.75 -31.92 -33.18
N TYR A 9 -1.93 -31.58 -32.70
CA TYR A 9 -2.27 -31.79 -31.29
C TYR A 9 -2.14 -33.28 -30.95
N ALA A 10 -2.68 -34.14 -31.80
CA ALA A 10 -2.53 -35.59 -31.56
C ALA A 10 -1.05 -36.00 -31.57
N GLU A 11 -0.25 -35.41 -32.45
CA GLU A 11 1.18 -35.74 -32.46
C GLU A 11 1.91 -35.16 -31.23
N MET A 12 1.53 -33.96 -30.79
CA MET A 12 2.05 -33.39 -29.53
C MET A 12 1.85 -34.37 -28.38
N LEU A 13 0.61 -34.81 -28.19
CA LEU A 13 0.28 -35.73 -27.11
C LEU A 13 0.94 -37.11 -27.28
N GLY A 14 1.02 -37.59 -28.50
CA GLY A 14 1.69 -38.85 -28.78
C GLY A 14 3.18 -38.80 -28.44
N GLN A 15 3.85 -37.71 -28.79
CA GLN A 15 5.29 -37.62 -28.56
C GLN A 15 5.54 -37.43 -27.06
N ALA A 16 4.71 -36.63 -26.40
CA ALA A 16 4.81 -36.43 -24.96
C ALA A 16 4.65 -37.76 -24.20
N LYS A 17 3.66 -38.53 -24.61
CA LYS A 17 3.41 -39.85 -24.02
C LYS A 17 4.60 -40.79 -24.23
N GLN A 18 5.09 -40.88 -25.46
CA GLN A 18 6.20 -41.78 -25.76
C GLN A 18 7.49 -41.40 -24.98
N ASN A 19 7.71 -40.11 -24.81
CA ASN A 19 8.92 -39.59 -24.17
C ASN A 19 8.78 -39.17 -22.70
N SER A 20 7.62 -39.42 -22.11
CA SER A 20 7.39 -39.13 -20.70
C SER A 20 7.60 -37.64 -20.37
N TYR A 21 7.02 -36.78 -21.18
CA TYR A 21 6.89 -35.40 -20.75
C TYR A 21 5.46 -34.98 -20.94
N ALA A 22 5.13 -33.77 -20.52
CA ALA A 22 3.74 -33.32 -20.52
C ALA A 22 3.70 -31.82 -20.79
N PHE A 23 2.53 -31.32 -21.17
CA PHE A 23 2.33 -29.92 -21.50
C PHE A 23 1.63 -29.17 -20.39
N PRO A 24 2.11 -27.97 -20.06
CA PRO A 24 1.26 -27.21 -19.14
C PRO A 24 -0.02 -26.76 -19.85
N ALA A 25 -1.14 -26.78 -19.13
CA ALA A 25 -2.39 -26.23 -19.64
C ALA A 25 -2.69 -25.05 -18.74
N ILE A 26 -2.63 -23.85 -19.31
CA ILE A 26 -2.68 -22.63 -18.51
C ILE A 26 -4.06 -22.00 -18.61
N ASN A 27 -4.74 -21.83 -17.48
CA ASN A 27 -6.05 -21.19 -17.50
C ASN A 27 -5.90 -19.73 -17.83
N CYS A 28 -6.67 -19.25 -18.81
CA CYS A 28 -6.59 -17.87 -19.25
C CYS A 28 -7.99 -17.24 -19.24
N THR A 29 -8.05 -15.98 -18.90
CA THR A 29 -9.30 -15.23 -18.78
C THR A 29 -9.49 -13.98 -19.68
N SER A 30 -8.50 -13.67 -20.50
CA SER A 30 -8.41 -12.35 -21.11
C SER A 30 -7.29 -12.32 -22.11
N SER A 31 -7.27 -11.25 -22.89
CA SER A 31 -6.21 -11.05 -23.87
C SER A 31 -4.83 -11.04 -23.20
N GLU A 32 -4.70 -10.37 -22.05
CA GLU A 32 -3.39 -10.29 -21.38
C GLU A 32 -2.85 -11.66 -20.92
N THR A 33 -3.71 -12.50 -20.35
CA THR A 33 -3.26 -13.79 -19.85
C THR A 33 -2.99 -14.78 -20.99
N VAL A 34 -3.77 -14.70 -22.07
CA VAL A 34 -3.50 -15.50 -23.26
C VAL A 34 -2.15 -15.10 -23.82
N ASN A 35 -1.90 -13.79 -23.95
CA ASN A 35 -0.60 -13.33 -24.42
C ASN A 35 0.53 -13.82 -23.53
N ALA A 36 0.33 -13.75 -22.21
CA ALA A 36 1.36 -14.20 -21.25
C ALA A 36 1.68 -15.69 -21.42
N ALA A 37 0.65 -16.50 -21.55
CA ALA A 37 0.80 -17.94 -21.66
C ALA A 37 1.54 -18.29 -22.94
N ILE A 38 1.12 -17.73 -24.08
CA ILE A 38 1.80 -18.10 -25.32
C ILE A 38 3.26 -17.64 -25.35
N LYS A 39 3.54 -16.46 -24.81
CA LYS A 39 4.92 -15.96 -24.78
C LYS A 39 5.74 -16.94 -23.92
N GLY A 40 5.12 -17.44 -22.86
CA GLY A 40 5.76 -18.41 -21.98
C GLY A 40 6.16 -19.64 -22.77
N PHE A 41 5.19 -20.22 -23.49
CA PHE A 41 5.45 -21.41 -24.30
C PHE A 41 6.59 -21.12 -25.27
N ALA A 42 6.45 -20.02 -26.02
CA ALA A 42 7.45 -19.66 -27.03
C ALA A 42 8.84 -19.44 -26.43
N ASP A 43 8.91 -18.73 -25.31
CA ASP A 43 10.17 -18.55 -24.61
C ASP A 43 10.86 -19.87 -24.20
N ALA A 44 10.07 -20.86 -23.80
CA ALA A 44 10.57 -22.17 -23.39
C ALA A 44 10.79 -23.07 -24.61
N GLY A 45 10.49 -22.58 -25.81
CA GLY A 45 10.66 -23.40 -27.01
C GLY A 45 9.76 -24.62 -27.02
N SER A 46 8.55 -24.44 -26.50
CA SER A 46 7.63 -25.54 -26.20
C SER A 46 6.25 -25.33 -26.85
N ASP A 47 5.57 -26.42 -27.17
CA ASP A 47 4.16 -26.30 -27.50
C ASP A 47 3.42 -26.19 -26.17
N GLY A 48 2.13 -25.92 -26.22
CA GLY A 48 1.40 -25.67 -24.98
C GLY A 48 -0.09 -25.65 -25.16
N ILE A 49 -0.81 -25.59 -24.04
CA ILE A 49 -2.26 -25.64 -24.04
C ILE A 49 -2.76 -24.41 -23.31
N ILE A 50 -3.66 -23.68 -23.94
CA ILE A 50 -4.40 -22.63 -23.27
C ILE A 50 -5.81 -23.18 -22.96
N GLN A 51 -6.28 -22.99 -21.73
CA GLN A 51 -7.62 -23.41 -21.41
C GLN A 51 -8.48 -22.33 -20.75
N PHE A 52 -9.78 -22.41 -21.03
CA PHE A 52 -10.77 -21.49 -20.47
C PHE A 52 -11.77 -22.26 -19.63
N SER A 53 -11.89 -21.91 -18.35
CA SER A 53 -12.91 -22.53 -17.51
C SER A 53 -14.26 -21.89 -17.82
N THR A 54 -15.32 -22.43 -17.25
CA THR A 54 -16.65 -21.87 -17.43
C THR A 54 -16.66 -20.46 -16.84
N GLY A 55 -16.12 -20.34 -15.63
CA GLY A 55 -16.00 -19.03 -14.98
C GLY A 55 -15.10 -18.07 -15.77
N GLY A 56 -14.05 -18.61 -16.34
CA GLY A 56 -13.14 -17.79 -17.14
C GLY A 56 -13.80 -17.32 -18.41
N ALA A 57 -14.54 -18.21 -19.08
CA ALA A 57 -15.25 -17.86 -20.32
C ALA A 57 -16.32 -16.83 -20.02
N GLU A 58 -17.07 -17.03 -18.94
CA GLU A 58 -18.08 -16.06 -18.55
C GLU A 58 -17.44 -14.68 -18.31
N PHE A 59 -16.29 -14.66 -17.65
CA PHE A 59 -15.55 -13.43 -17.38
C PHE A 59 -15.12 -12.74 -18.68
N GLY A 60 -14.60 -13.55 -19.61
CA GLY A 60 -14.14 -13.06 -20.91
C GLY A 60 -15.23 -12.49 -21.78
N SER A 61 -16.48 -12.89 -21.53
CA SER A 61 -17.61 -12.35 -22.29
C SER A 61 -18.01 -10.98 -21.77
N GLY A 62 -17.52 -10.63 -20.58
CA GLY A 62 -17.78 -9.34 -19.97
C GLY A 62 -19.03 -9.30 -19.08
N LEU A 63 -19.08 -8.31 -18.20
CA LEU A 63 -20.18 -8.18 -17.26
C LEU A 63 -21.51 -7.93 -17.98
N GLY A 64 -21.45 -7.37 -19.18
CA GLY A 64 -22.66 -7.05 -19.91
C GLY A 64 -23.27 -8.25 -20.63
N VAL A 65 -22.56 -9.37 -20.65
CA VAL A 65 -22.98 -10.52 -21.45
C VAL A 65 -23.09 -11.73 -20.51
N LYS A 66 -21.98 -12.06 -19.84
CA LYS A 66 -21.95 -13.19 -18.91
C LYS A 66 -22.48 -14.43 -19.58
N ASP A 67 -21.90 -14.75 -20.74
CA ASP A 67 -22.29 -15.93 -21.49
C ASP A 67 -21.05 -16.72 -21.88
N MET A 68 -20.96 -17.96 -21.39
CA MET A 68 -19.76 -18.78 -21.54
C MET A 68 -19.37 -19.01 -22.99
N VAL A 69 -20.34 -19.38 -23.83
CA VAL A 69 -20.03 -19.68 -25.20
C VAL A 69 -19.40 -18.45 -25.85
N THR A 70 -20.03 -17.28 -25.68
CA THR A 70 -19.55 -16.04 -26.26
C THR A 70 -18.11 -15.72 -25.83
N GLY A 71 -17.86 -15.84 -24.53
CA GLY A 71 -16.55 -15.56 -23.97
C GLY A 71 -15.51 -16.52 -24.49
N ALA A 72 -15.88 -17.79 -24.56
CA ALA A 72 -14.99 -18.82 -25.07
C ALA A 72 -14.68 -18.53 -26.54
N VAL A 73 -15.72 -18.22 -27.31
CA VAL A 73 -15.49 -18.02 -28.73
C VAL A 73 -14.68 -16.75 -28.97
N ALA A 74 -15.01 -15.68 -28.26
CA ALA A 74 -14.30 -14.42 -28.43
C ALA A 74 -12.82 -14.59 -28.09
N LEU A 75 -12.52 -15.25 -26.98
CA LEU A 75 -11.13 -15.44 -26.57
C LEU A 75 -10.38 -16.36 -27.53
N ALA A 76 -11.10 -17.34 -28.07
CA ALA A 76 -10.51 -18.25 -29.04
C ALA A 76 -10.15 -17.51 -30.33
N GLU A 77 -11.07 -16.69 -30.81
CA GLU A 77 -10.83 -15.95 -32.05
C GLU A 77 -9.64 -15.00 -31.86
N PHE A 78 -9.56 -14.37 -30.69
CA PHE A 78 -8.38 -13.58 -30.35
C PHE A 78 -7.14 -14.46 -30.43
N THR A 79 -7.20 -15.62 -29.79
CA THR A 79 -6.02 -16.49 -29.71
C THR A 79 -5.57 -16.99 -31.09
N HIS A 80 -6.51 -17.24 -32.00
CA HIS A 80 -6.15 -17.72 -33.33
C HIS A 80 -5.26 -16.71 -34.08
N VAL A 81 -5.55 -15.42 -33.88
CA VAL A 81 -4.78 -14.36 -34.53
C VAL A 81 -3.37 -14.25 -33.92
N ILE A 82 -3.29 -14.24 -32.60
CA ILE A 82 -2.02 -14.09 -31.91
C ILE A 82 -1.11 -15.29 -32.17
N ALA A 83 -1.67 -16.49 -32.07
CA ALA A 83 -0.87 -17.71 -32.12
C ALA A 83 -0.21 -17.87 -33.48
N ALA A 84 -0.87 -17.32 -34.50
CA ALA A 84 -0.31 -17.33 -35.85
C ALA A 84 1.08 -16.69 -35.92
N LYS A 85 1.38 -15.79 -34.98
CA LYS A 85 2.63 -15.04 -35.03
C LYS A 85 3.76 -15.71 -34.23
N TYR A 86 3.52 -16.90 -33.68
CA TYR A 86 4.55 -17.63 -32.92
C TYR A 86 4.87 -18.95 -33.61
N PRO A 87 6.14 -19.39 -33.54
CA PRO A 87 6.47 -20.67 -34.18
C PRO A 87 5.97 -21.94 -33.45
N VAL A 88 5.67 -21.84 -32.16
CA VAL A 88 5.16 -23.01 -31.42
C VAL A 88 3.68 -23.30 -31.66
N ASN A 89 3.27 -24.51 -31.31
CA ASN A 89 1.89 -24.92 -31.48
C ASN A 89 1.12 -24.73 -30.18
N VAL A 90 -0.02 -24.08 -30.29
CA VAL A 90 -0.86 -23.82 -29.12
C VAL A 90 -2.23 -24.44 -29.33
N ALA A 91 -2.64 -25.32 -28.45
CA ALA A 91 -3.94 -25.96 -28.53
C ALA A 91 -4.87 -25.24 -27.58
N LEU A 92 -6.13 -25.11 -27.98
CA LEU A 92 -7.16 -24.50 -27.15
C LEU A 92 -8.04 -25.59 -26.55
N HIS A 93 -8.28 -25.45 -25.25
CA HIS A 93 -9.02 -26.44 -24.49
C HIS A 93 -10.04 -25.69 -23.60
N THR A 94 -11.18 -26.32 -23.33
CA THR A 94 -12.09 -25.80 -22.29
C THR A 94 -11.99 -26.73 -21.09
N ASP A 95 -12.08 -26.14 -19.90
CA ASP A 95 -11.82 -26.80 -18.62
C ASP A 95 -13.16 -27.26 -18.02
N HIS A 96 -13.21 -27.72 -16.76
CA HIS A 96 -14.35 -28.56 -16.29
C HIS A 96 -15.74 -28.06 -16.68
N CYS A 97 -16.50 -28.92 -17.33
CA CYS A 97 -17.90 -28.64 -17.61
C CYS A 97 -18.77 -29.73 -17.03
N PRO A 98 -19.51 -29.43 -15.95
CA PRO A 98 -20.40 -30.41 -15.35
C PRO A 98 -21.67 -30.60 -16.14
N LYS A 99 -22.48 -31.56 -15.69
CA LYS A 99 -23.63 -31.99 -16.46
C LYS A 99 -24.56 -30.81 -16.79
N ASP A 100 -24.85 -29.99 -15.80
CA ASP A 100 -25.85 -28.92 -16.01
C ASP A 100 -25.28 -27.77 -16.85
N LYS A 101 -23.97 -27.81 -17.16
CA LYS A 101 -23.41 -26.85 -18.12
C LYS A 101 -23.12 -27.36 -19.55
N LEU A 102 -23.36 -28.64 -19.83
CA LEU A 102 -23.01 -29.17 -21.15
C LEU A 102 -23.75 -28.45 -22.26
N ASP A 103 -25.03 -28.18 -22.02
CA ASP A 103 -25.87 -27.52 -23.03
C ASP A 103 -25.50 -26.08 -23.27
N SER A 104 -24.94 -25.43 -22.27
CA SER A 104 -24.62 -24.02 -22.39
C SER A 104 -23.15 -23.77 -22.70
N TYR A 105 -22.33 -24.82 -22.71
CA TYR A 105 -20.90 -24.64 -22.95
C TYR A 105 -20.33 -25.63 -23.98
N VAL A 106 -20.19 -26.90 -23.60
CA VAL A 106 -19.46 -27.86 -24.44
C VAL A 106 -20.24 -28.22 -25.72
N ARG A 107 -21.52 -28.49 -25.56
CA ARG A 107 -22.31 -28.93 -26.71
C ARG A 107 -22.43 -27.86 -27.79
N PRO A 108 -22.71 -26.61 -27.42
CA PRO A 108 -22.73 -25.61 -28.50
C PRO A 108 -21.34 -25.34 -29.09
N LEU A 109 -20.28 -25.48 -28.30
CA LEU A 109 -18.92 -25.27 -28.84
C LEU A 109 -18.58 -26.42 -29.77
N LEU A 110 -19.03 -27.62 -29.42
CA LEU A 110 -18.82 -28.79 -30.30
C LEU A 110 -19.51 -28.54 -31.64
N ALA A 111 -20.74 -28.03 -31.57
CA ALA A 111 -21.50 -27.74 -32.78
C ALA A 111 -20.78 -26.73 -33.68
N ILE A 112 -20.25 -25.67 -33.09
CA ILE A 112 -19.51 -24.67 -33.86
C ILE A 112 -18.34 -25.33 -34.59
N SER A 113 -17.59 -26.16 -33.87
CA SER A 113 -16.45 -26.81 -34.49
C SER A 113 -16.85 -27.82 -35.57
N ALA A 114 -17.93 -28.55 -35.34
CA ALA A 114 -18.37 -29.55 -36.32
C ALA A 114 -18.73 -28.83 -37.61
N GLN A 115 -19.33 -27.65 -37.48
CA GLN A 115 -19.70 -26.86 -38.65
C GLN A 115 -18.44 -26.42 -39.42
N ARG A 116 -17.42 -25.98 -38.70
CA ARG A 116 -16.16 -25.56 -39.32
C ARG A 116 -15.51 -26.74 -40.04
N VAL A 117 -15.56 -27.90 -39.40
CA VAL A 117 -14.92 -29.08 -39.97
C VAL A 117 -15.65 -29.57 -41.22
N SER A 118 -16.97 -29.49 -41.21
CA SER A 118 -17.74 -29.96 -42.37
C SER A 118 -17.47 -29.09 -43.62
N LYS A 119 -17.05 -27.85 -43.38
CA LYS A 119 -16.70 -26.91 -44.45
C LYS A 119 -15.24 -27.07 -44.90
N GLY A 120 -14.54 -28.07 -44.37
CA GLY A 120 -13.18 -28.32 -44.76
C GLY A 120 -12.12 -27.63 -43.89
N GLY A 121 -12.55 -27.02 -42.79
CA GLY A 121 -11.62 -26.35 -41.91
C GLY A 121 -11.33 -27.15 -40.64
N ASN A 122 -10.75 -26.49 -39.64
CA ASN A 122 -10.36 -27.13 -38.39
C ASN A 122 -11.27 -26.63 -37.26
N PRO A 123 -11.41 -27.41 -36.18
CA PRO A 123 -12.25 -26.99 -35.06
C PRO A 123 -11.68 -25.76 -34.36
N LEU A 124 -12.53 -25.00 -33.69
CA LEU A 124 -12.10 -23.79 -33.01
C LEU A 124 -11.23 -24.18 -31.79
N PHE A 125 -11.70 -25.18 -31.09
CA PHE A 125 -11.00 -25.75 -29.93
C PHE A 125 -10.49 -27.13 -30.32
N GLN A 126 -9.39 -27.59 -29.74
CA GLN A 126 -8.90 -28.91 -30.10
C GLN A 126 -9.23 -29.95 -29.03
N SER A 127 -9.71 -29.50 -27.87
CA SER A 127 -10.20 -30.43 -26.84
C SER A 127 -11.20 -29.73 -25.93
N HIS A 128 -12.08 -30.53 -25.34
CA HIS A 128 -13.08 -30.04 -24.40
C HIS A 128 -13.08 -31.01 -23.23
N MET A 129 -13.31 -30.51 -22.02
CA MET A 129 -13.42 -31.39 -20.88
C MET A 129 -14.87 -31.66 -20.44
N TRP A 130 -15.17 -32.93 -20.24
CA TRP A 130 -16.44 -33.34 -19.65
C TRP A 130 -16.12 -33.74 -18.23
N ASP A 131 -16.59 -32.96 -17.25
CA ASP A 131 -16.32 -33.33 -15.85
C ASP A 131 -17.57 -33.91 -15.21
N GLY A 132 -17.60 -35.24 -15.12
CA GLY A 132 -18.74 -35.95 -14.59
C GLY A 132 -18.44 -36.54 -13.23
N SER A 133 -17.40 -36.03 -12.58
CA SER A 133 -16.93 -36.61 -11.32
C SER A 133 -17.95 -36.47 -10.19
N ALA A 134 -18.99 -35.67 -10.38
CA ALA A 134 -20.01 -35.50 -9.36
C ALA A 134 -21.22 -36.43 -9.57
N VAL A 135 -21.14 -37.30 -10.56
CA VAL A 135 -22.15 -38.34 -10.71
C VAL A 135 -21.47 -39.71 -10.74
N PRO A 136 -22.25 -40.77 -10.53
CA PRO A 136 -21.65 -42.11 -10.45
C PRO A 136 -20.91 -42.48 -11.73
N ILE A 137 -19.87 -43.30 -11.59
CA ILE A 137 -18.99 -43.67 -12.70
C ILE A 137 -19.77 -44.14 -13.94
N ASP A 138 -20.82 -44.94 -13.75
CA ASP A 138 -21.59 -45.44 -14.89
C ASP A 138 -22.32 -44.31 -15.67
N GLU A 139 -22.93 -43.38 -14.96
CA GLU A 139 -23.58 -42.23 -15.58
C GLU A 139 -22.57 -41.35 -16.31
N ASN A 140 -21.44 -41.16 -15.65
CA ASN A 140 -20.36 -40.35 -16.18
C ASN A 140 -19.90 -40.94 -17.51
N LEU A 141 -19.60 -42.25 -17.52
CA LEU A 141 -19.10 -42.92 -18.72
C LEU A 141 -20.17 -42.96 -19.84
N ALA A 142 -21.42 -43.13 -19.47
CA ALA A 142 -22.50 -43.11 -20.46
C ALA A 142 -22.58 -41.78 -21.18
N ILE A 143 -22.51 -40.67 -20.44
CA ILE A 143 -22.49 -39.36 -21.07
C ILE A 143 -21.20 -39.19 -21.90
N ALA A 144 -20.08 -39.65 -21.36
CA ALA A 144 -18.80 -39.60 -22.08
C ALA A 144 -18.87 -40.26 -23.46
N GLN A 145 -19.56 -41.39 -23.54
CA GLN A 145 -19.67 -42.14 -24.79
C GLN A 145 -20.40 -41.36 -25.88
N GLU A 146 -21.48 -40.66 -25.52
CA GLU A 146 -22.19 -39.83 -26.50
C GLU A 146 -21.35 -38.61 -26.88
N LEU A 147 -20.70 -38.00 -25.90
CA LEU A 147 -19.85 -36.84 -26.16
C LEU A 147 -18.65 -37.22 -27.04
N LEU A 148 -18.14 -38.43 -26.87
CA LEU A 148 -17.01 -38.88 -27.65
C LEU A 148 -17.39 -38.98 -29.13
N LYS A 149 -18.61 -39.43 -29.41
CA LYS A 149 -19.05 -39.49 -30.81
C LYS A 149 -19.09 -38.10 -31.41
N ALA A 150 -19.68 -37.15 -30.69
CA ALA A 150 -19.73 -35.77 -31.17
C ALA A 150 -18.34 -35.17 -31.31
N ALA A 151 -17.44 -35.47 -30.37
CA ALA A 151 -16.11 -34.88 -30.39
C ALA A 151 -15.33 -35.40 -31.59
N ALA A 152 -15.41 -36.71 -31.81
CA ALA A 152 -14.69 -37.34 -32.91
C ALA A 152 -15.08 -36.71 -34.25
N ALA A 153 -16.36 -36.42 -34.44
CA ALA A 153 -16.84 -35.82 -35.70
C ALA A 153 -16.33 -34.39 -35.90
N ALA A 154 -15.99 -33.72 -34.81
CA ALA A 154 -15.45 -32.38 -34.88
C ALA A 154 -13.91 -32.38 -34.83
N LYS A 155 -13.29 -33.56 -34.84
CA LYS A 155 -11.83 -33.71 -34.75
C LYS A 155 -11.30 -33.12 -33.44
N ILE A 156 -12.04 -33.34 -32.37
CA ILE A 156 -11.73 -32.84 -31.06
C ILE A 156 -11.47 -33.98 -30.11
N ILE A 157 -10.54 -33.77 -29.18
CA ILE A 157 -10.21 -34.75 -28.16
C ILE A 157 -10.98 -34.43 -26.89
N LEU A 158 -11.59 -35.44 -26.29
CA LEU A 158 -12.41 -35.22 -25.09
C LEU A 158 -11.57 -35.55 -23.88
N GLU A 159 -11.68 -34.73 -22.83
CA GLU A 159 -11.05 -35.06 -21.56
C GLU A 159 -12.18 -35.42 -20.60
N ILE A 160 -12.02 -36.51 -19.85
CA ILE A 160 -13.04 -36.88 -18.87
C ILE A 160 -12.42 -37.04 -17.50
N GLU A 161 -13.24 -36.93 -16.46
CA GLU A 161 -12.74 -37.05 -15.10
C GLU A 161 -13.44 -38.15 -14.34
N ILE A 162 -12.67 -39.08 -13.78
CA ILE A 162 -13.21 -40.06 -12.88
C ILE A 162 -12.59 -39.77 -11.52
N GLY A 163 -13.42 -39.74 -10.47
CA GLY A 163 -12.93 -39.33 -9.18
C GLY A 163 -12.93 -37.81 -9.07
N VAL A 164 -12.64 -37.30 -7.89
CA VAL A 164 -12.92 -35.90 -7.57
C VAL A 164 -11.66 -35.09 -7.26
N VAL A 165 -11.61 -33.85 -7.76
CA VAL A 165 -10.54 -32.92 -7.39
C VAL A 165 -11.01 -32.05 -6.24
N GLY A 166 -10.19 -31.95 -5.20
CA GLY A 166 -10.57 -31.22 -4.01
C GLY A 166 -10.41 -29.72 -4.17
N GLY A 167 -10.76 -28.99 -3.11
CA GLY A 167 -10.59 -27.55 -3.06
C GLY A 167 -10.23 -27.07 -1.67
N TYR A 181 -9.28 -40.47 -4.37
CA TYR A 181 -8.34 -41.41 -5.00
C TYR A 181 -9.05 -42.46 -5.86
N THR A 182 -8.91 -42.32 -7.19
CA THR A 182 -9.63 -43.20 -8.13
C THR A 182 -9.37 -44.67 -7.87
N SER A 183 -10.38 -45.51 -8.06
CA SER A 183 -10.26 -46.94 -7.77
C SER A 183 -9.84 -47.76 -9.00
N PRO A 184 -9.26 -48.95 -8.77
CA PRO A 184 -8.90 -49.93 -9.80
C PRO A 184 -10.10 -50.38 -10.65
N GLU A 185 -11.26 -50.49 -10.03
CA GLU A 185 -12.46 -50.92 -10.75
C GLU A 185 -12.96 -49.80 -11.66
N ASP A 186 -12.78 -48.57 -11.23
CA ASP A 186 -13.13 -47.43 -12.05
C ASP A 186 -12.26 -47.40 -13.31
N PHE A 187 -10.97 -47.67 -13.17
CA PHE A 187 -10.11 -47.77 -14.34
C PHE A 187 -10.62 -48.81 -15.36
N GLU A 188 -11.10 -49.96 -14.86
CA GLU A 188 -11.57 -51.02 -15.74
C GLU A 188 -12.87 -50.64 -16.47
N LYS A 189 -13.79 -50.04 -15.72
CA LYS A 189 -15.03 -49.58 -16.32
C LYS A 189 -14.76 -48.61 -17.44
N THR A 190 -13.82 -47.71 -17.20
CA THR A 190 -13.54 -46.67 -18.16
C THR A 190 -13.03 -47.32 -19.43
N ILE A 191 -12.09 -48.24 -19.26
CA ILE A 191 -11.46 -48.87 -20.40
C ILE A 191 -12.49 -49.72 -21.16
N GLU A 192 -13.37 -50.39 -20.41
CA GLU A 192 -14.46 -51.16 -21.01
C GLU A 192 -15.41 -50.27 -21.78
N ALA A 193 -15.74 -49.09 -21.25
CA ALA A 193 -16.69 -48.21 -21.92
C ALA A 193 -16.09 -47.47 -23.11
N LEU A 194 -14.92 -46.85 -22.91
CA LEU A 194 -14.32 -45.99 -23.93
C LEU A 194 -13.23 -46.63 -24.80
N GLY A 195 -12.74 -47.79 -24.40
CA GLY A 195 -11.61 -48.41 -25.07
C GLY A 195 -10.29 -47.67 -24.89
N ALA A 196 -9.33 -47.98 -25.76
CA ALA A 196 -8.01 -47.35 -25.73
C ALA A 196 -7.88 -46.18 -26.72
N GLY A 197 -8.98 -45.76 -27.33
CA GLY A 197 -8.94 -44.72 -28.35
C GLY A 197 -9.37 -45.06 -29.78
N GLU A 198 -9.66 -46.34 -30.05
CA GLU A 198 -10.31 -46.71 -31.31
C GLU A 198 -11.59 -45.91 -31.55
N HIS A 199 -12.33 -45.65 -30.48
CA HIS A 199 -13.62 -44.95 -30.52
C HIS A 199 -13.41 -43.43 -30.51
N GLY A 200 -12.15 -43.05 -30.62
CA GLY A 200 -11.71 -41.66 -30.58
C GLY A 200 -10.87 -41.38 -29.34
N LYS A 201 -9.95 -40.43 -29.49
CA LYS A 201 -8.90 -40.21 -28.51
C LYS A 201 -9.52 -39.45 -27.37
N TYR A 202 -9.16 -39.84 -26.15
CA TYR A 202 -9.58 -39.07 -25.00
C TYR A 202 -8.47 -38.99 -23.98
N LEU A 203 -8.56 -37.98 -23.12
CA LEU A 203 -7.63 -37.84 -22.03
C LEU A 203 -8.40 -38.20 -20.79
N LEU A 204 -7.71 -38.73 -19.80
CA LEU A 204 -8.36 -39.14 -18.56
C LEU A 204 -7.78 -38.39 -17.39
N ALA A 205 -8.61 -37.62 -16.71
CA ALA A 205 -8.19 -37.03 -15.46
C ALA A 205 -8.66 -37.99 -14.38
N ALA A 206 -7.74 -38.76 -13.84
CA ALA A 206 -8.03 -39.64 -12.73
C ALA A 206 -7.46 -38.92 -11.53
N THR A 207 -8.16 -38.99 -10.41
CA THR A 207 -7.74 -38.24 -9.22
C THR A 207 -6.97 -39.11 -8.22
N PHE A 208 -5.72 -38.69 -8.02
CA PHE A 208 -4.78 -39.32 -7.10
C PHE A 208 -4.50 -38.55 -5.79
N GLY A 209 -5.38 -37.63 -5.40
CA GLY A 209 -5.14 -36.77 -4.26
C GLY A 209 -4.95 -35.31 -4.62
N ASN A 210 -5.11 -35.00 -5.90
CA ASN A 210 -4.95 -33.63 -6.38
C ASN A 210 -6.04 -32.65 -5.89
N VAL A 211 -5.65 -31.38 -5.74
CA VAL A 211 -6.51 -30.37 -5.13
C VAL A 211 -6.36 -29.01 -5.84
N HIS A 212 -7.48 -28.38 -6.22
CA HIS A 212 -7.43 -27.04 -6.80
C HIS A 212 -7.01 -26.00 -5.76
N GLY A 213 -6.07 -25.12 -6.13
CA GLY A 213 -5.61 -24.08 -5.22
C GLY A 213 -4.21 -24.33 -4.69
N VAL A 214 -3.70 -23.42 -3.88
CA VAL A 214 -2.35 -23.52 -3.35
C VAL A 214 -2.38 -23.39 -1.84
N TYR A 215 -1.77 -24.36 -1.15
CA TYR A 215 -1.86 -24.45 0.31
C TYR A 215 -0.49 -24.64 0.93
N LYS A 216 -0.42 -24.52 2.25
CA LYS A 216 0.85 -24.73 2.94
C LYS A 216 1.37 -26.12 2.59
N PRO A 217 2.55 -26.18 1.94
CA PRO A 217 3.06 -27.43 1.37
C PRO A 217 3.05 -28.59 2.35
N GLY A 218 2.62 -29.76 1.86
CA GLY A 218 2.43 -30.92 2.72
C GLY A 218 0.96 -31.15 3.01
N ASN A 219 0.14 -30.11 2.84
CA ASN A 219 -1.30 -30.23 2.99
C ASN A 219 -1.87 -31.24 2.01
N VAL A 220 -1.55 -31.05 0.72
CA VAL A 220 -2.02 -31.93 -0.35
C VAL A 220 -1.16 -33.19 -0.47
N LYS A 221 -1.80 -34.35 -0.33
CA LYS A 221 -1.10 -35.64 -0.43
C LYS A 221 -1.37 -36.33 -1.78
N LEU A 222 -0.37 -36.34 -2.67
CA LEU A 222 -0.51 -36.99 -3.97
C LEU A 222 -0.06 -38.46 -3.91
N ARG A 223 -0.76 -39.32 -4.64
CA ARG A 223 -0.34 -40.72 -4.76
C ARG A 223 -0.27 -41.14 -6.22
N PRO A 224 0.83 -40.79 -6.91
CA PRO A 224 0.97 -41.09 -8.34
C PRO A 224 0.90 -42.59 -8.65
N ASP A 225 1.03 -43.43 -7.63
CA ASP A 225 1.03 -44.85 -7.86
C ASP A 225 -0.35 -45.32 -8.30
N ILE A 226 -1.39 -44.59 -7.92
CA ILE A 226 -2.74 -44.86 -8.43
C ILE A 226 -2.73 -44.86 -9.96
N LEU A 227 -1.99 -43.92 -10.54
CA LEU A 227 -1.88 -43.86 -12.00
C LEU A 227 -1.16 -45.07 -12.60
N ALA A 228 -0.06 -45.47 -11.96
CA ALA A 228 0.69 -46.65 -12.40
C ALA A 228 -0.22 -47.86 -12.43
N GLN A 229 -0.99 -48.03 -11.36
CA GLN A 229 -1.90 -49.17 -11.21
C GLN A 229 -3.02 -49.14 -12.25
N GLY A 230 -3.49 -47.95 -12.59
CA GLY A 230 -4.51 -47.80 -13.60
C GLY A 230 -4.04 -48.23 -14.97
N GLN A 231 -2.80 -47.91 -15.33
CA GLN A 231 -2.22 -48.33 -16.61
C GLN A 231 -2.05 -49.86 -16.65
N GLN A 232 -1.62 -50.44 -15.53
CA GLN A 232 -1.44 -51.90 -15.44
C GLN A 232 -2.77 -52.64 -15.60
N VAL A 233 -3.79 -52.18 -14.87
CA VAL A 233 -5.12 -52.78 -14.95
C VAL A 233 -5.67 -52.66 -16.37
N ALA A 234 -5.51 -51.49 -16.98
CA ALA A 234 -5.99 -51.25 -18.34
C ALA A 234 -5.21 -52.10 -19.34
N ALA A 235 -3.90 -52.11 -19.19
CA ALA A 235 -3.05 -52.95 -20.01
C ALA A 235 -3.49 -54.41 -19.90
N ALA A 236 -3.72 -54.90 -18.68
CA ALA A 236 -4.15 -56.29 -18.51
C ALA A 236 -5.50 -56.54 -19.20
N LYS A 237 -6.47 -55.64 -19.01
CA LYS A 237 -7.78 -55.79 -19.63
C LYS A 237 -7.69 -55.87 -21.15
N LEU A 238 -6.74 -55.11 -21.71
CA LEU A 238 -6.59 -55.02 -23.16
C LEU A 238 -5.61 -56.06 -23.68
N GLY A 239 -5.15 -56.95 -22.80
CA GLY A 239 -4.22 -57.98 -23.19
C GLY A 239 -2.95 -57.35 -23.75
N LEU A 240 -2.64 -56.13 -23.31
CA LEU A 240 -1.45 -55.44 -23.80
C LEU A 240 -0.28 -55.71 -22.89
N PRO A 241 0.93 -55.24 -23.27
CA PRO A 241 2.12 -55.31 -22.41
C PRO A 241 1.90 -54.80 -21.02
N ALA A 242 2.55 -55.45 -20.04
CA ALA A 242 2.47 -55.07 -18.64
C ALA A 242 2.91 -53.62 -18.46
N ASP A 243 3.88 -53.20 -19.26
CA ASP A 243 4.39 -51.84 -19.16
C ASP A 243 3.63 -50.87 -20.08
N ALA A 244 2.59 -51.37 -20.74
CA ALA A 244 1.82 -50.53 -21.65
C ALA A 244 1.19 -49.35 -20.89
N LYS A 245 0.87 -48.26 -21.60
CA LYS A 245 0.22 -47.10 -20.99
C LYS A 245 -1.01 -46.68 -21.81
N PRO A 246 -2.12 -47.43 -21.68
CA PRO A 246 -3.30 -47.20 -22.53
C PRO A 246 -3.96 -45.85 -22.28
N PHE A 247 -3.83 -45.31 -21.07
CA PHE A 247 -4.41 -44.01 -20.71
C PHE A 247 -3.45 -42.85 -20.96
N ASP A 248 -3.98 -41.74 -21.49
CA ASP A 248 -3.25 -40.47 -21.46
C ASP A 248 -3.82 -39.66 -20.32
N PHE A 249 -3.06 -39.52 -19.23
CA PHE A 249 -3.57 -38.86 -18.03
C PHE A 249 -3.46 -37.33 -18.04
N VAL A 250 -4.37 -36.71 -17.31
CA VAL A 250 -4.29 -35.29 -16.99
C VAL A 250 -4.15 -35.10 -15.47
N PHE A 251 -3.27 -34.19 -15.08
CA PHE A 251 -2.96 -33.90 -13.70
C PHE A 251 -3.64 -32.55 -13.41
N HIS A 252 -4.75 -32.57 -12.68
CA HIS A 252 -5.42 -31.34 -12.24
C HIS A 252 -4.78 -30.81 -10.97
N GLY A 253 -4.92 -29.50 -10.73
CA GLY A 253 -4.36 -28.92 -9.53
C GLY A 253 -2.85 -28.99 -9.55
N GLY A 254 -2.25 -28.44 -10.61
CA GLY A 254 -0.81 -28.48 -10.78
C GLY A 254 -0.05 -27.52 -9.89
N SER A 255 -0.64 -26.35 -9.64
CA SER A 255 0.00 -25.31 -8.85
C SER A 255 0.42 -25.83 -7.48
N GLY A 256 1.58 -25.38 -6.98
CA GLY A 256 2.04 -25.77 -5.67
C GLY A 256 2.51 -27.21 -5.56
N SER A 257 2.56 -27.93 -6.67
CA SER A 257 3.00 -29.34 -6.62
C SER A 257 4.52 -29.45 -6.48
N LEU A 258 4.97 -30.53 -5.86
CA LEU A 258 6.40 -30.80 -5.72
C LEU A 258 6.98 -31.29 -7.04
N LYS A 259 8.24 -30.96 -7.30
CA LYS A 259 8.90 -31.39 -8.52
C LYS A 259 9.00 -32.91 -8.60
N SER A 260 9.11 -33.57 -7.44
CA SER A 260 9.24 -35.03 -7.40
C SER A 260 7.90 -35.73 -7.61
N GLU A 261 6.81 -35.09 -7.17
CA GLU A 261 5.46 -35.55 -7.45
C GLU A 261 5.23 -35.54 -8.96
N ILE A 262 5.64 -34.44 -9.57
CA ILE A 262 5.45 -34.22 -11.01
C ILE A 262 6.22 -35.25 -11.83
N GLU A 263 7.51 -35.45 -11.50
CA GLU A 263 8.33 -36.41 -12.24
C GLU A 263 7.75 -37.82 -12.16
N GLU A 264 7.21 -38.17 -11.00
CA GLU A 264 6.61 -39.48 -10.86
C GLU A 264 5.34 -39.63 -11.70
N ALA A 265 4.48 -38.62 -11.71
CA ALA A 265 3.28 -38.64 -12.52
C ALA A 265 3.64 -38.73 -14.00
N LEU A 266 4.70 -38.07 -14.40
CA LEU A 266 5.15 -38.11 -15.80
C LEU A 266 5.51 -39.53 -16.17
N ARG A 267 6.10 -40.26 -15.23
CA ARG A 267 6.50 -41.62 -15.51
C ARG A 267 5.30 -42.51 -15.86
N TYR A 268 4.14 -42.20 -15.29
CA TYR A 268 2.93 -43.02 -15.45
C TYR A 268 1.97 -42.58 -16.56
N GLY A 269 2.39 -41.63 -17.38
CA GLY A 269 1.61 -41.29 -18.55
C GLY A 269 0.82 -39.99 -18.48
N VAL A 270 1.14 -39.13 -17.51
CA VAL A 270 0.55 -37.79 -17.52
C VAL A 270 1.12 -36.97 -18.69
N VAL A 271 0.24 -36.53 -19.59
CA VAL A 271 0.63 -35.69 -20.73
C VAL A 271 0.21 -34.22 -20.63
N LYS A 272 -0.56 -33.88 -19.60
CA LYS A 272 -1.13 -32.55 -19.49
C LYS A 272 -1.22 -32.23 -18.00
N MET A 273 -0.76 -31.05 -17.61
CA MET A 273 -0.88 -30.66 -16.22
C MET A 273 -1.46 -29.27 -16.16
N ASN A 274 -2.53 -29.12 -15.39
CA ASN A 274 -3.25 -27.86 -15.35
C ASN A 274 -2.64 -26.94 -14.33
N VAL A 275 -2.40 -25.70 -14.73
CA VAL A 275 -1.87 -24.70 -13.82
C VAL A 275 -2.77 -23.47 -13.89
N ASP A 276 -3.27 -23.03 -12.73
CA ASP A 276 -4.12 -21.84 -12.68
C ASP A 276 -3.67 -20.94 -11.53
N THR A 277 -3.71 -21.46 -10.31
CA THR A 277 -3.44 -20.65 -9.13
C THR A 277 -2.06 -20.01 -9.13
N ASP A 278 -1.02 -20.75 -9.48
CA ASP A 278 0.34 -20.20 -9.48
C ASP A 278 0.52 -19.13 -10.57
N THR A 279 -0.16 -19.28 -11.70
CA THR A 279 -0.08 -18.26 -12.75
C THR A 279 -0.94 -17.05 -12.38
N GLN A 280 -2.03 -17.28 -11.65
CA GLN A 280 -2.81 -16.18 -11.12
C GLN A 280 -1.98 -15.36 -10.16
N TYR A 281 -1.27 -16.03 -9.26
CA TYR A 281 -0.44 -15.30 -8.31
C TYR A 281 0.66 -14.54 -9.06
N ALA A 282 1.25 -15.18 -10.07
CA ALA A 282 2.35 -14.56 -10.81
C ALA A 282 1.87 -13.31 -11.56
N PHE A 283 0.63 -13.35 -12.04
CA PHE A 283 0.06 -12.24 -12.79
C PHE A 283 -0.16 -11.05 -11.86
N THR A 284 -0.77 -11.33 -10.72
CA THR A 284 -1.23 -10.31 -9.80
C THR A 284 -0.06 -9.70 -8.99
N ARG A 285 0.95 -10.50 -8.68
CA ARG A 285 2.00 -10.06 -7.74
C ARG A 285 2.67 -8.74 -8.12
N PRO A 286 3.12 -8.59 -9.39
CA PRO A 286 3.70 -7.29 -9.77
C PRO A 286 2.67 -6.15 -9.88
N ILE A 287 1.39 -6.47 -10.02
CA ILE A 287 0.38 -5.41 -10.02
C ILE A 287 0.26 -4.85 -8.61
N ALA A 288 0.13 -5.72 -7.62
CA ALA A 288 0.14 -5.25 -6.25
C ALA A 288 1.38 -4.42 -6.02
N GLY A 289 2.54 -4.89 -6.46
CA GLY A 289 3.79 -4.15 -6.24
C GLY A 289 3.78 -2.77 -6.92
N HIS A 290 3.29 -2.71 -8.15
CA HIS A 290 3.17 -1.45 -8.88
C HIS A 290 2.32 -0.45 -8.10
N MET A 291 1.15 -0.89 -7.61
CA MET A 291 0.22 0.00 -6.91
C MET A 291 0.86 0.58 -5.64
N PHE A 292 1.60 -0.25 -4.90
CA PHE A 292 2.19 0.20 -3.63
C PHE A 292 3.33 1.19 -3.90
N THR A 293 4.26 0.84 -4.76
CA THR A 293 5.39 1.71 -5.01
C THR A 293 4.98 3.02 -5.70
N ASN A 294 3.94 2.96 -6.51
CA ASN A 294 3.37 4.11 -7.27
C ASN A 294 2.13 4.72 -6.62
N TYR A 295 1.96 4.49 -5.32
CA TYR A 295 0.72 4.83 -4.64
C TYR A 295 0.27 6.27 -4.93
N ASP A 296 1.22 7.17 -5.09
CA ASP A 296 0.90 8.57 -5.21
C ASP A 296 0.80 9.00 -6.68
N GLY A 297 1.08 8.09 -7.61
CA GLY A 297 0.73 8.32 -8.99
C GLY A 297 -0.52 7.57 -9.46
N VAL A 298 -0.84 6.43 -8.85
CA VAL A 298 -2.05 5.71 -9.23
C VAL A 298 -3.26 6.26 -8.52
N LEU A 299 -3.04 6.94 -7.39
CA LEU A 299 -4.11 7.64 -6.69
C LEU A 299 -3.91 9.14 -6.86
N LYS A 300 -4.98 9.91 -6.88
CA LYS A 300 -4.86 11.36 -6.88
C LYS A 300 -4.81 11.81 -5.42
N VAL A 301 -3.63 12.23 -4.96
CA VAL A 301 -3.42 12.45 -3.52
C VAL A 301 -3.02 13.89 -3.20
N ASP A 302 -3.48 14.39 -2.06
CA ASP A 302 -3.13 15.74 -1.61
C ASP A 302 -3.33 16.79 -2.71
N GLY A 303 -4.47 16.73 -3.40
CA GLY A 303 -4.81 17.74 -4.40
C GLY A 303 -4.17 17.59 -5.78
N GLU A 304 -3.17 16.71 -5.91
CA GLU A 304 -2.55 16.39 -7.20
C GLU A 304 -3.47 15.51 -8.09
N VAL A 305 -3.19 15.48 -9.38
CA VAL A 305 -4.05 14.78 -10.33
C VAL A 305 -3.57 13.37 -10.68
N GLY A 306 -2.52 12.90 -10.01
CA GLY A 306 -2.00 11.56 -10.25
C GLY A 306 -1.01 11.60 -11.40
N VAL A 307 -0.47 10.44 -11.77
CA VAL A 307 0.54 10.39 -12.81
C VAL A 307 0.07 9.43 -13.89
N LYS A 308 -0.25 9.97 -15.06
CA LYS A 308 -0.87 9.16 -16.10
C LYS A 308 -0.02 7.96 -16.47
N LYS A 309 1.31 8.14 -16.45
CA LYS A 309 2.20 7.09 -16.88
C LYS A 309 2.04 5.84 -16.01
N VAL A 310 1.72 6.00 -14.73
CA VAL A 310 1.52 4.82 -13.89
C VAL A 310 0.07 4.35 -13.66
N TYR A 311 -0.94 5.16 -13.98
CA TYR A 311 -2.31 4.64 -13.88
C TYR A 311 -2.83 4.17 -15.23
N ASP A 312 -2.02 4.37 -16.27
CA ASP A 312 -2.23 3.73 -17.55
C ASP A 312 -2.12 2.21 -17.31
N PRO A 313 -3.23 1.46 -17.56
CA PRO A 313 -3.28 0.03 -17.24
C PRO A 313 -2.16 -0.78 -17.90
N ARG A 314 -1.68 -0.32 -19.05
CA ARG A 314 -0.59 -1.05 -19.70
C ARG A 314 0.67 -1.08 -18.83
N SER A 315 0.89 -0.04 -18.02
CA SER A 315 2.14 0.05 -17.26
C SER A 315 2.26 -1.16 -16.32
N TYR A 316 1.20 -1.44 -15.58
CA TYR A 316 1.24 -2.60 -14.69
C TYR A 316 0.85 -3.93 -15.37
N LEU A 317 -0.03 -3.90 -16.37
CA LEU A 317 -0.40 -5.14 -17.06
C LEU A 317 0.76 -5.76 -17.86
N LYS A 318 1.67 -4.95 -18.38
CA LYS A 318 2.86 -5.51 -19.05
C LYS A 318 3.71 -6.27 -18.03
N LYS A 319 3.77 -5.74 -16.81
CA LYS A 319 4.53 -6.37 -15.74
C LYS A 319 3.87 -7.69 -15.35
N ALA A 320 2.54 -7.71 -15.26
CA ALA A 320 1.77 -8.92 -14.95
C ALA A 320 1.99 -9.95 -16.03
N GLU A 321 1.96 -9.50 -17.28
CA GLU A 321 2.12 -10.41 -18.41
C GLU A 321 3.48 -11.11 -18.35
N ALA A 322 4.53 -10.31 -18.19
CA ALA A 322 5.91 -10.80 -18.16
C ALA A 322 6.08 -11.78 -17.01
N SER A 323 5.57 -11.40 -15.85
CA SER A 323 5.67 -12.27 -14.66
C SER A 323 4.92 -13.61 -14.86
N MET A 324 3.72 -13.56 -15.44
CA MET A 324 3.00 -14.78 -15.72
C MET A 324 3.74 -15.64 -16.75
N SER A 325 4.28 -15.05 -17.82
CA SER A 325 5.09 -15.80 -18.80
C SER A 325 6.26 -16.56 -18.15
N GLN A 326 6.94 -15.91 -17.23
CA GLN A 326 8.09 -16.50 -16.58
C GLN A 326 7.64 -17.71 -15.77
N ARG A 327 6.45 -17.66 -15.19
CA ARG A 327 5.95 -18.81 -14.44
C ARG A 327 5.56 -19.94 -15.40
N VAL A 328 5.10 -19.58 -16.59
CA VAL A 328 4.79 -20.59 -17.60
C VAL A 328 6.09 -21.26 -18.10
N VAL A 329 7.14 -20.49 -18.26
CA VAL A 329 8.42 -21.06 -18.69
C VAL A 329 8.87 -22.05 -17.63
N GLN A 330 8.71 -21.67 -16.36
CA GLN A 330 9.04 -22.61 -15.28
C GLN A 330 8.25 -23.93 -15.38
N ALA A 331 6.95 -23.83 -15.63
CA ALA A 331 6.13 -25.04 -15.81
C ALA A 331 6.63 -25.92 -16.96
N CYS A 332 7.03 -25.30 -18.07
CA CYS A 332 7.55 -26.07 -19.20
C CYS A 332 8.78 -26.86 -18.81
N ASN A 333 9.57 -26.28 -17.93
CA ASN A 333 10.74 -26.99 -17.46
C ASN A 333 10.40 -28.07 -16.42
N ASP A 334 9.46 -27.80 -15.52
CA ASP A 334 8.97 -28.80 -14.56
C ASP A 334 8.41 -30.05 -15.27
N LEU A 335 7.76 -29.83 -16.40
CA LEU A 335 7.09 -30.91 -17.14
C LEU A 335 7.94 -31.50 -18.25
N HIS A 336 9.15 -30.97 -18.42
CA HIS A 336 10.11 -31.46 -19.42
C HIS A 336 9.67 -31.29 -20.86
N CYS A 337 8.80 -30.34 -21.14
CA CYS A 337 8.42 -30.09 -22.53
C CYS A 337 9.23 -28.94 -23.10
N ALA A 338 10.01 -28.29 -22.25
CA ALA A 338 10.83 -27.15 -22.71
C ALA A 338 11.76 -27.61 -23.85
N GLY A 339 11.84 -26.83 -24.91
CA GLY A 339 12.69 -27.15 -26.04
C GLY A 339 12.16 -28.29 -26.92
N LYS A 340 10.97 -28.79 -26.63
CA LYS A 340 10.41 -29.91 -27.40
C LYS A 340 9.35 -29.60 -28.49
N SER A 341 9.12 -28.31 -28.79
CA SER A 341 8.12 -27.97 -29.81
C SER A 341 8.31 -28.76 -31.09
N LEU A 342 7.22 -29.32 -31.61
CA LEU A 342 7.26 -30.11 -32.85
C LEU A 342 7.77 -29.32 -34.06
N THR A 343 7.75 -27.99 -33.96
CA THR A 343 8.35 -27.15 -34.99
C THR A 343 9.86 -27.16 -34.86
N PRO B 2 -24.28 -4.91 -32.17
CA PRO B 2 -23.46 -5.40 -33.28
C PRO B 2 -22.32 -4.45 -33.58
N ILE B 3 -21.30 -4.94 -34.29
CA ILE B 3 -20.34 -4.05 -34.93
C ILE B 3 -21.12 -3.22 -35.94
N ALA B 4 -20.86 -1.92 -35.96
CA ALA B 4 -21.46 -1.01 -36.94
C ALA B 4 -21.01 -1.37 -38.35
N THR B 5 -21.97 -1.58 -39.25
CA THR B 5 -21.63 -1.68 -40.66
C THR B 5 -21.24 -0.28 -41.12
N PRO B 6 -20.53 -0.16 -42.25
CA PRO B 6 -20.22 1.17 -42.75
C PRO B 6 -21.46 2.06 -42.91
N GLU B 7 -22.56 1.49 -43.36
CA GLU B 7 -23.79 2.26 -43.53
C GLU B 7 -24.37 2.75 -42.18
N VAL B 8 -24.46 1.91 -41.16
CA VAL B 8 -24.97 2.47 -39.89
C VAL B 8 -23.97 3.43 -39.21
N TYR B 9 -22.68 3.25 -39.43
CA TYR B 9 -21.69 4.20 -38.89
C TYR B 9 -21.91 5.58 -39.56
N ALA B 10 -22.03 5.59 -40.88
CA ALA B 10 -22.39 6.83 -41.56
C ALA B 10 -23.70 7.41 -41.01
N GLU B 11 -24.67 6.56 -40.71
CA GLU B 11 -25.93 7.03 -40.17
C GLU B 11 -25.78 7.53 -38.74
N MET B 12 -25.02 6.81 -37.92
CA MET B 12 -24.76 7.24 -36.55
C MET B 12 -24.19 8.66 -36.59
N LEU B 13 -23.17 8.85 -37.42
CA LEU B 13 -22.48 10.14 -37.46
C LEU B 13 -23.41 11.20 -38.07
N GLY B 14 -24.19 10.78 -39.06
CA GLY B 14 -25.18 11.65 -39.68
C GLY B 14 -26.22 12.18 -38.71
N GLN B 15 -26.78 11.30 -37.90
CA GLN B 15 -27.82 11.71 -36.94
C GLN B 15 -27.21 12.50 -35.78
N ALA B 16 -26.01 12.14 -35.35
CA ALA B 16 -25.29 12.90 -34.34
C ALA B 16 -25.10 14.34 -34.83
N LYS B 17 -24.70 14.48 -36.08
CA LYS B 17 -24.45 15.80 -36.63
C LYS B 17 -25.74 16.62 -36.72
N GLN B 18 -26.82 15.98 -37.17
CA GLN B 18 -28.06 16.69 -37.38
C GLN B 18 -28.61 17.16 -36.05
N ASN B 19 -28.45 16.35 -35.02
CA ASN B 19 -29.01 16.62 -33.70
C ASN B 19 -28.06 17.19 -32.64
N SER B 20 -26.83 17.53 -33.03
CA SER B 20 -25.88 18.14 -32.12
C SER B 20 -25.57 17.24 -30.91
N TYR B 21 -25.29 15.97 -31.16
CA TYR B 21 -24.69 15.15 -30.12
C TYR B 21 -23.45 14.47 -30.69
N ALA B 22 -22.73 13.74 -29.87
CA ALA B 22 -21.48 13.16 -30.32
C ALA B 22 -21.23 11.85 -29.59
N PHE B 23 -20.41 10.99 -30.19
CA PHE B 23 -20.07 9.68 -29.59
C PHE B 23 -18.74 9.71 -28.85
N PRO B 24 -18.70 9.08 -27.67
CA PRO B 24 -17.41 8.83 -27.03
C PRO B 24 -16.60 7.85 -27.88
N ALA B 25 -15.32 8.14 -28.07
CA ALA B 25 -14.45 7.18 -28.71
C ALA B 25 -13.48 6.75 -27.63
N ILE B 26 -13.65 5.51 -27.16
CA ILE B 26 -12.95 5.06 -25.96
C ILE B 26 -11.72 4.26 -26.36
N ASN B 27 -10.53 4.72 -25.97
CA ASN B 27 -9.33 3.91 -26.20
C ASN B 27 -9.36 2.62 -25.38
N CYS B 28 -9.18 1.47 -26.04
CA CYS B 28 -9.12 0.17 -25.37
C CYS B 28 -7.84 -0.56 -25.77
N THR B 29 -7.27 -1.28 -24.80
CA THR B 29 -6.06 -2.08 -24.98
C THR B 29 -6.20 -3.60 -24.81
N SER B 30 -7.38 -4.09 -24.49
CA SER B 30 -7.49 -5.48 -24.04
C SER B 30 -8.92 -5.93 -24.05
N SER B 31 -9.13 -7.20 -23.76
CA SER B 31 -10.45 -7.78 -23.68
C SER B 31 -11.23 -7.08 -22.58
N GLU B 32 -10.62 -6.88 -21.41
CA GLU B 32 -11.35 -6.27 -20.30
C GLU B 32 -11.83 -4.84 -20.60
N THR B 33 -10.98 -4.03 -21.20
CA THR B 33 -11.36 -2.64 -21.51
C THR B 33 -12.36 -2.56 -22.66
N VAL B 34 -12.25 -3.43 -23.65
CA VAL B 34 -13.24 -3.48 -24.73
C VAL B 34 -14.60 -3.85 -24.11
N ASN B 35 -14.62 -4.87 -23.25
CA ASN B 35 -15.86 -5.24 -22.56
C ASN B 35 -16.45 -4.10 -21.74
N ALA B 36 -15.59 -3.35 -21.05
CA ALA B 36 -16.06 -2.25 -20.20
C ALA B 36 -16.70 -1.18 -21.06
N ALA B 37 -16.04 -0.89 -22.18
CA ALA B 37 -16.46 0.18 -23.06
C ALA B 37 -17.83 -0.15 -23.65
N ILE B 38 -18.00 -1.35 -24.18
CA ILE B 38 -19.27 -1.70 -24.82
C ILE B 38 -20.41 -1.78 -23.79
N LYS B 39 -20.11 -2.32 -22.61
CA LYS B 39 -21.09 -2.40 -21.52
C LYS B 39 -21.56 -1.01 -21.14
N GLY B 40 -20.63 -0.05 -21.18
CA GLY B 40 -20.94 1.33 -20.92
C GLY B 40 -21.91 1.86 -21.97
N PHE B 41 -21.56 1.70 -23.24
CA PHE B 41 -22.43 2.15 -24.33
C PHE B 41 -23.83 1.57 -24.10
N ALA B 42 -23.89 0.25 -23.89
CA ALA B 42 -25.16 -0.46 -23.75
C ALA B 42 -25.95 0.07 -22.55
N ASP B 43 -25.25 0.25 -21.43
CA ASP B 43 -25.86 0.81 -20.23
C ASP B 43 -26.44 2.21 -20.46
N ALA B 44 -25.80 2.98 -21.33
CA ALA B 44 -26.26 4.34 -21.61
C ALA B 44 -27.29 4.35 -22.74
N GLY B 45 -27.57 3.19 -23.31
CA GLY B 45 -28.50 3.10 -24.43
C GLY B 45 -27.96 3.82 -25.65
N SER B 46 -26.65 3.73 -25.86
CA SER B 46 -25.96 4.56 -26.84
C SER B 46 -25.19 3.71 -27.82
N ASP B 47 -25.00 4.21 -29.04
CA ASP B 47 -24.00 3.61 -29.90
C ASP B 47 -22.66 4.16 -29.43
N GLY B 48 -21.54 3.67 -29.97
CA GLY B 48 -20.26 4.13 -29.49
C GLY B 48 -19.13 3.73 -30.40
N ILE B 49 -17.95 4.27 -30.11
CA ILE B 49 -16.74 3.96 -30.86
C ILE B 49 -15.67 3.44 -29.88
N ILE B 50 -14.99 2.39 -30.31
CA ILE B 50 -13.88 1.84 -29.57
C ILE B 50 -12.66 2.03 -30.45
N GLN B 51 -11.58 2.57 -29.90
CA GLN B 51 -10.40 2.79 -30.72
C GLN B 51 -9.14 2.18 -30.13
N PHE B 52 -8.22 1.81 -31.00
CA PHE B 52 -6.91 1.27 -30.64
C PHE B 52 -5.81 2.21 -31.13
N SER B 53 -5.01 2.77 -30.22
CA SER B 53 -3.84 3.55 -30.62
C SER B 53 -2.74 2.63 -31.13
N THR B 54 -1.65 3.20 -31.61
CA THR B 54 -0.52 2.39 -32.07
C THR B 54 0.02 1.65 -30.84
N GLY B 55 0.12 2.36 -29.72
CA GLY B 55 0.60 1.75 -28.49
C GLY B 55 -0.35 0.69 -27.93
N GLY B 56 -1.65 0.99 -27.97
CA GLY B 56 -2.66 0.04 -27.53
C GLY B 56 -2.62 -1.25 -28.36
N ALA B 57 -2.53 -1.11 -29.68
CA ALA B 57 -2.44 -2.26 -30.59
C ALA B 57 -1.18 -3.08 -30.29
N GLU B 58 -0.05 -2.41 -30.10
CA GLU B 58 1.18 -3.14 -29.83
C GLU B 58 1.03 -3.94 -28.53
N PHE B 59 0.48 -3.30 -27.51
CA PHE B 59 0.23 -3.95 -26.22
C PHE B 59 -0.65 -5.17 -26.40
N GLY B 60 -1.71 -4.97 -27.18
CA GLY B 60 -2.67 -6.02 -27.48
C GLY B 60 -2.06 -7.22 -28.16
N SER B 61 -0.96 -7.04 -28.90
CA SER B 61 -0.34 -8.18 -29.62
C SER B 61 0.53 -9.02 -28.68
N GLY B 62 0.78 -8.51 -27.48
CA GLY B 62 1.55 -9.25 -26.48
C GLY B 62 3.04 -8.90 -26.54
N LEU B 63 3.72 -9.11 -25.42
CA LEU B 63 5.13 -8.77 -25.34
C LEU B 63 5.98 -9.62 -26.30
N GLY B 64 5.47 -10.81 -26.64
CA GLY B 64 6.23 -11.72 -27.48
C GLY B 64 6.04 -11.46 -28.97
N VAL B 65 5.26 -10.43 -29.30
CA VAL B 65 4.98 -10.08 -30.69
C VAL B 65 5.31 -8.61 -30.95
N LYS B 66 4.68 -7.72 -30.19
CA LYS B 66 4.88 -6.28 -30.35
C LYS B 66 4.68 -5.87 -31.80
N ASP B 67 3.54 -6.24 -32.35
CA ASP B 67 3.24 -5.88 -33.74
C ASP B 67 1.87 -5.21 -33.84
N MET B 68 1.86 -3.97 -34.31
CA MET B 68 0.62 -3.19 -34.32
C MET B 68 -0.51 -3.85 -35.09
N VAL B 69 -0.26 -4.32 -36.31
CA VAL B 69 -1.37 -4.86 -37.10
C VAL B 69 -1.99 -6.07 -36.40
N THR B 70 -1.14 -6.98 -35.93
CA THR B 70 -1.57 -8.19 -35.22
C THR B 70 -2.42 -7.85 -34.01
N GLY B 71 -1.95 -6.89 -33.24
CA GLY B 71 -2.68 -6.47 -32.05
C GLY B 71 -4.05 -5.94 -32.39
N ALA B 72 -4.10 -5.02 -33.36
CA ALA B 72 -5.36 -4.41 -33.78
C ALA B 72 -6.30 -5.49 -34.32
N VAL B 73 -5.77 -6.39 -35.14
CA VAL B 73 -6.63 -7.40 -35.74
C VAL B 73 -7.18 -8.36 -34.68
N ALA B 74 -6.33 -8.76 -33.75
CA ALA B 74 -6.78 -9.69 -32.70
C ALA B 74 -7.85 -9.06 -31.79
N LEU B 75 -7.63 -7.82 -31.37
CA LEU B 75 -8.62 -7.13 -30.56
C LEU B 75 -9.90 -6.91 -31.35
N ALA B 76 -9.76 -6.62 -32.63
CA ALA B 76 -10.94 -6.42 -33.46
C ALA B 76 -11.75 -7.71 -33.60
N GLU B 77 -11.08 -8.86 -33.77
CA GLU B 77 -11.81 -10.13 -33.91
C GLU B 77 -12.53 -10.49 -32.60
N PHE B 78 -11.88 -10.25 -31.47
CA PHE B 78 -12.52 -10.40 -30.16
C PHE B 78 -13.80 -9.54 -30.11
N THR B 79 -13.67 -8.30 -30.54
CA THR B 79 -14.75 -7.32 -30.38
C THR B 79 -15.93 -7.64 -31.27
N HIS B 80 -15.65 -8.17 -32.45
CA HIS B 80 -16.70 -8.62 -33.36
C HIS B 80 -17.58 -9.68 -32.72
N VAL B 81 -16.98 -10.63 -32.00
CA VAL B 81 -17.78 -11.66 -31.33
C VAL B 81 -18.60 -11.07 -30.19
N ILE B 82 -17.95 -10.28 -29.35
CA ILE B 82 -18.61 -9.64 -28.20
C ILE B 82 -19.76 -8.70 -28.63
N ALA B 83 -19.46 -7.77 -29.53
CA ALA B 83 -20.44 -6.76 -29.93
C ALA B 83 -21.74 -7.37 -30.49
N ALA B 84 -21.62 -8.56 -31.08
CA ALA B 84 -22.79 -9.23 -31.64
C ALA B 84 -23.84 -9.56 -30.58
N LYS B 85 -23.42 -9.60 -29.32
CA LYS B 85 -24.33 -9.88 -28.21
C LYS B 85 -25.01 -8.64 -27.61
N TYR B 86 -24.78 -7.48 -28.21
CA TYR B 86 -25.37 -6.25 -27.69
C TYR B 86 -26.25 -5.63 -28.75
N PRO B 87 -27.37 -4.99 -28.34
CA PRO B 87 -28.27 -4.33 -29.31
C PRO B 87 -27.67 -3.06 -29.90
N VAL B 88 -26.75 -2.42 -29.18
CA VAL B 88 -26.15 -1.16 -29.64
C VAL B 88 -25.08 -1.38 -30.72
N ASN B 89 -24.81 -0.34 -31.49
CA ASN B 89 -23.81 -0.38 -32.54
C ASN B 89 -22.46 0.15 -32.06
N VAL B 90 -21.42 -0.63 -32.32
CA VAL B 90 -20.09 -0.26 -31.90
C VAL B 90 -19.19 -0.18 -33.12
N ALA B 91 -18.63 0.99 -33.36
CA ALA B 91 -17.70 1.19 -34.46
C ALA B 91 -16.27 1.01 -33.96
N LEU B 92 -15.43 0.41 -34.81
CA LEU B 92 -14.03 0.21 -34.47
C LEU B 92 -13.19 1.20 -35.25
N HIS B 93 -12.30 1.87 -34.55
CA HIS B 93 -11.50 2.95 -35.10
C HIS B 93 -10.06 2.72 -34.67
N THR B 94 -9.10 3.13 -35.48
CA THR B 94 -7.71 3.20 -34.99
C THR B 94 -7.32 4.66 -34.80
N ASP B 95 -6.59 4.96 -33.72
CA ASP B 95 -6.25 6.33 -33.38
C ASP B 95 -4.88 6.74 -33.98
N HIS B 96 -4.57 8.04 -33.98
CA HIS B 96 -3.19 8.59 -34.05
C HIS B 96 -2.10 7.81 -34.78
N CYS B 97 -2.11 7.82 -36.10
CA CYS B 97 -1.02 7.17 -36.80
C CYS B 97 -0.19 8.20 -37.60
N PRO B 98 1.04 8.50 -37.12
CA PRO B 98 1.87 9.49 -37.81
C PRO B 98 2.48 8.88 -39.06
N LYS B 99 3.20 9.70 -39.81
CA LYS B 99 3.61 9.30 -41.15
C LYS B 99 4.50 8.06 -41.16
N ASP B 100 5.43 8.00 -40.21
CA ASP B 100 6.42 6.93 -40.14
C ASP B 100 5.79 5.59 -39.74
N LYS B 101 4.58 5.62 -39.19
CA LYS B 101 3.85 4.38 -38.90
C LYS B 101 2.76 3.97 -39.91
N LEU B 102 2.54 4.77 -40.95
CA LEU B 102 1.51 4.40 -41.93
C LEU B 102 1.75 3.03 -42.56
N ASP B 103 3.00 2.68 -42.81
CA ASP B 103 3.28 1.42 -43.53
C ASP B 103 3.19 0.21 -42.61
N SER B 104 3.30 0.45 -41.32
CA SER B 104 3.15 -0.63 -40.35
C SER B 104 1.80 -0.69 -39.62
N TYR B 105 0.89 0.25 -39.87
CA TYR B 105 -0.41 0.22 -39.19
C TYR B 105 -1.59 0.46 -40.15
N VAL B 106 -1.76 1.70 -40.59
CA VAL B 106 -2.98 2.06 -41.33
C VAL B 106 -3.03 1.41 -42.71
N ARG B 107 -1.95 1.52 -43.48
CA ARG B 107 -2.00 0.96 -44.83
C ARG B 107 -2.23 -0.57 -44.84
N PRO B 108 -1.43 -1.33 -44.07
CA PRO B 108 -1.71 -2.76 -43.97
C PRO B 108 -3.13 -3.07 -43.47
N LEU B 109 -3.67 -2.29 -42.55
CA LEU B 109 -5.03 -2.54 -42.08
C LEU B 109 -6.06 -2.20 -43.16
N LEU B 110 -5.77 -1.15 -43.93
CA LEU B 110 -6.67 -0.78 -45.03
C LEU B 110 -6.74 -1.94 -46.02
N ALA B 111 -5.59 -2.56 -46.29
CA ALA B 111 -5.55 -3.67 -47.24
C ALA B 111 -6.34 -4.87 -46.74
N ILE B 112 -6.20 -5.19 -45.44
CA ILE B 112 -7.00 -6.25 -44.86
C ILE B 112 -8.49 -6.01 -45.06
N SER B 113 -8.95 -4.79 -44.80
CA SER B 113 -10.35 -4.46 -44.98
C SER B 113 -10.74 -4.46 -46.45
N ALA B 114 -9.85 -3.98 -47.31
CA ALA B 114 -10.17 -3.91 -48.73
C ALA B 114 -10.41 -5.32 -49.28
N GLN B 115 -9.59 -6.27 -48.84
CA GLN B 115 -9.76 -7.68 -49.21
C GLN B 115 -11.13 -8.21 -48.76
N ARG B 116 -11.50 -7.94 -47.51
CA ARG B 116 -12.79 -8.41 -46.98
C ARG B 116 -13.94 -7.84 -47.80
N VAL B 117 -13.82 -6.58 -48.16
CA VAL B 117 -14.84 -5.86 -48.89
C VAL B 117 -14.93 -6.37 -50.33
N SER B 118 -13.79 -6.63 -50.95
CA SER B 118 -13.80 -7.11 -52.32
C SER B 118 -14.49 -8.48 -52.42
N LYS B 119 -14.50 -9.24 -51.33
CA LYS B 119 -15.22 -10.52 -51.31
C LYS B 119 -16.66 -10.36 -50.89
N GLY B 120 -17.10 -9.11 -50.70
CA GLY B 120 -18.48 -8.85 -50.38
C GLY B 120 -18.80 -8.84 -48.89
N GLY B 121 -17.76 -8.70 -48.04
CA GLY B 121 -17.97 -8.56 -46.61
C GLY B 121 -17.90 -7.11 -46.16
N ASN B 122 -17.69 -6.88 -44.87
CA ASN B 122 -17.59 -5.54 -44.31
C ASN B 122 -16.16 -5.30 -43.87
N PRO B 123 -15.73 -4.03 -43.79
CA PRO B 123 -14.35 -3.82 -43.36
C PRO B 123 -14.19 -4.24 -41.90
N LEU B 124 -12.97 -4.58 -41.50
CA LEU B 124 -12.75 -4.99 -40.10
C LEU B 124 -12.88 -3.79 -39.14
N PHE B 125 -12.33 -2.64 -39.55
CA PHE B 125 -12.49 -1.38 -38.82
C PHE B 125 -13.39 -0.46 -39.66
N GLN B 126 -14.14 0.42 -39.01
CA GLN B 126 -14.98 1.35 -39.76
C GLN B 126 -14.37 2.75 -39.95
N SER B 127 -13.27 3.05 -39.22
CA SER B 127 -12.47 4.24 -39.50
C SER B 127 -11.01 4.09 -39.07
N HIS B 128 -10.15 4.92 -39.66
CA HIS B 128 -8.73 4.93 -39.32
C HIS B 128 -8.29 6.38 -39.28
N MET B 129 -7.38 6.70 -38.38
CA MET B 129 -6.91 8.06 -38.27
C MET B 129 -5.53 8.22 -38.87
N TRP B 130 -5.38 9.19 -39.75
CA TRP B 130 -4.07 9.62 -40.23
C TRP B 130 -3.71 10.91 -39.51
N ASP B 131 -2.65 10.89 -38.70
CA ASP B 131 -2.29 12.11 -38.00
C ASP B 131 -1.09 12.78 -38.64
N GLY B 132 -1.35 13.83 -39.41
CA GLY B 132 -0.32 14.54 -40.13
C GLY B 132 -0.03 15.87 -39.47
N SER B 133 -0.43 16.01 -38.22
CA SER B 133 -0.27 17.28 -37.53
C SER B 133 1.20 17.69 -37.43
N ALA B 134 2.10 16.71 -37.54
CA ALA B 134 3.53 16.97 -37.40
C ALA B 134 4.25 17.24 -38.73
N VAL B 135 3.51 17.29 -39.83
CA VAL B 135 4.08 17.69 -41.12
C VAL B 135 3.37 18.95 -41.59
N PRO B 136 3.97 19.67 -42.56
CA PRO B 136 3.29 20.88 -43.06
C PRO B 136 1.94 20.50 -43.64
N ILE B 137 0.97 21.41 -43.59
CA ILE B 137 -0.41 21.09 -43.94
C ILE B 137 -0.55 20.59 -45.39
N ASP B 138 0.21 21.17 -46.30
CA ASP B 138 0.20 20.72 -47.69
C ASP B 138 0.63 19.27 -47.80
N GLU B 139 1.69 18.91 -47.11
CA GLU B 139 2.16 17.52 -47.14
C GLU B 139 1.12 16.62 -46.46
N ASN B 140 0.56 17.11 -45.36
CA ASN B 140 -0.55 16.45 -44.67
C ASN B 140 -1.69 16.11 -45.63
N LEU B 141 -2.15 17.12 -46.37
CA LEU B 141 -3.32 16.91 -47.20
C LEU B 141 -3.01 16.07 -48.45
N ALA B 142 -1.79 16.14 -48.97
CA ALA B 142 -1.39 15.30 -50.11
C ALA B 142 -1.42 13.81 -49.72
N ILE B 143 -0.95 13.51 -48.52
CA ILE B 143 -1.01 12.14 -48.02
C ILE B 143 -2.47 11.73 -47.76
N ALA B 144 -3.26 12.64 -47.20
CA ALA B 144 -4.66 12.38 -46.91
C ALA B 144 -5.45 12.05 -48.18
N GLN B 145 -5.18 12.75 -49.27
CA GLN B 145 -5.92 12.50 -50.49
C GLN B 145 -5.73 11.05 -50.94
N GLU B 146 -4.51 10.54 -50.84
CA GLU B 146 -4.24 9.18 -51.28
C GLU B 146 -4.86 8.15 -50.31
N LEU B 147 -4.75 8.42 -49.02
CA LEU B 147 -5.37 7.56 -48.03
C LEU B 147 -6.89 7.55 -48.19
N LEU B 148 -7.49 8.70 -48.52
CA LEU B 148 -8.96 8.81 -48.55
C LEU B 148 -9.53 7.94 -49.68
N LYS B 149 -8.85 7.95 -50.82
CA LYS B 149 -9.20 7.07 -51.93
C LYS B 149 -9.15 5.61 -51.49
N ALA B 150 -8.09 5.26 -50.78
CA ALA B 150 -7.92 3.90 -50.27
C ALA B 150 -8.95 3.59 -49.20
N ALA B 151 -9.23 4.56 -48.32
CA ALA B 151 -10.20 4.33 -47.26
C ALA B 151 -11.60 4.13 -47.86
N ALA B 152 -12.00 5.04 -48.74
CA ALA B 152 -13.34 4.99 -49.32
C ALA B 152 -13.57 3.69 -50.06
N ALA B 153 -12.51 3.17 -50.69
CA ALA B 153 -12.63 1.94 -51.48
C ALA B 153 -12.93 0.75 -50.55
N ALA B 154 -12.46 0.86 -49.31
CA ALA B 154 -12.68 -0.16 -48.31
C ALA B 154 -13.92 0.12 -47.45
N LYS B 155 -14.68 1.15 -47.80
CA LYS B 155 -15.88 1.55 -47.05
C LYS B 155 -15.50 1.99 -45.66
N ILE B 156 -14.38 2.70 -45.57
CA ILE B 156 -13.86 3.14 -44.29
C ILE B 156 -13.78 4.66 -44.23
N ILE B 157 -14.17 5.21 -43.09
CA ILE B 157 -14.08 6.66 -42.88
C ILE B 157 -12.69 7.03 -42.41
N LEU B 158 -12.06 7.98 -43.10
CA LEU B 158 -10.75 8.44 -42.69
C LEU B 158 -10.90 9.63 -41.76
N GLU B 159 -10.18 9.62 -40.66
CA GLU B 159 -10.11 10.81 -39.82
C GLU B 159 -8.74 11.44 -40.01
N ILE B 160 -8.71 12.77 -40.15
CA ILE B 160 -7.43 13.47 -40.34
C ILE B 160 -7.29 14.59 -39.31
N GLU B 161 -6.07 15.08 -39.11
CA GLU B 161 -5.86 16.13 -38.14
C GLU B 161 -5.10 17.28 -38.75
N ILE B 162 -5.64 18.48 -38.61
CA ILE B 162 -4.96 19.68 -39.05
C ILE B 162 -4.68 20.57 -37.84
N GLY B 163 -3.47 21.05 -37.72
CA GLY B 163 -3.05 21.73 -36.51
C GLY B 163 -2.56 20.68 -35.52
N VAL B 164 -2.63 20.93 -34.21
CA VAL B 164 -1.88 20.11 -33.28
C VAL B 164 -2.56 19.85 -31.91
N VAL B 165 -2.51 18.61 -31.44
CA VAL B 165 -3.01 18.27 -30.10
C VAL B 165 -1.85 18.31 -29.09
N GLY B 166 -1.99 19.17 -28.08
CA GLY B 166 -0.97 19.30 -27.07
C GLY B 166 -0.93 18.09 -26.15
N GLY B 167 0.10 18.04 -25.31
CA GLY B 167 0.27 16.95 -24.35
C GLY B 167 0.84 17.43 -23.03
N TYR B 181 -3.86 26.68 -32.33
CA TYR B 181 -5.27 26.75 -32.70
C TYR B 181 -5.45 26.91 -34.22
N THR B 182 -6.16 25.97 -34.84
CA THR B 182 -6.22 25.88 -36.32
C THR B 182 -6.61 27.15 -37.04
N SER B 183 -5.99 27.33 -38.19
CA SER B 183 -6.14 28.54 -38.99
C SER B 183 -7.38 28.49 -39.90
N PRO B 184 -7.86 29.66 -40.32
CA PRO B 184 -8.93 29.90 -41.31
C PRO B 184 -8.64 29.33 -42.69
N GLU B 185 -7.41 29.47 -43.16
CA GLU B 185 -7.09 29.03 -44.50
C GLU B 185 -6.82 27.53 -44.56
N ASP B 186 -6.46 26.95 -43.42
CA ASP B 186 -6.28 25.51 -43.33
C ASP B 186 -7.62 24.83 -43.58
N PHE B 187 -8.69 25.39 -43.02
CA PHE B 187 -10.02 24.90 -43.30
C PHE B 187 -10.31 24.95 -44.79
N GLU B 188 -9.93 26.05 -45.45
CA GLU B 188 -10.12 26.17 -46.90
C GLU B 188 -9.26 25.18 -47.68
N LYS B 189 -7.99 25.05 -47.31
CA LYS B 189 -7.11 24.07 -47.93
C LYS B 189 -7.67 22.66 -47.82
N THR B 190 -8.30 22.36 -46.68
CA THR B 190 -8.77 21.01 -46.45
C THR B 190 -9.93 20.69 -47.38
N ILE B 191 -10.86 21.63 -47.50
CA ILE B 191 -11.97 21.48 -48.44
C ILE B 191 -11.45 21.40 -49.88
N GLU B 192 -10.45 22.22 -50.19
CA GLU B 192 -9.82 22.22 -51.52
C GLU B 192 -9.29 20.85 -51.88
N ALA B 193 -8.56 20.26 -50.94
CA ALA B 193 -7.86 19.01 -51.18
C ALA B 193 -8.80 17.80 -51.13
N LEU B 194 -9.66 17.75 -50.12
CA LEU B 194 -10.48 16.57 -49.89
C LEU B 194 -11.95 16.66 -50.26
N GLY B 195 -12.42 17.85 -50.61
CA GLY B 195 -13.84 18.05 -50.77
C GLY B 195 -14.61 17.93 -49.45
N ALA B 196 -15.92 17.83 -49.58
CA ALA B 196 -16.87 17.79 -48.47
C ALA B 196 -17.47 16.41 -48.20
N GLY B 197 -16.81 15.36 -48.71
CA GLY B 197 -17.32 14.01 -48.56
C GLY B 197 -17.69 13.32 -49.86
N GLU B 198 -17.77 14.06 -50.96
CA GLU B 198 -18.06 13.46 -52.26
C GLU B 198 -16.94 12.51 -52.73
N HIS B 199 -15.72 12.77 -52.28
CA HIS B 199 -14.58 11.92 -52.60
C HIS B 199 -14.30 10.88 -51.52
N GLY B 200 -15.29 10.72 -50.65
CA GLY B 200 -15.24 9.83 -49.52
C GLY B 200 -15.35 10.63 -48.24
N LYS B 201 -16.00 10.03 -47.26
CA LYS B 201 -16.34 10.73 -46.03
C LYS B 201 -15.10 10.76 -45.19
N TYR B 202 -14.88 11.86 -44.48
CA TYR B 202 -13.77 11.94 -43.54
C TYR B 202 -14.17 12.79 -42.33
N LEU B 203 -13.53 12.52 -41.20
CA LEU B 203 -13.71 13.31 -39.99
C LEU B 203 -12.52 14.24 -39.85
N LEU B 204 -12.75 15.43 -39.32
CA LEU B 204 -11.71 16.42 -39.24
C LEU B 204 -11.39 16.74 -37.79
N ALA B 205 -10.17 16.46 -37.38
CA ALA B 205 -9.75 16.94 -36.08
C ALA B 205 -9.02 18.24 -36.32
N ALA B 206 -9.69 19.32 -35.97
CA ALA B 206 -9.11 20.65 -36.11
C ALA B 206 -8.72 21.02 -34.70
N THR B 207 -7.62 21.76 -34.57
CA THR B 207 -7.12 22.15 -33.26
C THR B 207 -7.63 23.50 -32.79
N PHE B 208 -8.48 23.45 -31.78
CA PHE B 208 -8.97 24.62 -31.10
C PHE B 208 -8.38 24.85 -29.68
N GLY B 209 -7.31 24.17 -29.30
CA GLY B 209 -6.77 24.21 -27.95
C GLY B 209 -6.79 22.91 -27.13
N ASN B 210 -7.16 21.81 -27.77
CA ASN B 210 -7.10 20.48 -27.18
C ASN B 210 -5.73 20.04 -26.67
N VAL B 211 -5.71 19.30 -25.56
CA VAL B 211 -4.50 18.69 -25.03
C VAL B 211 -4.79 17.29 -24.42
N HIS B 212 -3.97 16.28 -24.73
CA HIS B 212 -4.17 14.94 -24.19
C HIS B 212 -3.78 14.85 -22.71
N GLY B 213 -4.53 14.07 -21.93
CA GLY B 213 -4.25 13.87 -20.52
C GLY B 213 -5.13 14.74 -19.62
N VAL B 214 -5.07 14.52 -18.31
CA VAL B 214 -5.88 15.29 -17.38
C VAL B 214 -4.99 16.14 -16.47
N TYR B 215 -5.31 17.44 -16.38
CA TYR B 215 -4.47 18.39 -15.67
C TYR B 215 -5.31 19.19 -14.68
N LYS B 216 -4.66 20.11 -13.96
CA LYS B 216 -5.34 20.98 -13.02
C LYS B 216 -6.25 21.94 -13.77
N PRO B 217 -7.47 22.18 -13.25
CA PRO B 217 -8.45 22.98 -13.99
C PRO B 217 -7.98 24.40 -14.33
N GLY B 218 -8.20 24.80 -15.58
CA GLY B 218 -7.87 26.13 -16.05
C GLY B 218 -6.59 26.15 -16.87
N ASN B 219 -5.95 24.99 -16.97
CA ASN B 219 -4.68 24.86 -17.67
C ASN B 219 -4.86 24.77 -19.20
N VAL B 220 -5.93 24.12 -19.63
CA VAL B 220 -6.26 23.97 -21.04
C VAL B 220 -7.34 24.99 -21.44
N LYS B 221 -7.06 25.84 -22.42
CA LYS B 221 -8.01 26.87 -22.82
C LYS B 221 -8.49 26.67 -24.27
N LEU B 222 -9.74 26.24 -24.41
CA LEU B 222 -10.30 25.92 -25.72
C LEU B 222 -11.00 27.13 -26.33
N ARG B 223 -10.91 27.24 -27.65
CA ARG B 223 -11.68 28.22 -28.39
C ARG B 223 -12.55 27.48 -29.43
N PRO B 224 -13.65 26.88 -28.96
CA PRO B 224 -14.55 26.11 -29.81
C PRO B 224 -15.10 26.91 -30.98
N ASP B 225 -15.09 28.25 -30.88
CA ASP B 225 -15.61 29.09 -31.95
C ASP B 225 -14.79 29.00 -33.24
N ILE B 226 -13.54 28.56 -33.12
CA ILE B 226 -12.75 28.21 -34.30
C ILE B 226 -13.52 27.22 -35.19
N LEU B 227 -14.24 26.29 -34.57
CA LEU B 227 -14.97 25.28 -35.33
C LEU B 227 -16.17 25.89 -36.05
N ALA B 228 -16.85 26.83 -35.39
CA ALA B 228 -17.99 27.52 -36.00
C ALA B 228 -17.49 28.28 -37.22
N GLN B 229 -16.33 28.91 -37.08
CA GLN B 229 -15.72 29.66 -38.17
C GLN B 229 -15.27 28.76 -39.33
N GLY B 230 -14.74 27.58 -39.00
CA GLY B 230 -14.41 26.60 -40.03
C GLY B 230 -15.61 26.15 -40.82
N GLN B 231 -16.72 25.87 -40.14
CA GLN B 231 -17.95 25.46 -40.83
C GLN B 231 -18.48 26.59 -41.73
N GLN B 232 -18.49 27.82 -41.21
CA GLN B 232 -19.09 28.95 -41.93
C GLN B 232 -18.29 29.26 -43.19
N VAL B 233 -16.97 29.19 -43.03
CA VAL B 233 -16.01 29.47 -44.10
C VAL B 233 -16.06 28.43 -45.21
N ALA B 234 -16.17 27.16 -44.85
CA ALA B 234 -16.27 26.10 -45.84
C ALA B 234 -17.61 26.16 -46.56
N ALA B 235 -18.67 26.46 -45.81
CA ALA B 235 -19.99 26.60 -46.40
C ALA B 235 -19.96 27.67 -47.49
N ALA B 236 -19.30 28.78 -47.20
CA ALA B 236 -19.24 29.90 -48.15
C ALA B 236 -18.45 29.50 -49.39
N LYS B 237 -17.28 28.91 -49.19
CA LYS B 237 -16.46 28.46 -50.31
C LYS B 237 -17.19 27.41 -51.16
N LEU B 238 -18.13 26.69 -50.55
CA LEU B 238 -18.84 25.64 -51.28
C LEU B 238 -20.19 26.09 -51.86
N GLY B 239 -20.59 27.33 -51.61
CA GLY B 239 -21.87 27.84 -52.08
C GLY B 239 -23.08 27.30 -51.33
N LEU B 240 -22.86 26.81 -50.11
CA LEU B 240 -23.93 26.29 -49.27
C LEU B 240 -24.55 27.39 -48.38
N PRO B 241 -25.76 27.12 -47.86
CA PRO B 241 -26.35 28.03 -46.87
C PRO B 241 -25.39 28.23 -45.70
N ALA B 242 -25.50 29.36 -45.01
CA ALA B 242 -24.56 29.74 -43.95
C ALA B 242 -24.61 28.80 -42.75
N ASP B 243 -25.73 28.11 -42.56
CA ASP B 243 -25.86 27.20 -41.45
C ASP B 243 -25.50 25.75 -41.81
N ALA B 244 -25.00 25.54 -43.03
CA ALA B 244 -24.51 24.21 -43.40
C ALA B 244 -23.29 23.83 -42.54
N LYS B 245 -23.12 22.53 -42.34
CA LYS B 245 -21.96 22.01 -41.61
C LYS B 245 -21.27 20.96 -42.46
N PRO B 246 -20.43 21.43 -43.40
CA PRO B 246 -19.72 20.54 -44.32
C PRO B 246 -18.72 19.62 -43.59
N PHE B 247 -18.23 20.02 -42.42
CA PHE B 247 -17.27 19.24 -41.66
C PHE B 247 -17.89 18.40 -40.54
N ASP B 248 -17.38 17.18 -40.37
CA ASP B 248 -17.67 16.38 -39.16
C ASP B 248 -16.43 16.42 -38.26
N PHE B 249 -16.54 17.05 -37.10
CA PHE B 249 -15.38 17.33 -36.29
C PHE B 249 -15.13 16.26 -35.24
N VAL B 250 -13.86 16.06 -34.92
CA VAL B 250 -13.44 15.21 -33.81
C VAL B 250 -12.75 16.03 -32.72
N PHE B 251 -13.10 15.75 -31.47
CA PHE B 251 -12.59 16.52 -30.34
C PHE B 251 -11.57 15.66 -29.60
N HIS B 252 -10.28 15.96 -29.79
CA HIS B 252 -9.21 15.24 -29.08
C HIS B 252 -8.99 15.83 -27.70
N GLY B 253 -8.47 15.02 -26.78
CA GLY B 253 -8.30 15.46 -25.41
C GLY B 253 -9.64 15.71 -24.75
N GLY B 254 -10.47 14.67 -24.73
CA GLY B 254 -11.80 14.75 -24.14
C GLY B 254 -11.77 14.71 -22.62
N SER B 255 -10.97 13.81 -22.06
CA SER B 255 -10.92 13.61 -20.61
C SER B 255 -10.67 14.92 -19.87
N GLY B 256 -11.32 15.10 -18.73
CA GLY B 256 -11.19 16.34 -17.98
C GLY B 256 -11.48 17.57 -18.82
N SER B 257 -12.58 17.53 -19.58
CA SER B 257 -13.07 18.70 -20.31
C SER B 257 -14.34 19.22 -19.61
N LEU B 258 -14.57 20.53 -19.71
CA LEU B 258 -15.73 21.15 -19.06
C LEU B 258 -17.06 20.97 -19.79
N LYS B 259 -18.15 20.92 -19.03
CA LYS B 259 -19.49 20.77 -19.57
C LYS B 259 -19.81 21.80 -20.66
N SER B 260 -19.46 23.05 -20.43
CA SER B 260 -19.93 24.15 -21.29
C SER B 260 -19.12 24.32 -22.58
N GLU B 261 -17.92 23.74 -22.63
CA GLU B 261 -17.11 23.76 -23.83
C GLU B 261 -17.54 22.61 -24.75
N ILE B 262 -17.76 21.45 -24.14
CA ILE B 262 -18.28 20.29 -24.85
C ILE B 262 -19.61 20.63 -25.50
N GLU B 263 -20.52 21.24 -24.74
CA GLU B 263 -21.84 21.59 -25.25
C GLU B 263 -21.70 22.61 -26.37
N GLU B 264 -20.76 23.55 -26.22
CA GLU B 264 -20.51 24.50 -27.30
C GLU B 264 -19.97 23.79 -28.55
N ALA B 265 -18.98 22.93 -28.36
CA ALA B 265 -18.41 22.15 -29.46
C ALA B 265 -19.45 21.27 -30.17
N LEU B 266 -20.41 20.74 -29.42
CA LEU B 266 -21.44 19.88 -30.01
C LEU B 266 -22.32 20.68 -30.98
N ARG B 267 -22.53 21.96 -30.68
CA ARG B 267 -23.33 22.80 -31.56
C ARG B 267 -22.63 23.08 -32.89
N TYR B 268 -21.30 22.96 -32.92
CA TYR B 268 -20.52 23.30 -34.11
C TYR B 268 -20.18 22.10 -35.01
N GLY B 269 -20.75 20.94 -34.71
CA GLY B 269 -20.53 19.78 -35.56
C GLY B 269 -19.55 18.74 -35.03
N VAL B 270 -19.17 18.81 -33.76
CA VAL B 270 -18.36 17.70 -33.19
C VAL B 270 -19.22 16.46 -33.06
N VAL B 271 -18.86 15.39 -33.77
CA VAL B 271 -19.57 14.12 -33.68
C VAL B 271 -18.80 13.01 -32.94
N LYS B 272 -17.56 13.27 -32.60
CA LYS B 272 -16.72 12.27 -31.97
C LYS B 272 -15.81 12.93 -30.94
N MET B 273 -15.83 12.43 -29.72
CA MET B 273 -14.91 12.93 -28.70
C MET B 273 -14.07 11.81 -28.13
N ASN B 274 -12.76 11.94 -28.23
CA ASN B 274 -11.86 10.91 -27.73
C ASN B 274 -11.71 10.96 -26.23
N VAL B 275 -11.84 9.81 -25.58
CA VAL B 275 -11.67 9.73 -24.14
C VAL B 275 -10.70 8.60 -23.88
N ASP B 276 -9.61 8.92 -23.20
CA ASP B 276 -8.62 7.93 -22.83
C ASP B 276 -8.22 8.04 -21.36
N THR B 277 -7.64 9.17 -20.98
CA THR B 277 -7.07 9.34 -19.64
C THR B 277 -8.09 9.09 -18.52
N ASP B 278 -9.30 9.62 -18.64
CA ASP B 278 -10.31 9.47 -17.58
C ASP B 278 -10.76 8.01 -17.44
N THR B 279 -10.86 7.28 -18.54
CA THR B 279 -11.28 5.88 -18.43
C THR B 279 -10.15 5.00 -17.90
N GLN B 280 -8.90 5.37 -18.17
CA GLN B 280 -7.76 4.67 -17.57
C GLN B 280 -7.76 4.85 -16.07
N TYR B 281 -8.02 6.08 -15.62
CA TYR B 281 -8.03 6.32 -14.18
C TYR B 281 -9.16 5.51 -13.56
N ALA B 282 -10.32 5.57 -14.19
CA ALA B 282 -11.48 4.82 -13.71
C ALA B 282 -11.21 3.30 -13.64
N PHE B 283 -10.47 2.77 -14.62
CA PHE B 283 -10.14 1.35 -14.62
C PHE B 283 -9.19 1.01 -13.48
N THR B 284 -8.15 1.81 -13.33
CA THR B 284 -7.10 1.52 -12.37
C THR B 284 -7.50 1.76 -10.92
N ARG B 285 -8.32 2.78 -10.70
CA ARG B 285 -8.61 3.22 -9.35
C ARG B 285 -9.08 2.09 -8.41
N PRO B 286 -10.05 1.26 -8.84
CA PRO B 286 -10.49 0.14 -7.98
C PRO B 286 -9.46 -0.96 -7.84
N ILE B 287 -8.56 -1.11 -8.81
CA ILE B 287 -7.50 -2.11 -8.69
C ILE B 287 -6.57 -1.68 -7.58
N ALA B 288 -6.15 -0.42 -7.60
CA ALA B 288 -5.34 0.13 -6.52
C ALA B 288 -6.02 -0.14 -5.18
N GLY B 289 -7.29 0.24 -5.08
CA GLY B 289 -8.05 0.04 -3.84
C GLY B 289 -8.05 -1.41 -3.38
N HIS B 290 -8.31 -2.31 -4.33
CA HIS B 290 -8.28 -3.74 -4.06
C HIS B 290 -6.95 -4.19 -3.45
N MET B 291 -5.85 -3.76 -4.05
CA MET B 291 -4.53 -4.19 -3.59
C MET B 291 -4.24 -3.69 -2.17
N PHE B 292 -4.60 -2.44 -1.88
CA PHE B 292 -4.37 -1.88 -0.55
C PHE B 292 -5.22 -2.61 0.49
N THR B 293 -6.54 -2.69 0.27
CA THR B 293 -7.41 -3.25 1.30
C THR B 293 -7.14 -4.74 1.49
N ASN B 294 -6.75 -5.42 0.42
CA ASN B 294 -6.39 -6.84 0.42
C ASN B 294 -4.88 -7.17 0.52
N TYR B 295 -4.07 -6.22 0.98
CA TYR B 295 -2.61 -6.35 0.87
C TYR B 295 -2.09 -7.71 1.36
N ASP B 296 -2.71 -8.27 2.38
CA ASP B 296 -2.20 -9.50 2.97
C ASP B 296 -2.86 -10.74 2.36
N GLY B 297 -3.79 -10.53 1.40
CA GLY B 297 -4.27 -11.65 0.59
C GLY B 297 -3.65 -11.73 -0.79
N VAL B 298 -3.32 -10.58 -1.38
CA VAL B 298 -2.68 -10.57 -2.68
C VAL B 298 -1.18 -10.79 -2.55
N LEU B 299 -0.65 -10.59 -1.35
CA LEU B 299 0.76 -10.89 -1.08
C LEU B 299 0.82 -12.11 -0.16
N LYS B 300 1.86 -12.92 -0.29
CA LYS B 300 2.08 -14.01 0.64
C LYS B 300 2.93 -13.41 1.74
N VAL B 301 2.31 -13.20 2.88
CA VAL B 301 2.89 -12.40 3.96
C VAL B 301 3.08 -13.21 5.23
N ASP B 302 4.20 -12.96 5.92
CA ASP B 302 4.47 -13.57 7.21
C ASP B 302 4.30 -15.08 7.15
N GLY B 303 4.77 -15.69 6.06
CA GLY B 303 4.73 -17.14 5.88
C GLY B 303 3.36 -17.72 5.51
N GLU B 304 2.33 -16.89 5.37
CA GLU B 304 1.03 -17.32 4.85
C GLU B 304 1.04 -17.43 3.30
N VAL B 305 0.11 -18.19 2.72
CA VAL B 305 0.09 -18.40 1.26
C VAL B 305 -0.79 -17.43 0.47
N GLY B 306 -1.31 -16.40 1.10
CA GLY B 306 -2.14 -15.43 0.42
C GLY B 306 -3.57 -15.94 0.34
N VAL B 307 -4.44 -15.20 -0.34
CA VAL B 307 -5.83 -15.61 -0.45
C VAL B 307 -6.22 -15.62 -1.93
N LYS B 308 -6.44 -16.83 -2.45
CA LYS B 308 -6.70 -17.01 -3.87
C LYS B 308 -7.91 -16.20 -4.34
N LYS B 309 -8.94 -16.03 -3.52
CA LYS B 309 -10.12 -15.30 -4.00
C LYS B 309 -9.81 -13.81 -4.27
N VAL B 310 -8.81 -13.23 -3.62
CA VAL B 310 -8.41 -11.86 -3.95
C VAL B 310 -7.19 -11.70 -4.89
N TYR B 311 -6.40 -12.74 -5.11
CA TYR B 311 -5.32 -12.59 -6.10
C TYR B 311 -5.68 -13.17 -7.45
N ASP B 312 -6.82 -13.85 -7.51
CA ASP B 312 -7.46 -14.19 -8.78
C ASP B 312 -7.70 -12.90 -9.56
N PRO B 313 -7.07 -12.74 -10.73
CA PRO B 313 -7.21 -11.47 -11.45
C PRO B 313 -8.66 -11.05 -11.68
N ARG B 314 -9.59 -11.99 -11.83
CA ARG B 314 -10.98 -11.63 -12.07
C ARG B 314 -11.59 -10.80 -10.93
N SER B 315 -11.12 -11.02 -9.71
CA SER B 315 -11.72 -10.37 -8.55
C SER B 315 -11.58 -8.85 -8.64
N TYR B 316 -10.39 -8.37 -8.98
CA TYR B 316 -10.18 -6.94 -9.18
C TYR B 316 -10.49 -6.46 -10.59
N LEU B 317 -10.29 -7.31 -11.58
CA LEU B 317 -10.57 -6.86 -12.95
C LEU B 317 -12.05 -6.62 -13.19
N LYS B 318 -12.91 -7.33 -12.48
CA LYS B 318 -14.35 -7.09 -12.58
C LYS B 318 -14.69 -5.75 -12.01
N LYS B 319 -14.01 -5.35 -10.92
CA LYS B 319 -14.21 -4.00 -10.35
C LYS B 319 -13.70 -2.92 -11.29
N ALA B 320 -12.56 -3.18 -11.91
CA ALA B 320 -11.99 -2.24 -12.88
C ALA B 320 -12.94 -2.02 -14.05
N GLU B 321 -13.49 -3.12 -14.57
CA GLU B 321 -14.35 -3.07 -15.76
C GLU B 321 -15.64 -2.31 -15.44
N ALA B 322 -16.22 -2.59 -14.28
CA ALA B 322 -17.46 -1.93 -13.87
C ALA B 322 -17.23 -0.41 -13.71
N SER B 323 -16.08 -0.06 -13.16
CA SER B 323 -15.77 1.34 -12.89
C SER B 323 -15.55 2.06 -14.23
N MET B 324 -14.86 1.41 -15.16
CA MET B 324 -14.67 1.99 -16.48
C MET B 324 -16.02 2.15 -17.19
N SER B 325 -16.89 1.14 -17.11
CA SER B 325 -18.19 1.24 -17.76
C SER B 325 -18.98 2.43 -17.21
N GLN B 326 -18.92 2.65 -15.91
CA GLN B 326 -19.60 3.82 -15.34
C GLN B 326 -19.06 5.15 -15.89
N ARG B 327 -17.75 5.24 -16.11
CA ARG B 327 -17.18 6.46 -16.68
C ARG B 327 -17.60 6.66 -18.13
N VAL B 328 -17.72 5.54 -18.85
CA VAL B 328 -18.19 5.59 -20.23
C VAL B 328 -19.65 6.07 -20.25
N VAL B 329 -20.45 5.58 -19.31
CA VAL B 329 -21.84 6.04 -19.22
C VAL B 329 -21.85 7.54 -18.97
N GLN B 330 -20.96 8.03 -18.11
CA GLN B 330 -20.86 9.46 -17.88
C GLN B 330 -20.57 10.23 -19.18
N ALA B 331 -19.55 9.79 -19.92
CA ALA B 331 -19.21 10.42 -21.20
C ALA B 331 -20.40 10.43 -22.17
N CYS B 332 -21.16 9.34 -22.25
CA CYS B 332 -22.36 9.32 -23.08
C CYS B 332 -23.39 10.38 -22.65
N ASN B 333 -23.58 10.51 -21.34
CA ASN B 333 -24.46 11.55 -20.83
C ASN B 333 -23.95 12.96 -21.16
N ASP B 334 -22.65 13.19 -21.00
CA ASP B 334 -22.06 14.50 -21.31
C ASP B 334 -22.15 14.88 -22.79
N LEU B 335 -22.13 13.88 -23.67
CA LEU B 335 -22.13 14.12 -25.11
C LEU B 335 -23.54 14.02 -25.69
N HIS B 336 -24.50 13.69 -24.84
CA HIS B 336 -25.92 13.63 -25.22
C HIS B 336 -26.23 12.56 -26.25
N CYS B 337 -25.39 11.54 -26.35
CA CYS B 337 -25.73 10.42 -27.22
C CYS B 337 -26.43 9.32 -26.42
N ALA B 338 -26.45 9.49 -25.09
CA ALA B 338 -27.16 8.55 -24.23
C ALA B 338 -28.61 8.46 -24.66
N GLY B 339 -29.10 7.23 -24.77
CA GLY B 339 -30.47 6.97 -25.16
C GLY B 339 -30.71 7.07 -26.67
N LYS B 340 -29.68 7.42 -27.42
CA LYS B 340 -29.84 7.70 -28.85
C LYS B 340 -29.49 6.54 -29.79
N SER B 341 -29.24 5.35 -29.25
CA SER B 341 -28.83 4.24 -30.12
C SER B 341 -29.80 4.06 -31.28
N LEU B 342 -29.25 3.87 -32.46
CA LEU B 342 -30.07 3.74 -33.67
C LEU B 342 -30.98 2.54 -33.60
N THR B 343 -30.61 1.54 -32.82
CA THR B 343 -31.44 0.35 -32.68
C THR B 343 -32.84 0.73 -32.22
N PRO C 2 15.10 26.56 26.15
CA PRO C 2 14.73 26.01 27.45
C PRO C 2 13.23 25.96 27.64
N ILE C 3 12.75 25.31 28.71
CA ILE C 3 11.36 25.45 29.12
C ILE C 3 11.15 26.91 29.49
N ALA C 4 10.01 27.49 29.13
CA ALA C 4 9.75 28.87 29.51
C ALA C 4 9.55 28.95 31.02
N THR C 5 10.25 29.88 31.65
CA THR C 5 9.94 30.23 33.03
C THR C 5 8.60 30.95 33.05
N PRO C 6 7.94 31.00 34.21
CA PRO C 6 6.65 31.71 34.25
C PRO C 6 6.79 33.15 33.74
N GLU C 7 7.97 33.72 33.94
CA GLU C 7 8.22 35.13 33.65
C GLU C 7 8.48 35.35 32.17
N VAL C 8 9.25 34.45 31.56
CA VAL C 8 9.44 34.44 30.11
C VAL C 8 8.10 34.19 29.40
N TYR C 9 7.30 33.27 29.92
CA TYR C 9 6.01 32.96 29.31
C TYR C 9 5.14 34.21 29.33
N ALA C 10 5.07 34.83 30.50
CA ALA C 10 4.32 36.07 30.63
C ALA C 10 4.77 37.09 29.58
N GLU C 11 6.08 37.20 29.35
CA GLU C 11 6.60 38.17 28.40
C GLU C 11 6.30 37.74 26.96
N MET C 12 6.41 36.43 26.70
CA MET C 12 6.07 35.90 25.38
C MET C 12 4.69 36.38 24.97
N LEU C 13 3.73 36.20 25.88
CA LEU C 13 2.33 36.45 25.61
C LEU C 13 2.05 37.97 25.53
N GLY C 14 2.75 38.72 26.37
CA GLY C 14 2.63 40.18 26.34
C GLY C 14 3.13 40.78 25.04
N GLN C 15 4.32 40.36 24.60
CA GLN C 15 4.89 40.86 23.36
C GLN C 15 4.07 40.41 22.16
N ALA C 16 3.56 39.19 22.20
CA ALA C 16 2.62 38.70 21.19
C ALA C 16 1.43 39.65 21.04
N LYS C 17 0.82 40.02 22.17
CA LYS C 17 -0.38 40.85 22.14
C LYS C 17 -0.07 42.25 21.63
N GLN C 18 1.00 42.84 22.16
CA GLN C 18 1.43 44.18 21.77
C GLN C 18 1.69 44.25 20.26
N ASN C 19 2.29 43.20 19.71
CA ASN C 19 2.72 43.16 18.32
C ASN C 19 1.77 42.41 17.37
N SER C 20 0.64 41.97 17.90
CA SER C 20 -0.38 41.31 17.10
C SER C 20 0.12 40.05 16.40
N TYR C 21 0.87 39.21 17.10
CA TYR C 21 1.09 37.86 16.60
C TYR C 21 0.67 36.86 17.67
N ALA C 22 0.73 35.57 17.34
CA ALA C 22 0.30 34.53 18.26
C ALA C 22 1.20 33.30 18.18
N PHE C 23 1.14 32.45 19.20
CA PHE C 23 1.91 31.20 19.26
C PHE C 23 1.10 29.99 18.84
N PRO C 24 1.70 29.10 18.03
CA PRO C 24 1.02 27.82 17.84
C PRO C 24 1.12 27.04 19.14
N ALA C 25 0.04 26.37 19.53
CA ALA C 25 0.09 25.47 20.67
C ALA C 25 -0.14 24.09 20.06
N ILE C 26 0.92 23.32 20.00
CA ILE C 26 0.90 22.07 19.25
C ILE C 26 0.56 20.92 20.18
N ASN C 27 -0.50 20.21 19.87
CA ASN C 27 -0.81 18.99 20.60
C ASN C 27 0.22 17.87 20.35
N CYS C 28 0.74 17.29 21.44
CA CYS C 28 1.74 16.23 21.37
C CYS C 28 1.34 15.07 22.28
N THR C 29 1.56 13.86 21.79
CA THR C 29 1.25 12.62 22.46
C THR C 29 2.44 11.74 22.85
N SER C 30 3.66 12.14 22.52
CA SER C 30 4.79 11.20 22.62
C SER C 30 6.11 11.92 22.50
N SER C 31 7.21 11.18 22.67
CA SER C 31 8.53 11.79 22.54
C SER C 31 8.73 12.30 21.11
N GLU C 32 8.28 11.53 20.12
CA GLU C 32 8.52 11.95 18.73
C GLU C 32 7.78 13.25 18.38
N THR C 33 6.54 13.38 18.82
CA THR C 33 5.76 14.57 18.45
C THR C 33 6.27 15.77 19.24
N VAL C 34 6.68 15.55 20.49
CA VAL C 34 7.32 16.63 21.25
C VAL C 34 8.59 17.12 20.57
N ASN C 35 9.47 16.20 20.17
CA ASN C 35 10.67 16.58 19.44
C ASN C 35 10.37 17.30 18.13
N ALA C 36 9.36 16.82 17.42
CA ALA C 36 9.03 17.45 16.13
C ALA C 36 8.58 18.90 16.36
N ALA C 37 7.78 19.09 17.39
CA ALA C 37 7.23 20.41 17.68
C ALA C 37 8.32 21.39 18.08
N ILE C 38 9.20 21.02 18.99
CA ILE C 38 10.24 21.93 19.44
C ILE C 38 11.19 22.25 18.29
N LYS C 39 11.50 21.24 17.48
CA LYS C 39 12.39 21.45 16.32
C LYS C 39 11.76 22.42 15.33
N GLY C 40 10.43 22.34 15.21
CA GLY C 40 9.70 23.28 14.37
C GLY C 40 9.84 24.69 14.93
N PHE C 41 9.63 24.86 16.23
CA PHE C 41 9.78 26.19 16.82
C PHE C 41 11.21 26.70 16.57
N ALA C 42 12.20 25.86 16.83
CA ALA C 42 13.60 26.24 16.65
C ALA C 42 13.91 26.64 15.20
N ASP C 43 13.43 25.86 14.24
CA ASP C 43 13.66 26.12 12.83
C ASP C 43 13.05 27.45 12.39
N ALA C 44 11.92 27.80 13.02
CA ALA C 44 11.23 29.07 12.75
C ALA C 44 11.77 30.23 13.59
N GLY C 45 12.77 29.98 14.42
CA GLY C 45 13.30 31.02 15.29
C GLY C 45 12.22 31.62 16.17
N SER C 46 11.30 30.77 16.63
CA SER C 46 10.11 31.22 17.38
C SER C 46 10.08 30.55 18.75
N ASP C 47 9.39 31.15 19.72
CA ASP C 47 9.04 30.42 20.92
C ASP C 47 7.76 29.67 20.60
N GLY C 48 7.31 28.82 21.51
CA GLY C 48 6.17 27.98 21.19
C GLY C 48 5.54 27.34 22.41
N ILE C 49 4.36 26.78 22.19
CA ILE C 49 3.62 26.11 23.23
C ILE C 49 3.39 24.65 22.82
N ILE C 50 3.70 23.75 23.74
CA ILE C 50 3.36 22.35 23.57
C ILE C 50 2.22 22.03 24.52
N GLN C 51 1.21 21.31 24.05
CA GLN C 51 0.09 21.02 24.93
C GLN C 51 -0.32 19.56 24.91
N PHE C 52 -0.74 19.07 26.07
CA PHE C 52 -1.15 17.68 26.18
C PHE C 52 -2.64 17.68 26.50
N SER C 53 -3.43 17.01 25.67
CA SER C 53 -4.85 16.88 25.96
C SER C 53 -5.04 15.76 26.96
N THR C 54 -6.27 15.55 27.41
CA THR C 54 -6.50 14.46 28.36
C THR C 54 -6.28 13.14 27.66
N GLY C 55 -6.73 13.02 26.42
CA GLY C 55 -6.56 11.79 25.68
C GLY C 55 -5.11 11.60 25.25
N GLY C 56 -4.46 12.72 24.93
CA GLY C 56 -3.05 12.70 24.64
C GLY C 56 -2.25 12.17 25.82
N ALA C 57 -2.56 12.70 27.00
CA ALA C 57 -1.86 12.33 28.22
C ALA C 57 -2.07 10.85 28.53
N GLU C 58 -3.30 10.38 28.39
CA GLU C 58 -3.67 8.99 28.63
C GLU C 58 -2.85 8.07 27.71
N PHE C 59 -2.79 8.45 26.45
CA PHE C 59 -2.01 7.72 25.46
C PHE C 59 -0.52 7.68 25.84
N GLY C 60 0.01 8.81 26.28
CA GLY C 60 1.42 8.91 26.65
C GLY C 60 1.76 8.08 27.88
N SER C 61 0.77 7.78 28.70
CA SER C 61 0.99 6.98 29.92
C SER C 61 1.06 5.49 29.59
N GLY C 62 0.65 5.14 28.39
CA GLY C 62 0.71 3.78 27.92
C GLY C 62 -0.57 2.98 28.16
N LEU C 63 -0.75 1.93 27.36
CA LEU C 63 -1.92 1.07 27.46
C LEU C 63 -1.99 0.34 28.80
N GLY C 64 -0.84 0.13 29.43
CA GLY C 64 -0.79 -0.57 30.70
C GLY C 64 -1.18 0.28 31.88
N VAL C 65 -1.34 1.59 31.66
CA VAL C 65 -1.63 2.55 32.73
C VAL C 65 -2.93 3.30 32.43
N LYS C 66 -2.95 4.01 31.32
CA LYS C 66 -4.09 4.83 30.94
C LYS C 66 -4.43 5.81 32.04
N ASP C 67 -3.43 6.59 32.44
CA ASP C 67 -3.61 7.57 33.53
C ASP C 67 -3.15 8.94 33.08
N MET C 68 -4.06 9.91 33.08
CA MET C 68 -3.77 11.25 32.57
C MET C 68 -2.61 11.93 33.29
N VAL C 69 -2.65 12.00 34.62
CA VAL C 69 -1.60 12.71 35.33
C VAL C 69 -0.22 12.11 35.02
N THR C 70 -0.13 10.78 35.03
CA THR C 70 1.11 10.06 34.79
C THR C 70 1.65 10.42 33.40
N GLY C 71 0.77 10.35 32.41
CA GLY C 71 1.15 10.66 31.05
C GLY C 71 1.66 12.07 30.91
N ALA C 72 0.93 13.02 31.50
CA ALA C 72 1.29 14.42 31.37
C ALA C 72 2.62 14.67 32.07
N VAL C 73 2.77 14.13 33.27
CA VAL C 73 4.00 14.33 34.03
C VAL C 73 5.15 13.70 33.29
N ALA C 74 4.94 12.50 32.75
CA ALA C 74 6.04 11.78 32.10
C ALA C 74 6.49 12.52 30.85
N LEU C 75 5.55 13.00 30.05
CA LEU C 75 5.93 13.69 28.82
C LEU C 75 6.56 15.04 29.14
N ALA C 76 6.06 15.68 30.20
CA ALA C 76 6.62 16.95 30.63
C ALA C 76 8.08 16.79 31.11
N GLU C 77 8.36 15.72 31.84
CA GLU C 77 9.74 15.48 32.30
C GLU C 77 10.66 15.24 31.11
N PHE C 78 10.17 14.48 30.13
CA PHE C 78 10.92 14.29 28.89
C PHE C 78 11.19 15.66 28.26
N THR C 79 10.15 16.46 28.17
CA THR C 79 10.21 17.72 27.46
C THR C 79 11.17 18.68 28.16
N HIS C 80 11.22 18.61 29.48
CA HIS C 80 12.15 19.46 30.23
C HIS C 80 13.60 19.21 29.85
N VAL C 81 14.01 17.95 29.67
CA VAL C 81 15.38 17.63 29.29
C VAL C 81 15.67 18.10 27.87
N ILE C 82 14.75 17.79 26.96
CA ILE C 82 14.91 18.14 25.54
C ILE C 82 14.98 19.65 25.30
N ALA C 83 14.04 20.39 25.89
CA ALA C 83 13.92 21.81 25.63
C ALA C 83 15.17 22.56 26.08
N ALA C 84 15.86 22.03 27.08
CA ALA C 84 17.06 22.67 27.61
C ALA C 84 18.17 22.71 26.56
N LYS C 85 18.06 21.90 25.52
CA LYS C 85 19.07 21.89 24.47
C LYS C 85 18.73 22.83 23.31
N TYR C 86 17.63 23.57 23.39
CA TYR C 86 17.31 24.53 22.33
C TYR C 86 17.36 25.95 22.89
N PRO C 87 17.69 26.92 22.03
CA PRO C 87 17.74 28.33 22.45
C PRO C 87 16.35 28.95 22.67
N VAL C 88 15.35 28.44 21.97
CA VAL C 88 13.99 28.98 22.07
C VAL C 88 13.26 28.52 23.32
N ASN C 89 12.25 29.28 23.72
CA ASN C 89 11.49 29.01 24.92
C ASN C 89 10.24 28.20 24.61
N VAL C 90 10.00 27.16 25.39
CA VAL C 90 8.90 26.26 25.14
C VAL C 90 8.05 26.19 26.40
N ALA C 91 6.81 26.65 26.30
CA ALA C 91 5.86 26.54 27.39
C ALA C 91 5.04 25.25 27.28
N LEU C 92 4.81 24.60 28.41
CA LEU C 92 3.99 23.39 28.47
C LEU C 92 2.62 23.74 29.03
N HIS C 93 1.59 23.21 28.40
CA HIS C 93 0.21 23.58 28.70
C HIS C 93 -0.60 22.30 28.69
N THR C 94 -1.64 22.20 29.52
CA THR C 94 -2.58 21.09 29.37
C THR C 94 -3.88 21.60 28.77
N ASP C 95 -4.48 20.77 27.92
CA ASP C 95 -5.61 21.14 27.07
C ASP C 95 -6.93 20.82 27.78
N HIS C 96 -8.05 20.88 27.04
CA HIS C 96 -9.38 21.01 27.64
C HIS C 96 -9.58 20.03 28.79
N CYS C 97 -9.92 20.57 29.95
CA CYS C 97 -10.29 19.77 31.09
C CYS C 97 -11.70 20.11 31.57
N PRO C 98 -12.65 19.18 31.39
CA PRO C 98 -14.03 19.37 31.86
C PRO C 98 -14.09 19.30 33.39
N LYS C 99 -15.20 19.75 33.97
CA LYS C 99 -15.39 19.71 35.42
C LYS C 99 -15.16 18.33 36.03
N ASP C 100 -15.64 17.30 35.36
CA ASP C 100 -15.55 15.94 35.90
C ASP C 100 -14.12 15.40 35.89
N LYS C 101 -13.25 16.01 35.10
CA LYS C 101 -11.85 15.64 35.07
C LYS C 101 -10.91 16.56 35.87
N LEU C 102 -11.46 17.59 36.52
CA LEU C 102 -10.60 18.52 37.26
C LEU C 102 -9.83 17.81 38.36
N ASP C 103 -10.51 16.93 39.08
CA ASP C 103 -9.91 16.25 40.21
C ASP C 103 -8.93 15.15 39.80
N SER C 104 -9.06 14.62 38.59
CA SER C 104 -8.08 13.65 38.09
C SER C 104 -7.03 14.20 37.12
N TYR C 105 -7.09 15.49 36.77
CA TYR C 105 -6.09 16.05 35.86
C TYR C 105 -5.50 17.37 36.38
N VAL C 106 -6.28 18.44 36.31
CA VAL C 106 -5.74 19.78 36.55
C VAL C 106 -5.37 19.99 38.02
N ARG C 107 -6.28 19.66 38.92
CA ARG C 107 -6.00 19.83 40.34
C ARG C 107 -4.73 19.09 40.80
N PRO C 108 -4.64 17.77 40.56
CA PRO C 108 -3.40 17.06 40.94
C PRO C 108 -2.14 17.66 40.29
N LEU C 109 -2.27 18.15 39.06
CA LEU C 109 -1.14 18.75 38.38
C LEU C 109 -0.73 20.09 39.01
N LEU C 110 -1.71 20.89 39.43
CA LEU C 110 -1.42 22.16 40.09
C LEU C 110 -0.69 21.89 41.39
N ALA C 111 -1.08 20.82 42.07
CA ALA C 111 -0.48 20.49 43.35
C ALA C 111 0.99 20.12 43.15
N ILE C 112 1.28 19.41 42.06
CA ILE C 112 2.66 19.05 41.76
C ILE C 112 3.50 20.29 41.49
N SER C 113 2.96 21.23 40.71
CA SER C 113 3.67 22.48 40.49
C SER C 113 3.77 23.33 41.76
N ALA C 114 2.75 23.30 42.62
CA ALA C 114 2.77 24.12 43.84
C ALA C 114 3.89 23.68 44.78
N GLN C 115 4.12 22.38 44.86
CA GLN C 115 5.21 21.83 45.66
C GLN C 115 6.55 22.33 45.11
N ARG C 116 6.75 22.19 43.80
CA ARG C 116 7.98 22.64 43.18
C ARG C 116 8.23 24.12 43.45
N VAL C 117 7.18 24.93 43.39
CA VAL C 117 7.33 26.37 43.58
C VAL C 117 7.62 26.71 45.05
N SER C 118 7.17 25.88 45.99
CA SER C 118 7.45 26.10 47.42
C SER C 118 8.90 25.79 47.77
N LYS C 119 9.50 24.87 47.03
CA LYS C 119 10.88 24.45 47.28
C LYS C 119 11.83 25.35 46.49
N GLY C 120 11.29 26.41 45.91
CA GLY C 120 12.10 27.42 45.25
C GLY C 120 12.17 27.28 43.74
N GLY C 121 11.47 26.30 43.19
CA GLY C 121 11.57 25.99 41.78
C GLY C 121 10.45 26.57 40.93
N ASN C 122 10.50 26.28 39.63
CA ASN C 122 9.45 26.68 38.70
C ASN C 122 8.40 25.59 38.51
N PRO C 123 7.19 25.97 38.08
CA PRO C 123 6.13 24.97 37.89
C PRO C 123 6.49 23.98 36.78
N LEU C 124 5.97 22.75 36.87
CA LEU C 124 6.22 21.75 35.82
C LEU C 124 5.55 22.15 34.51
N PHE C 125 4.31 22.61 34.60
CA PHE C 125 3.57 23.15 33.46
C PHE C 125 3.43 24.65 33.64
N GLN C 126 3.46 25.42 32.54
CA GLN C 126 3.32 26.87 32.67
C GLN C 126 1.89 27.38 32.48
N SER C 127 0.99 26.55 31.96
CA SER C 127 -0.42 26.89 31.93
C SER C 127 -1.30 25.66 31.93
N HIS C 128 -2.52 25.80 32.45
CA HIS C 128 -3.48 24.70 32.48
C HIS C 128 -4.82 25.22 32.06
N MET C 129 -5.56 24.44 31.29
CA MET C 129 -6.86 24.90 30.85
C MET C 129 -7.96 24.29 31.70
N TRP C 130 -8.90 25.15 32.09
CA TRP C 130 -10.12 24.75 32.76
C TRP C 130 -11.23 25.04 31.77
N ASP C 131 -11.85 23.99 31.24
CA ASP C 131 -12.88 24.19 30.24
C ASP C 131 -14.25 23.98 30.89
N GLY C 132 -14.92 25.09 31.17
CA GLY C 132 -16.24 25.08 31.79
C GLY C 132 -17.33 25.47 30.82
N SER C 133 -17.03 25.35 29.53
CA SER C 133 -17.94 25.75 28.47
C SER C 133 -19.27 24.98 28.47
N ALA C 134 -19.33 23.85 29.17
CA ALA C 134 -20.58 23.09 29.23
C ALA C 134 -21.40 23.40 30.48
N VAL C 135 -20.92 24.34 31.30
CA VAL C 135 -21.69 24.78 32.46
C VAL C 135 -21.98 26.28 32.34
N PRO C 136 -23.03 26.74 33.04
CA PRO C 136 -23.40 28.16 33.00
C PRO C 136 -22.25 29.10 33.34
N ILE C 137 -22.24 30.27 32.71
CA ILE C 137 -21.13 31.20 32.84
C ILE C 137 -20.73 31.46 34.30
N ASP C 138 -21.71 31.60 35.19
CA ASP C 138 -21.43 31.95 36.58
C ASP C 138 -20.83 30.80 37.40
N GLU C 139 -21.34 29.59 37.22
CA GLU C 139 -20.70 28.41 37.82
C GLU C 139 -19.30 28.24 37.26
N ASN C 140 -19.18 28.50 35.97
CA ASN C 140 -17.91 28.42 35.26
C ASN C 140 -16.88 29.38 35.86
N LEU C 141 -17.31 30.63 36.10
CA LEU C 141 -16.42 31.65 36.61
C LEU C 141 -16.12 31.46 38.10
N ALA C 142 -17.09 30.93 38.84
CA ALA C 142 -16.87 30.62 40.26
C ALA C 142 -15.73 29.60 40.41
N ILE C 143 -15.79 28.51 39.65
CA ILE C 143 -14.70 27.53 39.64
C ILE C 143 -13.43 28.19 39.12
N ALA C 144 -13.56 28.94 38.03
CA ALA C 144 -12.41 29.66 37.49
C ALA C 144 -11.73 30.44 38.60
N GLN C 145 -12.52 31.05 39.47
CA GLN C 145 -11.96 31.91 40.51
C GLN C 145 -11.03 31.16 41.44
N GLU C 146 -11.48 30.00 41.92
CA GLU C 146 -10.66 29.23 42.85
C GLU C 146 -9.43 28.66 42.13
N LEU C 147 -9.62 28.19 40.90
CA LEU C 147 -8.48 27.69 40.13
C LEU C 147 -7.43 28.76 39.88
N LEU C 148 -7.86 29.96 39.48
CA LEU C 148 -6.93 31.04 39.17
C LEU C 148 -6.06 31.32 40.40
N LYS C 149 -6.69 31.35 41.57
CA LYS C 149 -5.97 31.58 42.81
C LYS C 149 -4.88 30.51 42.99
N ALA C 150 -5.27 29.25 42.81
CA ALA C 150 -4.32 28.14 42.93
C ALA C 150 -3.24 28.22 41.86
N ALA C 151 -3.62 28.59 40.64
CA ALA C 151 -2.68 28.70 39.53
C ALA C 151 -1.65 29.80 39.77
N ALA C 152 -2.11 30.99 40.15
CA ALA C 152 -1.21 32.11 40.35
C ALA C 152 -0.16 31.81 41.43
N ALA C 153 -0.57 31.07 42.45
CA ALA C 153 0.37 30.67 43.51
C ALA C 153 1.46 29.70 43.02
N ALA C 154 1.12 28.89 42.02
CA ALA C 154 2.09 28.00 41.43
C ALA C 154 2.79 28.66 40.24
N LYS C 155 2.49 29.94 40.01
CA LYS C 155 3.07 30.71 38.90
C LYS C 155 2.64 30.11 37.56
N ILE C 156 1.38 29.68 37.51
CA ILE C 156 0.82 29.06 36.33
C ILE C 156 -0.29 29.94 35.75
N ILE C 157 -0.29 30.12 34.43
CA ILE C 157 -1.38 30.83 33.81
C ILE C 157 -2.55 29.87 33.60
N LEU C 158 -3.74 30.28 34.00
CA LEU C 158 -4.95 29.51 33.74
C LEU C 158 -5.53 29.94 32.40
N GLU C 159 -6.04 28.99 31.61
CA GLU C 159 -6.84 29.31 30.43
C GLU C 159 -8.26 28.86 30.74
N ILE C 160 -9.24 29.67 30.35
CA ILE C 160 -10.63 29.33 30.61
C ILE C 160 -11.42 29.44 29.31
N GLU C 161 -12.56 28.75 29.26
CA GLU C 161 -13.38 28.75 28.05
C GLU C 161 -14.82 29.08 28.43
N ILE C 162 -15.32 30.17 27.86
CA ILE C 162 -16.70 30.55 28.12
C ILE C 162 -17.64 30.13 26.99
N GLY C 163 -17.09 29.46 25.98
CA GLY C 163 -17.89 29.08 24.82
C GLY C 163 -17.49 27.75 24.21
N VAL C 164 -18.38 27.22 23.39
CA VAL C 164 -18.27 25.87 22.85
C VAL C 164 -17.40 25.76 21.60
N VAL C 165 -16.44 24.84 21.63
CA VAL C 165 -15.71 24.45 20.43
C VAL C 165 -16.50 23.36 19.71
N GLY C 166 -16.44 23.37 18.38
CA GLY C 166 -17.12 22.35 17.60
C GLY C 166 -16.28 21.10 17.46
N GLY C 167 -16.80 20.11 16.75
CA GLY C 167 -16.09 18.87 16.52
C GLY C 167 -16.81 17.99 15.51
N TYR C 181 -23.15 33.07 20.37
CA TYR C 181 -21.94 33.85 20.59
C TYR C 181 -21.84 34.41 22.01
N THR C 182 -20.62 34.73 22.41
CA THR C 182 -20.34 35.16 23.78
C THR C 182 -20.89 36.57 23.91
N SER C 183 -21.73 36.78 24.92
CA SER C 183 -22.36 38.08 25.14
C SER C 183 -21.32 39.13 25.51
N PRO C 184 -21.58 40.38 25.14
CA PRO C 184 -20.84 41.52 25.68
C PRO C 184 -20.85 41.50 27.21
N GLU C 185 -21.88 40.89 27.78
CA GLU C 185 -22.02 40.78 29.24
C GLU C 185 -21.15 39.67 29.85
N ASP C 186 -20.95 38.60 29.10
CA ASP C 186 -20.13 37.48 29.54
C ASP C 186 -18.72 37.99 29.77
N PHE C 187 -18.29 38.87 28.87
CA PHE C 187 -16.98 39.50 28.99
C PHE C 187 -16.96 40.38 30.24
N GLU C 188 -18.08 41.05 30.51
CA GLU C 188 -18.19 41.86 31.73
C GLU C 188 -18.03 40.96 32.94
N LYS C 189 -18.81 39.88 32.95
CA LYS C 189 -18.81 38.92 34.05
C LYS C 189 -17.43 38.29 34.28
N THR C 190 -16.71 38.02 33.21
CA THR C 190 -15.37 37.46 33.31
C THR C 190 -14.43 38.48 33.95
N ILE C 191 -14.52 39.73 33.52
CA ILE C 191 -13.75 40.80 34.15
C ILE C 191 -14.12 40.94 35.63
N GLU C 192 -15.41 40.99 35.92
CA GLU C 192 -15.89 41.11 37.30
C GLU C 192 -15.30 40.02 38.17
N ALA C 193 -15.40 38.77 37.70
CA ALA C 193 -14.98 37.63 38.51
C ALA C 193 -13.46 37.46 38.56
N LEU C 194 -12.81 37.50 37.40
CA LEU C 194 -11.37 37.21 37.33
C LEU C 194 -10.44 38.41 37.24
N GLY C 195 -10.99 39.60 37.10
CA GLY C 195 -10.16 40.77 36.90
C GLY C 195 -9.46 40.74 35.56
N ALA C 196 -8.51 41.65 35.39
CA ALA C 196 -7.65 41.71 34.20
C ALA C 196 -6.21 41.18 34.35
N GLY C 197 -5.91 40.47 35.44
CA GLY C 197 -4.54 40.08 35.73
C GLY C 197 -3.92 40.61 37.02
N GLU C 198 -4.63 41.46 37.74
CA GLU C 198 -4.22 41.81 39.10
C GLU C 198 -4.26 40.56 40.00
N HIS C 199 -5.22 39.69 39.71
CA HIS C 199 -5.41 38.42 40.44
C HIS C 199 -4.66 37.27 39.78
N GLY C 200 -3.79 37.61 38.82
CA GLY C 200 -3.03 36.63 38.08
C GLY C 200 -3.49 36.55 36.65
N LYS C 201 -2.57 36.16 35.78
CA LYS C 201 -2.83 36.19 34.35
C LYS C 201 -3.68 35.00 33.98
N TYR C 202 -4.58 35.21 33.03
CA TYR C 202 -5.32 34.10 32.46
C TYR C 202 -5.52 34.32 30.97
N LEU C 203 -5.73 33.22 30.26
CA LEU C 203 -6.05 33.24 28.84
C LEU C 203 -7.53 32.93 28.69
N LEU C 204 -8.15 33.52 27.67
CA LEU C 204 -9.59 33.41 27.52
C LEU C 204 -9.95 32.90 26.11
N ALA C 205 -10.73 31.83 26.07
CA ALA C 205 -11.21 31.31 24.81
C ALA C 205 -12.70 31.58 24.73
N ALA C 206 -13.10 32.55 23.90
CA ALA C 206 -14.50 32.92 23.82
C ALA C 206 -15.19 32.11 22.73
N THR C 207 -16.50 32.27 22.61
CA THR C 207 -17.23 31.52 21.60
C THR C 207 -17.31 32.41 20.37
N PHE C 208 -16.61 32.04 19.30
CA PHE C 208 -16.97 32.58 18.02
C PHE C 208 -16.74 31.53 16.91
N GLY C 209 -17.81 30.91 16.42
CA GLY C 209 -17.75 30.16 15.16
C GLY C 209 -16.78 28.98 15.04
N ASN C 210 -15.93 28.74 16.03
CA ASN C 210 -14.77 27.84 15.81
C ASN C 210 -14.96 26.34 16.14
N VAL C 211 -14.34 25.47 15.34
CA VAL C 211 -14.59 24.02 15.36
C VAL C 211 -13.29 23.19 15.43
N HIS C 212 -13.26 22.11 16.21
CA HIS C 212 -12.13 21.17 16.20
C HIS C 212 -12.20 20.23 15.00
N GLY C 213 -11.17 20.23 14.16
CA GLY C 213 -11.10 19.29 13.03
C GLY C 213 -10.44 19.90 11.80
N VAL C 214 -10.47 19.19 10.68
CA VAL C 214 -10.17 19.79 9.37
C VAL C 214 -11.17 19.25 8.36
N TYR C 215 -11.96 20.14 7.77
CA TYR C 215 -13.05 19.73 6.89
C TYR C 215 -12.91 20.35 5.51
N LYS C 216 -13.90 20.11 4.66
CA LYS C 216 -13.85 20.61 3.30
C LYS C 216 -13.95 22.13 3.23
N PRO C 217 -13.30 22.74 2.22
CA PRO C 217 -13.21 24.21 2.17
C PRO C 217 -14.56 24.91 2.31
N GLY C 218 -14.59 26.01 3.06
CA GLY C 218 -15.77 26.82 3.22
C GLY C 218 -16.73 26.37 4.31
N ASN C 219 -16.36 25.34 5.07
CA ASN C 219 -17.29 24.74 6.03
C ASN C 219 -17.27 25.35 7.45
N VAL C 220 -16.27 26.17 7.77
CA VAL C 220 -16.18 26.72 9.13
C VAL C 220 -16.39 28.24 9.16
N LYS C 221 -17.52 28.65 9.74
CA LYS C 221 -17.93 30.04 9.76
C LYS C 221 -17.69 30.63 11.14
N LEU C 222 -17.02 31.78 11.20
CA LEU C 222 -16.84 32.47 12.47
C LEU C 222 -17.03 33.96 12.39
N ARG C 223 -16.90 34.61 13.54
CA ARG C 223 -17.27 36.00 13.72
C ARG C 223 -16.23 36.62 14.65
N PRO C 224 -15.02 36.87 14.13
CA PRO C 224 -13.88 37.48 14.84
C PRO C 224 -14.24 38.78 15.54
N ASP C 225 -15.21 39.50 15.00
CA ASP C 225 -15.61 40.77 15.58
C ASP C 225 -16.21 40.56 16.98
N ILE C 226 -16.59 39.33 17.30
CA ILE C 226 -16.98 39.01 18.66
C ILE C 226 -15.81 39.29 19.62
N LEU C 227 -14.61 38.92 19.20
CA LEU C 227 -13.41 39.17 20.00
C LEU C 227 -13.16 40.67 20.15
N ALA C 228 -13.24 41.42 19.05
CA ALA C 228 -13.11 42.87 19.09
C ALA C 228 -14.05 43.48 20.12
N GLN C 229 -15.31 43.04 20.08
CA GLN C 229 -16.31 43.54 21.03
C GLN C 229 -15.82 43.35 22.45
N GLY C 230 -15.41 42.12 22.76
CA GLY C 230 -14.92 41.78 24.07
C GLY C 230 -13.85 42.72 24.59
N GLN C 231 -12.86 43.02 23.75
CA GLN C 231 -11.78 43.92 24.15
C GLN C 231 -12.38 45.30 24.46
N GLN C 232 -13.30 45.74 23.61
CA GLN C 232 -13.93 47.06 23.78
C GLN C 232 -14.74 47.13 25.08
N VAL C 233 -15.56 46.11 25.32
CA VAL C 233 -16.37 46.04 26.54
C VAL C 233 -15.50 45.95 27.79
N ALA C 234 -14.39 45.21 27.69
CA ALA C 234 -13.51 45.05 28.84
C ALA C 234 -12.70 46.31 29.08
N ALA C 235 -12.35 47.02 28.01
CA ALA C 235 -11.60 48.25 28.14
C ALA C 235 -12.47 49.26 28.87
N ALA C 236 -13.73 49.36 28.46
CA ALA C 236 -14.72 50.21 29.12
C ALA C 236 -14.73 49.92 30.60
N LYS C 237 -15.12 48.69 30.92
CA LYS C 237 -15.26 48.24 32.30
C LYS C 237 -14.02 48.51 33.16
N LEU C 238 -12.85 48.56 32.53
CA LEU C 238 -11.60 48.80 33.26
C LEU C 238 -11.10 50.24 33.24
N GLY C 239 -11.83 51.15 32.59
CA GLY C 239 -11.43 52.55 32.53
C GLY C 239 -10.25 52.80 31.61
N LEU C 240 -10.14 51.99 30.55
CA LEU C 240 -8.99 52.01 29.67
C LEU C 240 -9.41 52.61 28.35
N PRO C 241 -8.44 53.12 27.57
CA PRO C 241 -8.72 53.62 26.21
C PRO C 241 -9.40 52.57 25.35
N ALA C 242 -10.17 53.01 24.35
CA ALA C 242 -11.05 52.14 23.58
C ALA C 242 -10.29 51.07 22.79
N ASP C 243 -9.02 51.37 22.50
CA ASP C 243 -8.20 50.50 21.67
C ASP C 243 -7.40 49.50 22.51
N ALA C 244 -7.57 49.52 23.82
CA ALA C 244 -6.83 48.60 24.69
C ALA C 244 -7.30 47.16 24.46
N LYS C 245 -6.45 46.21 24.83
CA LYS C 245 -6.78 44.81 24.66
C LYS C 245 -6.48 44.08 25.95
N PRO C 246 -7.41 44.15 26.91
CA PRO C 246 -7.21 43.58 28.25
C PRO C 246 -7.20 42.08 28.23
N PHE C 247 -7.86 41.49 27.23
CA PHE C 247 -7.94 40.03 27.11
C PHE C 247 -6.79 39.45 26.30
N ASP C 248 -6.27 38.32 26.75
CA ASP C 248 -5.41 37.46 25.93
C ASP C 248 -6.27 36.29 25.44
N PHE C 249 -6.57 36.27 24.14
CA PHE C 249 -7.52 35.31 23.58
C PHE C 249 -6.82 34.07 23.05
N VAL C 250 -7.51 32.95 23.15
CA VAL C 250 -7.04 31.70 22.58
C VAL C 250 -7.95 31.26 21.44
N PHE C 251 -7.35 30.80 20.35
CA PHE C 251 -8.12 30.37 19.19
C PHE C 251 -8.12 28.85 19.08
N HIS C 252 -9.27 28.23 19.34
CA HIS C 252 -9.43 26.78 19.19
C HIS C 252 -10.01 26.46 17.82
N GLY C 253 -9.62 25.31 17.27
CA GLY C 253 -10.02 24.96 15.92
C GLY C 253 -9.18 25.72 14.92
N GLY C 254 -7.86 25.66 15.13
CA GLY C 254 -6.91 26.34 14.27
C GLY C 254 -6.57 25.61 12.98
N SER C 255 -6.45 24.29 13.04
CA SER C 255 -6.12 23.51 11.84
C SER C 255 -7.13 23.80 10.73
N GLY C 256 -6.64 24.04 9.52
CA GLY C 256 -7.53 24.33 8.41
C GLY C 256 -8.24 25.67 8.54
N SER C 257 -7.47 26.74 8.75
CA SER C 257 -8.04 28.09 8.88
C SER C 257 -7.60 28.98 7.73
N LEU C 258 -8.46 29.92 7.35
CA LEU C 258 -8.13 30.86 6.27
C LEU C 258 -7.31 32.01 6.80
N LYS C 259 -6.37 32.45 5.97
CA LYS C 259 -5.50 33.56 6.31
C LYS C 259 -6.29 34.72 6.89
N SER C 260 -7.32 35.15 6.17
CA SER C 260 -8.04 36.38 6.53
C SER C 260 -8.77 36.33 7.87
N GLU C 261 -9.39 35.21 8.23
CA GLU C 261 -10.07 35.13 9.52
C GLU C 261 -9.05 35.15 10.64
N ILE C 262 -7.94 34.45 10.38
CA ILE C 262 -6.83 34.37 11.29
C ILE C 262 -6.18 35.73 11.54
N GLU C 263 -5.87 36.44 10.46
CA GLU C 263 -5.27 37.77 10.54
C GLU C 263 -6.12 38.69 11.41
N GLU C 264 -7.43 38.64 11.18
CA GLU C 264 -8.40 39.46 11.91
C GLU C 264 -8.36 39.07 13.40
N ALA C 265 -8.22 37.77 13.66
CA ALA C 265 -8.13 37.26 15.02
C ALA C 265 -6.87 37.79 15.73
N LEU C 266 -5.74 37.79 15.03
CA LEU C 266 -4.51 38.33 15.59
C LEU C 266 -4.68 39.79 16.03
N ARG C 267 -5.40 40.57 15.23
CA ARG C 267 -5.60 41.99 15.51
C ARG C 267 -6.47 42.21 16.76
N TYR C 268 -7.28 41.22 17.11
CA TYR C 268 -8.22 41.37 18.23
C TYR C 268 -7.70 40.77 19.54
N GLY C 269 -6.43 40.36 19.55
CA GLY C 269 -5.79 39.92 20.78
C GLY C 269 -5.61 38.42 20.95
N VAL C 270 -5.79 37.64 19.88
CA VAL C 270 -5.48 36.21 19.99
C VAL C 270 -3.97 36.02 20.10
N VAL C 271 -3.50 35.46 21.21
CA VAL C 271 -2.08 35.13 21.36
C VAL C 271 -1.72 33.65 21.30
N LYS C 272 -2.72 32.78 21.23
CA LYS C 272 -2.47 31.33 21.24
C LYS C 272 -3.45 30.73 20.28
N MET C 273 -2.95 29.92 19.34
CA MET C 273 -3.84 29.16 18.49
C MET C 273 -3.49 27.69 18.51
N ASN C 274 -4.47 26.87 18.84
CA ASN C 274 -4.26 25.43 19.02
C ASN C 274 -4.15 24.80 17.65
N VAL C 275 -3.18 23.90 17.50
CA VAL C 275 -3.04 23.13 16.27
C VAL C 275 -2.90 21.66 16.65
N ASP C 276 -3.75 20.83 16.08
CA ASP C 276 -3.66 19.39 16.31
C ASP C 276 -3.81 18.60 15.01
N THR C 277 -5.01 18.67 14.45
CA THR C 277 -5.34 17.87 13.26
C THR C 277 -4.33 18.03 12.12
N ASP C 278 -3.97 19.27 11.78
CA ASP C 278 -3.04 19.48 10.68
C ASP C 278 -1.65 18.89 10.95
N THR C 279 -1.21 18.94 12.21
CA THR C 279 0.09 18.35 12.54
C THR C 279 -0.01 16.83 12.61
N GLN C 280 -1.16 16.29 12.96
CA GLN C 280 -1.35 14.84 12.91
C GLN C 280 -1.22 14.38 11.47
N TYR C 281 -1.85 15.09 10.56
CA TYR C 281 -1.78 14.67 9.16
C TYR C 281 -0.33 14.72 8.67
N ALA C 282 0.41 15.75 9.09
CA ALA C 282 1.80 15.90 8.65
C ALA C 282 2.68 14.78 9.21
N PHE C 283 2.40 14.36 10.43
CA PHE C 283 3.16 13.27 11.05
C PHE C 283 2.90 11.95 10.29
N THR C 284 1.62 11.66 10.05
CA THR C 284 1.21 10.36 9.52
C THR C 284 1.52 10.22 8.03
N ARG C 285 1.48 11.33 7.31
CA ARG C 285 1.60 11.28 5.84
C ARG C 285 2.86 10.57 5.33
N PRO C 286 4.06 10.94 5.81
CA PRO C 286 5.23 10.22 5.30
C PRO C 286 5.36 8.78 5.82
N ILE C 287 4.71 8.45 6.94
CA ILE C 287 4.70 7.06 7.42
C ILE C 287 3.94 6.20 6.42
N ALA C 288 2.76 6.66 6.02
CA ALA C 288 1.96 5.97 5.02
C ALA C 288 2.80 5.77 3.77
N GLY C 289 3.42 6.86 3.31
CA GLY C 289 4.31 6.84 2.16
C GLY C 289 5.42 5.82 2.30
N HIS C 290 6.10 5.84 3.44
CA HIS C 290 7.17 4.87 3.68
C HIS C 290 6.66 3.42 3.58
N MET C 291 5.49 3.13 4.15
CA MET C 291 4.98 1.75 4.16
C MET C 291 4.65 1.27 2.74
N PHE C 292 4.04 2.14 1.95
CA PHE C 292 3.67 1.78 0.58
C PHE C 292 4.90 1.52 -0.28
N THR C 293 5.83 2.48 -0.31
CA THR C 293 6.99 2.36 -1.20
C THR C 293 7.94 1.25 -0.77
N ASN C 294 8.03 1.00 0.53
CA ASN C 294 8.85 -0.09 1.10
C ASN C 294 8.08 -1.36 1.44
N TYR C 295 6.89 -1.53 0.86
CA TYR C 295 5.99 -2.60 1.26
C TYR C 295 6.72 -3.94 1.41
N ASP C 296 7.64 -4.24 0.50
CA ASP C 296 8.25 -5.56 0.50
C ASP C 296 9.43 -5.61 1.47
N GLY C 297 9.79 -4.47 2.06
CA GLY C 297 10.74 -4.49 3.16
C GLY C 297 10.11 -4.45 4.54
N VAL C 298 8.95 -3.81 4.67
CA VAL C 298 8.31 -3.69 5.97
C VAL C 298 7.42 -4.90 6.23
N LEU C 299 7.11 -5.64 5.18
CA LEU C 299 6.41 -6.90 5.30
C LEU C 299 7.36 -8.00 4.89
N LYS C 300 7.21 -9.19 5.49
CA LYS C 300 7.96 -10.35 5.06
C LYS C 300 7.13 -11.02 4.00
N VAL C 301 7.60 -10.91 2.77
CA VAL C 301 6.82 -11.27 1.60
C VAL C 301 7.48 -12.41 0.82
N ASP C 302 6.66 -13.36 0.36
CA ASP C 302 7.11 -14.42 -0.53
C ASP C 302 8.27 -15.18 0.08
N GLY C 303 8.22 -15.38 1.40
CA GLY C 303 9.22 -16.18 2.09
C GLY C 303 10.49 -15.43 2.47
N GLU C 304 10.60 -14.15 2.11
CA GLU C 304 11.75 -13.37 2.53
C GLU C 304 11.57 -12.81 3.94
N VAL C 305 12.63 -12.26 4.52
CA VAL C 305 12.59 -11.85 5.94
C VAL C 305 12.35 -10.35 6.17
N GLY C 306 12.03 -9.62 5.12
CA GLY C 306 11.85 -8.19 5.25
C GLY C 306 13.21 -7.54 5.33
N VAL C 307 13.22 -6.23 5.48
CA VAL C 307 14.47 -5.49 5.44
C VAL C 307 14.54 -4.62 6.68
N LYS C 308 15.48 -4.96 7.56
CA LYS C 308 15.55 -4.36 8.87
C LYS C 308 15.63 -2.85 8.80
N LYS C 309 16.36 -2.33 7.81
CA LYS C 309 16.52 -0.88 7.72
C LYS C 309 15.20 -0.14 7.51
N VAL C 310 14.24 -0.79 6.86
CA VAL C 310 12.96 -0.10 6.67
C VAL C 310 11.88 -0.48 7.67
N TYR C 311 12.03 -1.56 8.42
CA TYR C 311 11.03 -1.80 9.47
C TYR C 311 11.50 -1.33 10.83
N ASP C 312 12.76 -0.88 10.89
CA ASP C 312 13.24 -0.14 12.06
C ASP C 312 12.33 1.08 12.26
N PRO C 313 11.67 1.16 13.41
CA PRO C 313 10.71 2.26 13.47
C PRO C 313 11.37 3.64 13.26
N ARG C 314 12.64 3.79 13.58
CA ARG C 314 13.30 5.08 13.40
C ARG C 314 13.27 5.55 11.95
N SER C 315 13.33 4.62 11.01
CA SER C 315 13.43 5.00 9.62
C SER C 315 12.21 5.84 9.19
N TYR C 316 11.01 5.40 9.51
CA TYR C 316 9.85 6.21 9.16
C TYR C 316 9.51 7.28 10.19
N LEU C 317 9.83 7.04 11.47
CA LEU C 317 9.49 8.02 12.48
C LEU C 317 10.34 9.28 12.35
N LYS C 318 11.56 9.14 11.84
CA LYS C 318 12.36 10.32 11.51
C LYS C 318 11.73 11.16 10.42
N LYS C 319 11.10 10.49 9.43
CA LYS C 319 10.42 11.22 8.35
C LYS C 319 9.17 11.93 8.87
N ALA C 320 8.44 11.26 9.74
CA ALA C 320 7.23 11.80 10.33
C ALA C 320 7.57 13.02 11.18
N GLU C 321 8.61 12.91 12.01
CA GLU C 321 9.04 14.03 12.83
C GLU C 321 9.39 15.25 11.97
N ALA C 322 10.18 15.04 10.91
CA ALA C 322 10.57 16.17 10.05
C ALA C 322 9.38 16.82 9.38
N SER C 323 8.40 15.99 9.01
CA SER C 323 7.23 16.46 8.29
C SER C 323 6.37 17.29 9.25
N MET C 324 6.21 16.81 10.46
CA MET C 324 5.49 17.58 11.46
C MET C 324 6.21 18.88 11.82
N SER C 325 7.54 18.85 11.90
CA SER C 325 8.30 20.06 12.22
C SER C 325 8.10 21.12 11.13
N GLN C 326 8.07 20.67 9.88
CA GLN C 326 7.80 21.61 8.78
C GLN C 326 6.43 22.25 8.88
N ARG C 327 5.44 21.48 9.29
CA ARG C 327 4.09 21.99 9.43
C ARG C 327 4.01 22.96 10.60
N VAL C 328 4.86 22.76 11.60
CA VAL C 328 4.90 23.65 12.73
C VAL C 328 5.53 24.98 12.31
N VAL C 329 6.57 24.90 11.48
CA VAL C 329 7.23 26.10 10.96
C VAL C 329 6.23 26.91 10.13
N GLN C 330 5.42 26.23 9.34
CA GLN C 330 4.35 26.91 8.59
C GLN C 330 3.37 27.62 9.52
N ALA C 331 2.93 26.96 10.59
CA ALA C 331 2.07 27.60 11.59
C ALA C 331 2.71 28.85 12.20
N CYS C 332 4.01 28.80 12.51
CA CYS C 332 4.68 29.96 13.10
C CYS C 332 4.70 31.13 12.13
N ASN C 333 4.87 30.84 10.85
CA ASN C 333 4.89 31.86 9.81
C ASN C 333 3.50 32.47 9.65
N ASP C 334 2.47 31.63 9.65
CA ASP C 334 1.09 32.10 9.55
C ASP C 334 0.64 32.95 10.74
N LEU C 335 1.19 32.65 11.91
CA LEU C 335 0.83 33.38 13.13
C LEU C 335 1.76 34.56 13.37
N HIS C 336 2.81 34.64 12.57
CA HIS C 336 3.83 35.68 12.66
C HIS C 336 4.64 35.69 13.96
N CYS C 337 4.80 34.54 14.61
CA CYS C 337 5.76 34.48 15.71
C CYS C 337 7.14 34.02 15.22
N ALA C 338 7.24 33.66 13.95
CA ALA C 338 8.51 33.20 13.41
C ALA C 338 9.55 34.32 13.47
N GLY C 339 10.74 33.97 13.94
CA GLY C 339 11.83 34.94 14.06
C GLY C 339 11.74 35.80 15.30
N LYS C 340 10.70 35.60 16.11
CA LYS C 340 10.48 36.42 17.30
C LYS C 340 10.85 35.87 18.68
N SER C 341 11.52 34.73 18.74
CA SER C 341 11.94 34.20 20.04
C SER C 341 12.61 35.29 20.86
N LEU C 342 12.27 35.35 22.14
CA LEU C 342 12.75 36.41 23.03
C LEU C 342 14.24 36.33 23.30
N THR C 343 14.82 35.16 23.10
CA THR C 343 16.25 34.99 23.31
C THR C 343 17.01 35.62 22.15
N PRO D 2 7.92 -0.51 39.48
CA PRO D 2 8.85 0.62 39.60
C PRO D 2 10.16 0.39 38.85
N ILE D 3 10.98 1.44 38.79
CA ILE D 3 12.36 1.29 38.34
C ILE D 3 13.11 0.45 39.37
N ALA D 4 13.93 -0.49 38.91
CA ALA D 4 14.69 -1.33 39.80
C ALA D 4 15.74 -0.48 40.53
N THR D 5 15.82 -0.62 41.85
CA THR D 5 16.92 -0.02 42.59
C THR D 5 18.14 -0.90 42.32
N PRO D 6 19.34 -0.39 42.63
CA PRO D 6 20.51 -1.26 42.39
C PRO D 6 20.40 -2.58 43.15
N GLU D 7 19.88 -2.52 44.37
CA GLU D 7 19.72 -3.74 45.19
C GLU D 7 18.73 -4.74 44.54
N VAL D 8 17.57 -4.29 44.07
CA VAL D 8 16.66 -5.26 43.46
C VAL D 8 17.18 -5.75 42.10
N TYR D 9 17.90 -4.90 41.36
CA TYR D 9 18.47 -5.33 40.08
C TYR D 9 19.51 -6.45 40.32
N ALA D 10 20.36 -6.28 41.34
CA ALA D 10 21.32 -7.32 41.69
C ALA D 10 20.57 -8.59 42.10
N GLU D 11 19.47 -8.43 42.83
CA GLU D 11 18.69 -9.59 43.25
C GLU D 11 17.99 -10.23 42.04
N MET D 12 17.45 -9.43 41.12
CA MET D 12 16.86 -9.97 39.89
C MET D 12 17.84 -10.89 39.18
N LEU D 13 19.05 -10.37 38.96
CA LEU D 13 20.04 -11.11 38.19
C LEU D 13 20.52 -12.33 38.98
N GLY D 14 20.65 -12.16 40.29
CA GLY D 14 21.05 -13.26 41.16
C GLY D 14 20.06 -14.42 41.19
N GLN D 15 18.78 -14.11 41.26
CA GLN D 15 17.77 -15.16 41.24
C GLN D 15 17.66 -15.81 39.86
N ALA D 16 17.78 -15.02 38.79
CA ALA D 16 17.76 -15.56 37.45
C ALA D 16 18.89 -16.59 37.27
N LYS D 17 20.06 -16.25 37.75
CA LYS D 17 21.20 -17.12 37.63
C LYS D 17 20.99 -18.43 38.41
N GLN D 18 20.52 -18.26 39.63
CA GLN D 18 20.30 -19.41 40.52
C GLN D 18 19.32 -20.39 39.89
N ASN D 19 18.29 -19.85 39.23
CA ASN D 19 17.22 -20.66 38.66
C ASN D 19 17.29 -20.91 37.14
N SER D 20 18.36 -20.47 36.51
CA SER D 20 18.55 -20.69 35.08
C SER D 20 17.41 -20.07 34.29
N TYR D 21 17.03 -18.85 34.62
CA TYR D 21 16.22 -18.11 33.65
C TYR D 21 16.94 -16.81 33.31
N ALA D 22 16.38 -16.02 32.42
CA ALA D 22 17.07 -14.81 31.96
C ALA D 22 16.03 -13.75 31.64
N PHE D 23 16.47 -12.50 31.61
CA PHE D 23 15.60 -11.37 31.24
C PHE D 23 15.80 -10.89 29.83
N PRO D 24 14.70 -10.70 29.09
CA PRO D 24 14.87 -10.01 27.82
C PRO D 24 15.24 -8.55 28.09
N ALA D 25 16.17 -8.04 27.32
CA ALA D 25 16.55 -6.65 27.43
C ALA D 25 16.06 -6.01 26.14
N ILE D 26 15.04 -5.16 26.22
CA ILE D 26 14.33 -4.67 25.02
C ILE D 26 14.84 -3.29 24.60
N ASN D 27 15.32 -3.20 23.37
CA ASN D 27 15.76 -1.91 22.84
C ASN D 27 14.56 -1.01 22.59
N CYS D 28 14.63 0.19 23.15
CA CYS D 28 13.55 1.17 23.05
C CYS D 28 14.13 2.49 22.55
N THR D 29 13.32 3.18 21.76
CA THR D 29 13.68 4.46 21.17
C THR D 29 12.78 5.65 21.47
N SER D 30 11.75 5.48 22.28
CA SER D 30 10.65 6.44 22.27
C SER D 30 9.70 6.15 23.38
N SER D 31 8.86 7.13 23.71
CA SER D 31 7.81 6.90 24.68
C SER D 31 6.93 5.66 24.35
N GLU D 32 6.54 5.48 23.10
CA GLU D 32 5.66 4.37 22.72
C GLU D 32 6.31 3.00 22.95
N THR D 33 7.58 2.87 22.60
CA THR D 33 8.29 1.61 22.70
C THR D 33 8.63 1.29 24.15
N VAL D 34 8.98 2.31 24.95
CA VAL D 34 9.18 2.07 26.38
C VAL D 34 7.87 1.57 26.98
N ASN D 35 6.76 2.24 26.66
CA ASN D 35 5.44 1.82 27.17
C ASN D 35 5.09 0.40 26.76
N ALA D 36 5.37 0.04 25.50
CA ALA D 36 5.12 -1.32 25.03
C ALA D 36 5.93 -2.32 25.84
N ALA D 37 7.21 -2.01 26.05
CA ALA D 37 8.12 -2.93 26.71
C ALA D 37 7.65 -3.19 28.14
N ILE D 38 7.36 -2.10 28.87
CA ILE D 38 6.98 -2.25 30.27
C ILE D 38 5.65 -3.02 30.42
N LYS D 39 4.69 -2.72 29.56
CA LYS D 39 3.41 -3.41 29.59
C LYS D 39 3.62 -4.90 29.30
N GLY D 40 4.55 -5.21 28.39
CA GLY D 40 4.90 -6.58 28.10
C GLY D 40 5.41 -7.31 29.33
N PHE D 41 6.33 -6.67 30.07
CA PHE D 41 6.86 -7.25 31.32
C PHE D 41 5.73 -7.45 32.31
N ALA D 42 4.91 -6.43 32.48
CA ALA D 42 3.80 -6.53 33.44
C ALA D 42 2.87 -7.67 33.06
N ASP D 43 2.53 -7.78 31.78
CA ASP D 43 1.61 -8.82 31.32
C ASP D 43 2.20 -10.21 31.49
N ALA D 44 3.52 -10.31 31.45
CA ALA D 44 4.21 -11.57 31.62
C ALA D 44 4.41 -11.87 33.10
N GLY D 45 4.00 -10.94 33.96
CA GLY D 45 4.25 -11.08 35.40
C GLY D 45 5.74 -11.16 35.72
N SER D 46 6.52 -10.37 34.98
CA SER D 46 7.97 -10.48 34.93
C SER D 46 8.62 -9.14 35.21
N ASP D 47 9.81 -9.17 35.81
CA ASP D 47 10.68 -8.00 35.81
C ASP D 47 11.35 -7.94 34.44
N GLY D 48 12.08 -6.88 34.16
CA GLY D 48 12.59 -6.72 32.80
C GLY D 48 13.64 -5.65 32.70
N ILE D 49 14.18 -5.49 31.51
CA ILE D 49 15.24 -4.54 31.25
C ILE D 49 14.88 -3.82 29.97
N ILE D 50 14.98 -2.51 30.03
CA ILE D 50 14.79 -1.66 28.87
C ILE D 50 16.16 -1.08 28.53
N GLN D 51 16.54 -1.11 27.25
CA GLN D 51 17.83 -0.55 26.89
C GLN D 51 17.77 0.46 25.76
N PHE D 52 18.67 1.45 25.84
CA PHE D 52 18.80 2.48 24.80
C PHE D 52 20.16 2.33 24.12
N SER D 53 20.17 2.17 22.79
CA SER D 53 21.44 2.09 22.07
C SER D 53 21.93 3.52 21.82
N THR D 54 23.13 3.68 21.27
CA THR D 54 23.61 5.02 20.99
C THR D 54 22.73 5.63 19.90
N GLY D 55 22.33 4.81 18.94
CA GLY D 55 21.50 5.28 17.83
C GLY D 55 20.12 5.61 18.36
N GLY D 56 19.64 4.78 19.28
CA GLY D 56 18.31 4.96 19.85
C GLY D 56 18.23 6.20 20.72
N ALA D 57 19.29 6.45 21.51
CA ALA D 57 19.38 7.68 22.31
C ALA D 57 19.46 8.92 21.42
N GLU D 58 20.26 8.85 20.36
CA GLU D 58 20.34 9.98 19.45
C GLU D 58 18.97 10.27 18.81
N PHE D 59 18.27 9.22 18.41
CA PHE D 59 16.92 9.38 17.85
C PHE D 59 16.00 10.00 18.89
N GLY D 60 16.11 9.54 20.13
CA GLY D 60 15.27 10.03 21.21
C GLY D 60 15.49 11.50 21.53
N SER D 61 16.69 12.01 21.26
CA SER D 61 16.98 13.43 21.50
C SER D 61 16.32 14.32 20.44
N GLY D 62 15.94 13.74 19.30
CA GLY D 62 15.24 14.49 18.26
C GLY D 62 16.17 14.94 17.15
N LEU D 63 15.64 15.17 15.95
CA LEU D 63 16.47 15.61 14.83
C LEU D 63 17.15 16.95 15.12
N GLY D 64 16.54 17.77 15.97
CA GLY D 64 17.09 19.08 16.26
C GLY D 64 18.16 19.13 17.35
N VAL D 65 18.49 17.98 17.90
CA VAL D 65 19.47 17.87 18.98
C VAL D 65 20.54 16.87 18.57
N LYS D 66 20.11 15.63 18.30
CA LYS D 66 21.01 14.55 17.89
C LYS D 66 22.17 14.38 18.87
N ASP D 67 21.84 14.24 20.15
CA ASP D 67 22.82 14.08 21.22
C ASP D 67 22.46 12.91 22.11
N MET D 68 23.37 11.95 22.22
CA MET D 68 23.05 10.70 22.89
C MET D 68 22.71 10.93 24.35
N VAL D 69 23.55 11.69 25.05
CA VAL D 69 23.34 11.85 26.48
C VAL D 69 21.94 12.42 26.71
N THR D 70 21.57 13.45 25.95
CA THR D 70 20.26 14.10 26.10
C THR D 70 19.10 13.15 25.83
N GLY D 71 19.23 12.35 24.77
CA GLY D 71 18.19 11.41 24.42
C GLY D 71 18.05 10.37 25.51
N ALA D 72 19.17 9.82 25.95
CA ALA D 72 19.20 8.81 27.00
C ALA D 72 18.55 9.36 28.27
N VAL D 73 18.92 10.56 28.66
CA VAL D 73 18.47 11.13 29.92
C VAL D 73 16.98 11.45 29.84
N ALA D 74 16.55 12.00 28.70
CA ALA D 74 15.16 12.34 28.49
C ALA D 74 14.29 11.08 28.55
N LEU D 75 14.68 10.04 27.84
CA LEU D 75 13.90 8.81 27.82
C LEU D 75 13.93 8.14 29.19
N ALA D 76 15.06 8.26 29.91
CA ALA D 76 15.17 7.72 31.27
C ALA D 76 14.20 8.44 32.24
N GLU D 77 14.13 9.76 32.18
CA GLU D 77 13.23 10.50 33.08
C GLU D 77 11.76 10.19 32.80
N PHE D 78 11.42 10.03 31.52
CA PHE D 78 10.09 9.59 31.12
C PHE D 78 9.82 8.21 31.72
N THR D 79 10.80 7.32 31.62
CA THR D 79 10.58 5.95 32.06
C THR D 79 10.41 5.87 33.57
N HIS D 80 11.12 6.72 34.32
CA HIS D 80 11.00 6.68 35.78
C HIS D 80 9.58 7.00 36.25
N VAL D 81 8.92 7.92 35.56
CA VAL D 81 7.54 8.27 35.91
C VAL D 81 6.59 7.15 35.56
N ILE D 82 6.74 6.58 34.36
CA ILE D 82 5.88 5.50 33.91
C ILE D 82 6.00 4.24 34.76
N ALA D 83 7.24 3.82 35.03
CA ALA D 83 7.51 2.56 35.73
C ALA D 83 6.97 2.57 37.15
N ALA D 84 6.90 3.75 37.75
CA ALA D 84 6.35 3.90 39.10
C ALA D 84 4.90 3.42 39.21
N LYS D 85 4.20 3.34 38.09
CA LYS D 85 2.80 2.88 38.08
C LYS D 85 2.64 1.38 37.82
N TYR D 86 3.74 0.66 37.72
CA TYR D 86 3.69 -0.79 37.54
C TYR D 86 4.26 -1.51 38.76
N PRO D 87 3.73 -2.70 39.09
CA PRO D 87 4.24 -3.50 40.21
C PRO D 87 5.54 -4.25 39.93
N VAL D 88 5.92 -4.42 38.67
CA VAL D 88 7.12 -5.22 38.38
C VAL D 88 8.33 -4.32 38.36
N ASN D 89 9.53 -4.88 38.27
CA ASN D 89 10.71 -4.04 38.30
C ASN D 89 11.34 -3.93 36.94
N VAL D 90 11.66 -2.71 36.55
CA VAL D 90 12.28 -2.45 35.27
C VAL D 90 13.61 -1.73 35.46
N ALA D 91 14.67 -2.35 34.96
CA ALA D 91 16.00 -1.75 35.00
C ALA D 91 16.30 -1.07 33.68
N LEU D 92 16.97 0.06 33.75
CA LEU D 92 17.33 0.78 32.52
C LEU D 92 18.81 0.54 32.23
N HIS D 93 19.10 0.26 30.97
CA HIS D 93 20.42 -0.18 30.55
C HIS D 93 20.80 0.64 29.32
N THR D 94 22.09 0.90 29.11
CA THR D 94 22.51 1.44 27.81
C THR D 94 23.29 0.38 27.05
N ASP D 95 23.07 0.32 25.74
CA ASP D 95 23.61 -0.74 24.88
C ASP D 95 24.97 -0.34 24.27
N HIS D 96 25.47 -1.10 23.28
CA HIS D 96 26.90 -1.09 22.95
C HIS D 96 27.47 0.32 22.91
N CYS D 97 28.49 0.59 23.71
CA CYS D 97 29.22 1.84 23.57
C CYS D 97 30.67 1.56 23.26
N PRO D 98 31.12 1.86 22.03
CA PRO D 98 32.53 1.59 21.68
C PRO D 98 33.46 2.72 22.13
N LYS D 99 34.76 2.56 21.88
CA LYS D 99 35.78 3.49 22.38
C LYS D 99 35.45 4.96 22.08
N ASP D 100 35.22 5.25 20.80
CA ASP D 100 35.04 6.62 20.34
C ASP D 100 33.76 7.25 20.91
N LYS D 101 32.84 6.42 21.42
CA LYS D 101 31.62 6.92 22.05
C LYS D 101 31.66 6.98 23.58
N LEU D 102 32.72 6.46 24.21
CA LEU D 102 32.78 6.44 25.67
C LEU D 102 32.58 7.83 26.27
N ASP D 103 33.26 8.85 25.73
CA ASP D 103 33.20 10.16 26.36
C ASP D 103 31.94 10.94 26.01
N SER D 104 31.24 10.54 24.95
CA SER D 104 30.01 11.23 24.62
C SER D 104 28.77 10.48 25.10
N TYR D 105 28.94 9.31 25.73
CA TYR D 105 27.78 8.56 26.19
C TYR D 105 27.93 8.00 27.61
N VAL D 106 28.73 6.95 27.74
CA VAL D 106 28.80 6.24 29.02
C VAL D 106 29.38 7.12 30.14
N ARG D 107 30.54 7.72 29.90
CA ARG D 107 31.20 8.49 30.97
C ARG D 107 30.35 9.67 31.46
N PRO D 108 29.76 10.45 30.54
CA PRO D 108 28.87 11.51 31.02
C PRO D 108 27.62 10.96 31.74
N LEU D 109 27.11 9.83 31.27
CA LEU D 109 25.96 9.26 31.93
C LEU D 109 26.34 8.75 33.34
N LEU D 110 27.49 8.10 33.42
CA LEU D 110 28.03 7.68 34.73
C LEU D 110 28.16 8.85 35.69
N ALA D 111 28.52 10.03 35.19
CA ALA D 111 28.66 11.21 36.04
C ALA D 111 27.32 11.70 36.58
N ILE D 112 26.28 11.66 35.74
CA ILE D 112 24.96 12.07 36.18
C ILE D 112 24.42 11.19 37.31
N SER D 113 24.66 9.88 37.22
CA SER D 113 24.21 8.98 38.27
C SER D 113 25.05 9.10 39.54
N ALA D 114 26.34 9.36 39.38
CA ALA D 114 27.24 9.51 40.53
C ALA D 114 26.81 10.70 41.38
N GLN D 115 26.35 11.74 40.71
CA GLN D 115 25.82 12.91 41.42
C GLN D 115 24.50 12.59 42.13
N ARG D 116 23.63 11.80 41.50
CA ARG D 116 22.35 11.50 42.12
C ARG D 116 22.62 10.64 43.34
N VAL D 117 23.58 9.72 43.23
CA VAL D 117 23.91 8.85 44.34
C VAL D 117 24.57 9.62 45.48
N SER D 118 25.37 10.63 45.16
CA SER D 118 26.09 11.35 46.21
C SER D 118 25.09 12.08 47.11
N LYS D 119 23.92 12.40 46.58
CA LYS D 119 22.88 13.05 47.36
C LYS D 119 21.93 12.08 48.05
N GLY D 120 22.24 10.79 47.98
CA GLY D 120 21.43 9.79 48.65
C GLY D 120 20.32 9.21 47.78
N GLY D 121 20.36 9.50 46.49
CA GLY D 121 19.40 8.91 45.55
C GLY D 121 19.92 7.64 44.91
N ASN D 122 19.12 7.06 44.02
CA ASN D 122 19.57 5.97 43.16
C ASN D 122 20.06 6.47 41.80
N PRO D 123 20.86 5.66 41.08
CA PRO D 123 21.36 6.06 39.77
C PRO D 123 20.26 6.16 38.73
N LEU D 124 20.50 6.94 37.69
CA LEU D 124 19.51 7.12 36.62
C LEU D 124 19.30 5.82 35.84
N PHE D 125 20.42 5.23 35.41
CA PHE D 125 20.45 3.92 34.78
C PHE D 125 20.98 2.88 35.79
N GLN D 126 20.58 1.63 35.65
CA GLN D 126 21.12 0.58 36.52
C GLN D 126 22.26 -0.27 35.94
N SER D 127 22.48 -0.15 34.63
CA SER D 127 23.66 -0.73 34.02
C SER D 127 24.04 0.01 32.75
N HIS D 128 25.31 -0.10 32.39
CA HIS D 128 25.83 0.53 31.17
C HIS D 128 26.71 -0.48 30.49
N MET D 129 26.72 -0.48 29.16
CA MET D 129 27.60 -1.40 28.46
C MET D 129 28.81 -0.70 27.88
N TRP D 130 29.97 -1.27 28.13
CA TRP D 130 31.20 -0.88 27.48
C TRP D 130 31.48 -1.96 26.44
N ASP D 131 31.45 -1.61 25.15
CA ASP D 131 31.74 -2.61 24.13
C ASP D 131 33.15 -2.43 23.58
N GLY D 132 34.06 -3.27 24.05
CA GLY D 132 35.45 -3.21 23.65
C GLY D 132 35.82 -4.37 22.74
N SER D 133 34.81 -5.00 22.17
CA SER D 133 35.02 -6.22 21.39
C SER D 133 35.88 -5.99 20.15
N ALA D 134 36.04 -4.75 19.72
CA ALA D 134 36.82 -4.46 18.53
C ALA D 134 38.28 -4.15 18.84
N VAL D 135 38.68 -4.24 20.11
CA VAL D 135 40.08 -4.00 20.43
C VAL D 135 40.65 -5.22 21.16
N PRO D 136 41.99 -5.32 21.22
CA PRO D 136 42.61 -6.46 21.89
C PRO D 136 42.07 -6.60 23.31
N ILE D 137 41.99 -7.82 23.80
CA ILE D 137 41.42 -8.08 25.11
C ILE D 137 42.10 -7.25 26.22
N ASP D 138 43.41 -7.05 26.15
CA ASP D 138 44.14 -6.37 27.24
C ASP D 138 43.76 -4.88 27.33
N GLU D 139 43.70 -4.23 26.19
CA GLU D 139 43.20 -2.87 26.12
C GLU D 139 41.73 -2.76 26.59
N ASN D 140 40.91 -3.69 26.14
CA ASN D 140 39.51 -3.76 26.56
C ASN D 140 39.38 -3.88 28.09
N LEU D 141 40.10 -4.81 28.68
CA LEU D 141 40.05 -5.00 30.12
C LEU D 141 40.60 -3.80 30.90
N ALA D 142 41.62 -3.14 30.37
CA ALA D 142 42.19 -1.98 31.04
C ALA D 142 41.16 -0.85 31.11
N ILE D 143 40.40 -0.66 30.03
CA ILE D 143 39.37 0.37 30.04
C ILE D 143 38.23 -0.06 30.97
N ALA D 144 37.90 -1.36 30.96
CA ALA D 144 36.84 -1.88 31.79
C ALA D 144 37.14 -1.65 33.27
N GLN D 145 38.38 -1.85 33.66
CA GLN D 145 38.76 -1.67 35.05
C GLN D 145 38.44 -0.27 35.57
N GLU D 146 38.76 0.76 34.79
CA GLU D 146 38.45 2.13 35.18
C GLU D 146 36.94 2.38 35.18
N LEU D 147 36.25 1.89 34.16
CA LEU D 147 34.80 2.07 34.08
C LEU D 147 34.14 1.37 35.26
N LEU D 148 34.65 0.19 35.62
CA LEU D 148 34.04 -0.59 36.70
C LEU D 148 34.12 0.17 38.02
N LYS D 149 35.26 0.80 38.25
CA LYS D 149 35.43 1.60 39.47
C LYS D 149 34.38 2.71 39.55
N ALA D 150 34.19 3.41 38.44
CA ALA D 150 33.19 4.48 38.41
C ALA D 150 31.77 3.92 38.54
N ALA D 151 31.48 2.84 37.81
CA ALA D 151 30.15 2.24 37.82
C ALA D 151 29.80 1.75 39.22
N ALA D 152 30.72 1.00 39.82
CA ALA D 152 30.52 0.51 41.17
C ALA D 152 30.22 1.68 42.10
N ALA D 153 30.98 2.77 41.98
CA ALA D 153 30.76 3.93 42.86
C ALA D 153 29.38 4.54 42.66
N ALA D 154 28.82 4.40 41.44
CA ALA D 154 27.49 4.90 41.16
C ALA D 154 26.36 3.86 41.35
N LYS D 155 26.69 2.69 41.90
CA LYS D 155 25.71 1.62 42.13
C LYS D 155 25.16 1.11 40.81
N ILE D 156 26.04 1.03 39.81
CA ILE D 156 25.69 0.63 38.48
C ILE D 156 26.49 -0.59 38.07
N ILE D 157 25.82 -1.49 37.36
CA ILE D 157 26.45 -2.72 36.87
C ILE D 157 26.99 -2.46 35.49
N LEU D 158 28.23 -2.87 35.26
CA LEU D 158 28.88 -2.67 33.97
C LEU D 158 28.72 -3.91 33.13
N GLU D 159 28.36 -3.75 31.86
CA GLU D 159 28.37 -4.87 30.95
C GLU D 159 29.59 -4.73 30.05
N ILE D 160 30.34 -5.80 29.84
CA ILE D 160 31.50 -5.73 28.93
C ILE D 160 31.36 -6.81 27.87
N GLU D 161 32.09 -6.66 26.78
CA GLU D 161 32.08 -7.66 25.73
C GLU D 161 33.50 -8.01 25.33
N ILE D 162 33.83 -9.29 25.38
CA ILE D 162 35.16 -9.73 24.96
C ILE D 162 34.99 -10.49 23.63
N GLY D 163 35.55 -9.96 22.55
CA GLY D 163 35.29 -10.48 21.21
C GLY D 163 33.96 -9.99 20.63
N VAL D 164 33.80 -10.13 19.31
CA VAL D 164 32.75 -9.40 18.58
C VAL D 164 31.55 -10.23 18.11
N VAL D 165 30.35 -9.66 18.25
CA VAL D 165 29.14 -10.29 17.72
C VAL D 165 28.84 -9.77 16.31
N GLY D 166 28.68 -10.70 15.37
CA GLY D 166 28.62 -10.38 13.95
C GLY D 166 27.41 -9.54 13.57
N GLY D 167 27.37 -9.15 12.30
CA GLY D 167 26.26 -8.36 11.78
C GLY D 167 26.52 -7.90 10.35
N TYR D 181 36.15 -17.89 18.70
CA TYR D 181 35.55 -18.06 20.02
C TYR D 181 36.43 -17.53 21.15
N THR D 182 35.79 -17.03 22.19
CA THR D 182 36.48 -16.68 23.41
C THR D 182 37.16 -17.94 23.96
N SER D 183 38.34 -17.75 24.52
CA SER D 183 39.18 -18.86 24.91
C SER D 183 39.33 -18.88 26.42
N PRO D 184 39.71 -20.03 26.98
CA PRO D 184 40.01 -20.11 28.40
C PRO D 184 40.95 -18.98 28.88
N GLU D 185 41.97 -18.66 28.09
CA GLU D 185 42.91 -17.61 28.47
C GLU D 185 42.18 -16.26 28.60
N ASP D 186 41.28 -15.96 27.66
CA ASP D 186 40.44 -14.77 27.73
C ASP D 186 39.56 -14.68 28.99
N PHE D 187 38.97 -15.80 29.42
CA PHE D 187 38.13 -15.77 30.62
C PHE D 187 38.99 -15.55 31.85
N GLU D 188 40.16 -16.18 31.89
CA GLU D 188 41.08 -16.01 33.02
C GLU D 188 41.62 -14.56 33.06
N LYS D 189 41.90 -13.98 31.90
CA LYS D 189 42.31 -12.58 31.84
C LYS D 189 41.20 -11.67 32.42
N THR D 190 39.95 -12.00 32.11
CA THR D 190 38.82 -11.19 32.59
C THR D 190 38.73 -11.26 34.10
N ILE D 191 38.81 -12.46 34.66
CA ILE D 191 38.75 -12.60 36.12
C ILE D 191 39.92 -11.90 36.77
N GLU D 192 41.09 -11.99 36.13
CA GLU D 192 42.30 -11.41 36.70
C GLU D 192 42.18 -9.90 36.75
N ALA D 193 41.62 -9.31 35.71
CA ALA D 193 41.50 -7.87 35.63
C ALA D 193 40.36 -7.34 36.50
N LEU D 194 39.20 -8.00 36.43
CA LEU D 194 37.99 -7.46 37.06
C LEU D 194 37.52 -8.13 38.35
N GLY D 195 38.14 -9.23 38.73
CA GLY D 195 37.57 -10.06 39.78
C GLY D 195 36.24 -10.67 39.35
N ALA D 196 35.56 -11.25 40.34
CA ALA D 196 34.31 -11.99 40.21
C ALA D 196 33.06 -11.23 40.71
N GLY D 197 33.16 -9.93 40.87
CA GLY D 197 32.09 -9.13 41.42
C GLY D 197 32.44 -8.46 42.73
N GLU D 198 33.56 -8.87 43.34
CA GLU D 198 34.02 -8.21 44.56
C GLU D 198 34.48 -6.76 44.33
N HIS D 199 34.88 -6.42 43.10
CA HIS D 199 35.27 -5.04 42.73
C HIS D 199 34.11 -4.28 42.10
N GLY D 200 32.94 -4.89 42.19
CA GLY D 200 31.72 -4.42 41.58
C GLY D 200 31.25 -5.42 40.55
N LYS D 201 29.93 -5.51 40.41
CA LYS D 201 29.32 -6.54 39.61
C LYS D 201 29.38 -6.11 38.16
N TYR D 202 29.64 -7.08 37.29
CA TYR D 202 29.60 -6.80 35.86
C TYR D 202 28.95 -7.99 35.17
N LEU D 203 28.45 -7.75 33.97
CA LEU D 203 27.86 -8.78 33.12
C LEU D 203 28.82 -8.98 31.97
N LEU D 204 28.92 -10.19 31.47
CA LEU D 204 29.92 -10.48 30.47
C LEU D 204 29.25 -11.01 29.21
N ALA D 205 29.56 -10.42 28.06
CA ALA D 205 29.19 -11.01 26.79
C ALA D 205 30.45 -11.61 26.20
N ALA D 206 30.52 -12.94 26.10
CA ALA D 206 31.67 -13.57 25.48
C ALA D 206 31.37 -13.83 24.01
N THR D 207 32.36 -14.27 23.24
CA THR D 207 32.09 -14.58 21.84
C THR D 207 32.00 -16.08 21.72
N PHE D 208 30.77 -16.56 21.63
CA PHE D 208 30.45 -17.98 21.41
C PHE D 208 29.91 -18.37 20.02
N GLY D 209 30.03 -17.48 19.02
CA GLY D 209 29.53 -17.77 17.70
C GLY D 209 28.22 -17.08 17.35
N ASN D 210 27.91 -15.99 18.06
CA ASN D 210 26.60 -15.34 18.02
C ASN D 210 26.60 -13.99 17.28
N VAL D 211 25.44 -13.63 16.71
CA VAL D 211 25.37 -12.63 15.63
C VAL D 211 24.10 -11.77 15.71
N HIS D 212 24.19 -10.48 15.36
CA HIS D 212 23.04 -9.54 15.42
C HIS D 212 22.05 -9.64 14.25
N GLY D 213 20.78 -9.31 14.50
CA GLY D 213 19.76 -9.21 13.46
C GLY D 213 18.76 -10.37 13.39
N VAL D 214 18.00 -10.44 12.30
CA VAL D 214 17.17 -11.62 12.00
C VAL D 214 17.35 -12.03 10.52
N TYR D 215 17.48 -13.34 10.29
CA TYR D 215 17.76 -13.87 8.96
C TYR D 215 17.02 -15.21 8.75
N LYS D 216 17.26 -15.87 7.61
CA LYS D 216 16.70 -17.21 7.37
C LYS D 216 17.43 -18.22 8.27
N PRO D 217 16.74 -19.29 8.67
CA PRO D 217 17.28 -20.21 9.68
C PRO D 217 18.52 -20.97 9.19
N GLY D 218 19.56 -21.02 10.00
CA GLY D 218 20.80 -21.64 9.62
C GLY D 218 21.93 -20.67 9.29
N ASN D 219 21.73 -19.38 9.58
CA ASN D 219 22.78 -18.38 9.39
C ASN D 219 23.76 -18.28 10.57
N VAL D 220 23.40 -18.85 11.72
CA VAL D 220 24.23 -18.75 12.91
C VAL D 220 24.54 -20.13 13.52
N LYS D 221 25.82 -20.46 13.70
CA LYS D 221 26.20 -21.71 14.36
C LYS D 221 26.91 -21.39 15.67
N LEU D 222 26.26 -21.79 16.74
CA LEU D 222 26.54 -21.31 18.08
C LEU D 222 27.14 -22.39 18.94
N ARG D 223 28.02 -21.99 19.86
CA ARG D 223 28.71 -22.94 20.73
C ARG D 223 28.59 -22.52 22.19
N PRO D 224 27.41 -22.77 22.80
CA PRO D 224 27.12 -22.43 24.20
C PRO D 224 28.07 -23.13 25.16
N ASP D 225 28.76 -24.14 24.68
CA ASP D 225 29.72 -24.82 25.54
C ASP D 225 30.88 -23.91 25.92
N ILE D 226 31.13 -22.88 25.12
CA ILE D 226 32.16 -21.89 25.44
C ILE D 226 31.82 -21.24 26.79
N LEU D 227 30.54 -20.96 27.00
CA LEU D 227 30.08 -20.37 28.25
C LEU D 227 30.33 -21.32 29.41
N ALA D 228 30.04 -22.61 29.20
CA ALA D 228 30.23 -23.61 30.25
C ALA D 228 31.71 -23.72 30.61
N GLN D 229 32.57 -23.71 29.59
CA GLN D 229 34.02 -23.65 29.81
C GLN D 229 34.45 -22.41 30.59
N GLY D 230 33.88 -21.26 30.24
CA GLY D 230 34.12 -20.04 30.98
C GLY D 230 33.79 -20.15 32.46
N GLN D 231 32.60 -20.68 32.77
CA GLN D 231 32.22 -20.87 34.17
C GLN D 231 33.21 -21.81 34.88
N GLN D 232 33.59 -22.90 34.23
CA GLN D 232 34.51 -23.88 34.85
C GLN D 232 35.90 -23.28 35.08
N VAL D 233 36.41 -22.63 34.04
CA VAL D 233 37.73 -22.01 34.08
C VAL D 233 37.80 -20.95 35.16
N ALA D 234 36.74 -20.15 35.31
CA ALA D 234 36.69 -19.12 36.36
C ALA D 234 36.46 -19.71 37.75
N ALA D 235 35.52 -20.64 37.88
CA ALA D 235 35.28 -21.28 39.16
C ALA D 235 36.56 -21.97 39.63
N ALA D 236 37.35 -22.52 38.73
CA ALA D 236 38.61 -23.19 39.11
C ALA D 236 39.68 -22.19 39.54
N LYS D 237 39.79 -21.09 38.80
CA LYS D 237 40.76 -20.05 39.13
C LYS D 237 40.44 -19.49 40.52
N LEU D 238 39.14 -19.44 40.86
CA LEU D 238 38.71 -18.93 42.16
C LEU D 238 38.41 -19.92 43.31
N GLY D 239 38.42 -21.22 43.07
CA GLY D 239 38.07 -22.19 44.11
C GLY D 239 36.58 -22.30 44.48
N LEU D 240 35.70 -22.14 43.50
CA LEU D 240 34.25 -22.32 43.73
C LEU D 240 33.75 -23.58 43.05
N PRO D 241 32.63 -24.11 43.51
CA PRO D 241 32.15 -25.38 42.98
C PRO D 241 32.20 -25.46 41.46
N ALA D 242 32.59 -26.63 40.97
CA ALA D 242 32.63 -26.92 39.53
C ALA D 242 31.34 -26.44 38.89
N ASP D 243 30.24 -26.73 39.58
CA ASP D 243 28.92 -26.48 39.06
C ASP D 243 28.58 -25.00 39.31
N ALA D 244 29.58 -24.25 39.79
CA ALA D 244 29.42 -22.84 40.13
C ALA D 244 29.34 -21.99 38.86
N LYS D 245 28.79 -20.75 38.97
CA LYS D 245 28.67 -19.82 37.83
C LYS D 245 29.10 -18.39 38.16
N PRO D 246 30.40 -18.15 38.26
CA PRO D 246 30.95 -16.84 38.61
C PRO D 246 30.60 -15.73 37.60
N PHE D 247 30.46 -16.06 36.31
CA PHE D 247 30.06 -15.07 35.32
C PHE D 247 28.53 -14.95 35.19
N ASP D 248 28.04 -13.71 35.12
CA ASP D 248 26.67 -13.45 34.64
C ASP D 248 26.78 -13.13 33.15
N PHE D 249 26.34 -14.05 32.29
CA PHE D 249 26.50 -13.87 30.85
C PHE D 249 25.36 -13.08 30.17
N VAL D 250 25.72 -12.36 29.11
CA VAL D 250 24.74 -11.64 28.29
C VAL D 250 24.76 -12.28 26.90
N PHE D 251 23.57 -12.49 26.34
CA PHE D 251 23.43 -13.12 25.04
C PHE D 251 23.01 -12.06 24.01
N HIS D 252 23.90 -11.70 23.09
CA HIS D 252 23.59 -10.75 22.01
C HIS D 252 23.26 -11.54 20.77
N GLY D 253 22.40 -11.01 19.92
CA GLY D 253 21.81 -11.77 18.83
C GLY D 253 20.67 -12.64 19.36
N GLY D 254 19.77 -12.01 20.11
CA GLY D 254 18.66 -12.70 20.72
C GLY D 254 17.43 -12.88 19.85
N SER D 255 17.22 -11.99 18.89
CA SER D 255 16.07 -12.11 18.00
C SER D 255 16.21 -13.30 17.05
N GLY D 256 15.21 -14.18 17.04
CA GLY D 256 15.15 -15.29 16.10
C GLY D 256 15.99 -16.50 16.48
N SER D 257 16.30 -16.65 17.77
CA SER D 257 17.15 -17.76 18.22
C SER D 257 16.41 -19.10 18.39
N LEU D 258 17.16 -20.21 18.31
CA LEU D 258 16.61 -21.57 18.48
C LEU D 258 16.38 -21.92 19.95
N LYS D 259 15.33 -22.67 20.24
CA LYS D 259 15.03 -23.05 21.62
C LYS D 259 16.12 -23.85 22.27
N SER D 260 16.56 -24.91 21.63
CA SER D 260 17.51 -25.81 22.27
C SER D 260 18.82 -25.08 22.55
N GLU D 261 19.16 -24.11 21.72
CA GLU D 261 20.39 -23.36 21.95
C GLU D 261 20.21 -22.30 23.06
N ILE D 262 19.06 -21.61 23.09
CA ILE D 262 18.77 -20.71 24.21
C ILE D 262 18.74 -21.47 25.51
N GLU D 263 18.14 -22.66 25.50
CA GLU D 263 17.96 -23.43 26.73
C GLU D 263 19.32 -23.89 27.26
N GLU D 264 20.24 -24.19 26.35
CA GLU D 264 21.60 -24.50 26.73
C GLU D 264 22.29 -23.26 27.31
N ALA D 265 22.05 -22.11 26.70
CA ALA D 265 22.70 -20.87 27.14
C ALA D 265 22.24 -20.49 28.55
N LEU D 266 20.96 -20.71 28.84
CA LEU D 266 20.43 -20.48 30.18
C LEU D 266 21.07 -21.41 31.22
N ARG D 267 21.39 -22.64 30.84
CA ARG D 267 22.01 -23.57 31.79
C ARG D 267 23.36 -23.06 32.27
N TYR D 268 24.06 -22.34 31.39
CA TYR D 268 25.43 -21.88 31.66
C TYR D 268 25.55 -20.46 32.23
N GLY D 269 24.44 -19.87 32.59
CA GLY D 269 24.46 -18.60 33.30
C GLY D 269 24.12 -17.36 32.50
N VAL D 270 23.49 -17.52 31.33
CA VAL D 270 23.03 -16.33 30.64
C VAL D 270 21.83 -15.78 31.44
N VAL D 271 21.96 -14.53 31.89
CA VAL D 271 20.87 -13.86 32.62
C VAL D 271 20.15 -12.75 31.87
N LYS D 272 20.64 -12.40 30.68
CA LYS D 272 20.12 -11.26 29.97
C LYS D 272 20.21 -11.58 28.49
N MET D 273 19.12 -11.39 27.76
CA MET D 273 19.16 -11.63 26.33
C MET D 273 18.65 -10.39 25.63
N ASN D 274 19.45 -9.83 24.74
CA ASN D 274 19.03 -8.59 24.11
C ASN D 274 18.05 -8.92 22.99
N VAL D 275 17.01 -8.09 22.88
CA VAL D 275 16.01 -8.25 21.84
C VAL D 275 15.77 -6.90 21.17
N ASP D 276 15.98 -6.83 19.86
CA ASP D 276 15.72 -5.61 19.10
C ASP D 276 14.93 -5.87 17.81
N THR D 277 15.53 -6.63 16.90
CA THR D 277 14.94 -6.84 15.58
C THR D 277 13.51 -7.39 15.66
N ASP D 278 13.29 -8.38 16.51
CA ASP D 278 11.96 -8.98 16.60
C ASP D 278 10.88 -8.03 17.15
N THR D 279 11.24 -7.17 18.08
CA THR D 279 10.29 -6.23 18.62
C THR D 279 10.09 -5.05 17.67
N GLN D 280 11.13 -4.71 16.90
CA GLN D 280 11.01 -3.69 15.85
C GLN D 280 10.00 -4.17 14.82
N TYR D 281 10.13 -5.42 14.38
CA TYR D 281 9.18 -5.93 13.40
C TYR D 281 7.76 -5.96 13.97
N ALA D 282 7.62 -6.36 15.23
CA ALA D 282 6.29 -6.44 15.86
C ALA D 282 5.65 -5.06 16.05
N PHE D 283 6.46 -4.04 16.30
CA PHE D 283 5.95 -2.68 16.45
C PHE D 283 5.45 -2.18 15.07
N THR D 284 6.25 -2.41 14.05
CA THR D 284 5.96 -1.85 12.72
C THR D 284 4.83 -2.57 11.97
N ARG D 285 4.73 -3.88 12.14
CA ARG D 285 3.84 -4.70 11.32
C ARG D 285 2.39 -4.19 11.27
N PRO D 286 1.79 -3.91 12.45
CA PRO D 286 0.41 -3.42 12.43
C PRO D 286 0.30 -1.96 11.95
N ILE D 287 1.38 -1.20 11.96
CA ILE D 287 1.35 0.14 11.36
C ILE D 287 1.26 -0.01 9.84
N ALA D 288 2.08 -0.88 9.26
CA ALA D 288 1.98 -1.15 7.82
C ALA D 288 0.55 -1.56 7.48
N GLY D 289 0.01 -2.50 8.26
CA GLY D 289 -1.34 -2.99 8.07
C GLY D 289 -2.38 -1.87 8.09
N HIS D 290 -2.32 -1.03 9.12
CA HIS D 290 -3.22 0.10 9.27
C HIS D 290 -3.18 1.01 8.02
N MET D 291 -1.99 1.33 7.52
CA MET D 291 -1.84 2.22 6.37
C MET D 291 -2.49 1.63 5.10
N PHE D 292 -2.24 0.35 4.86
CA PHE D 292 -2.81 -0.31 3.67
C PHE D 292 -4.35 -0.33 3.77
N THR D 293 -4.88 -0.87 4.86
CA THR D 293 -6.31 -1.11 4.93
C THR D 293 -7.04 0.23 4.99
N ASN D 294 -6.38 1.24 5.57
CA ASN D 294 -6.92 2.60 5.70
C ASN D 294 -6.40 3.60 4.66
N TYR D 295 -5.83 3.12 3.56
CA TYR D 295 -5.14 3.99 2.59
C TYR D 295 -5.92 5.23 2.18
N ASP D 296 -7.24 5.13 2.10
CA ASP D 296 -8.02 6.25 1.60
C ASP D 296 -8.45 7.14 2.75
N GLY D 297 -8.21 6.71 3.99
CA GLY D 297 -8.36 7.60 5.14
C GLY D 297 -7.07 8.24 5.64
N VAL D 298 -5.93 7.56 5.50
CA VAL D 298 -4.67 8.14 5.94
C VAL D 298 -4.11 9.06 4.86
N LEU D 299 -4.62 8.91 3.64
CA LEU D 299 -4.22 9.80 2.55
C LEU D 299 -5.43 10.65 2.20
N LYS D 300 -5.19 11.87 1.74
CA LYS D 300 -6.28 12.67 1.18
C LYS D 300 -6.34 12.35 -0.30
N VAL D 301 -7.39 11.63 -0.70
CA VAL D 301 -7.48 11.02 -2.03
C VAL D 301 -8.70 11.48 -2.81
N ASP D 302 -8.55 11.64 -4.12
CA ASP D 302 -9.68 11.96 -4.99
C ASP D 302 -10.43 13.17 -4.45
N GLY D 303 -9.66 14.14 -3.98
CA GLY D 303 -10.22 15.41 -3.51
C GLY D 303 -10.86 15.35 -2.14
N GLU D 304 -10.76 14.23 -1.45
CA GLU D 304 -11.35 14.13 -0.11
C GLU D 304 -10.36 14.63 0.96
N VAL D 305 -10.81 14.76 2.21
CA VAL D 305 -9.93 15.28 3.26
C VAL D 305 -9.33 14.21 4.16
N GLY D 306 -9.58 12.94 3.84
CA GLY D 306 -9.08 11.86 4.67
C GLY D 306 -9.95 11.74 5.90
N VAL D 307 -9.59 10.81 6.77
CA VAL D 307 -10.41 10.50 7.92
C VAL D 307 -9.56 10.66 9.15
N LYS D 308 -9.87 11.65 9.98
CA LYS D 308 -9.00 12.05 11.06
C LYS D 308 -8.76 10.90 12.04
N LYS D 309 -9.80 10.09 12.25
CA LYS D 309 -9.70 8.99 13.21
C LYS D 309 -8.65 7.95 12.82
N VAL D 310 -8.34 7.82 11.54
CA VAL D 310 -7.23 6.92 11.15
C VAL D 310 -5.89 7.57 10.85
N TYR D 311 -5.82 8.89 10.67
CA TYR D 311 -4.50 9.51 10.54
C TYR D 311 -4.00 10.13 11.85
N ASP D 312 -4.86 10.10 12.87
CA ASP D 312 -4.44 10.39 14.24
C ASP D 312 -3.39 9.31 14.61
N PRO D 313 -2.16 9.75 14.91
CA PRO D 313 -1.07 8.81 15.15
C PRO D 313 -1.38 7.82 16.25
N ARG D 314 -2.19 8.22 17.23
CA ARG D 314 -2.57 7.29 18.30
C ARG D 314 -3.25 6.04 17.75
N SER D 315 -4.00 6.19 16.66
CA SER D 315 -4.79 5.07 16.16
C SER D 315 -3.87 3.90 15.78
N TYR D 316 -2.82 4.16 15.02
CA TYR D 316 -1.91 3.08 14.62
C TYR D 316 -0.85 2.82 15.68
N LEU D 317 -0.48 3.86 16.41
CA LEU D 317 0.57 3.70 17.43
C LEU D 317 0.09 2.86 18.62
N LYS D 318 -1.20 2.86 18.93
CA LYS D 318 -1.70 1.92 19.97
C LYS D 318 -1.61 0.47 19.51
N LYS D 319 -1.87 0.24 18.23
CA LYS D 319 -1.73 -1.09 17.65
C LYS D 319 -0.28 -1.55 17.68
N ALA D 320 0.63 -0.64 17.33
CA ALA D 320 2.05 -0.91 17.43
C ALA D 320 2.47 -1.29 18.84
N GLU D 321 2.10 -0.46 19.81
CA GLU D 321 2.47 -0.72 21.21
C GLU D 321 1.98 -2.11 21.63
N ALA D 322 0.72 -2.43 21.37
CA ALA D 322 0.11 -3.70 21.80
C ALA D 322 0.81 -4.91 21.17
N SER D 323 1.07 -4.82 19.87
CA SER D 323 1.79 -5.85 19.15
C SER D 323 3.21 -6.05 19.70
N MET D 324 3.92 -4.95 19.95
CA MET D 324 5.26 -5.05 20.50
C MET D 324 5.19 -5.64 21.89
N SER D 325 4.21 -5.22 22.69
CA SER D 325 4.06 -5.80 24.02
C SER D 325 3.92 -7.33 23.95
N GLN D 326 3.10 -7.81 23.02
CA GLN D 326 2.87 -9.24 22.90
C GLN D 326 4.16 -9.99 22.58
N ARG D 327 5.04 -9.38 21.78
CA ARG D 327 6.33 -10.00 21.45
C ARG D 327 7.27 -9.98 22.66
N VAL D 328 7.13 -8.97 23.52
CA VAL D 328 7.90 -8.95 24.76
C VAL D 328 7.42 -10.09 25.68
N VAL D 329 6.12 -10.31 25.75
CA VAL D 329 5.58 -11.39 26.59
C VAL D 329 6.13 -12.72 26.11
N GLN D 330 6.20 -12.88 24.81
CA GLN D 330 6.71 -14.12 24.25
C GLN D 330 8.17 -14.32 24.62
N ALA D 331 8.94 -13.22 24.71
CA ALA D 331 10.35 -13.31 25.08
C ALA D 331 10.46 -13.73 26.52
N CYS D 332 9.62 -13.15 27.37
CA CYS D 332 9.63 -13.56 28.79
C CYS D 332 9.29 -15.04 28.91
N ASN D 333 8.30 -15.51 28.16
CA ASN D 333 7.95 -16.93 28.17
C ASN D 333 9.13 -17.79 27.71
N ASP D 334 9.77 -17.42 26.59
CA ASP D 334 10.90 -18.19 26.04
C ASP D 334 12.15 -18.24 26.95
N LEU D 335 12.35 -17.20 27.75
CA LEU D 335 13.52 -17.12 28.62
C LEU D 335 13.19 -17.57 30.04
N HIS D 336 11.92 -17.94 30.26
CA HIS D 336 11.43 -18.49 31.53
C HIS D 336 11.45 -17.53 32.69
N CYS D 337 11.44 -16.23 32.40
CA CYS D 337 11.34 -15.25 33.49
C CYS D 337 9.89 -14.83 33.73
N ALA D 338 8.98 -15.24 32.85
CA ALA D 338 7.55 -14.98 33.04
C ALA D 338 7.06 -15.53 34.38
N GLY D 339 6.27 -14.73 35.09
CA GLY D 339 5.71 -15.11 36.37
C GLY D 339 6.72 -15.09 37.51
N LYS D 340 7.94 -14.63 37.24
CA LYS D 340 9.00 -14.65 38.27
C LYS D 340 9.32 -13.32 38.94
N SER D 341 8.52 -12.29 38.66
CA SER D 341 8.81 -10.97 39.21
C SER D 341 9.04 -11.08 40.71
N LEU D 342 10.09 -10.41 41.17
CA LEU D 342 10.48 -10.47 42.58
C LEU D 342 9.43 -9.81 43.46
N THR D 343 8.67 -8.90 42.89
CA THR D 343 7.68 -8.20 43.67
C THR D 343 6.31 -8.30 43.05
O01 TD4 E . -8.64 -27.34 -13.95
N02 TD4 E . -7.74 -26.40 -13.41
C03 TD4 E . -8.14 -25.01 -13.38
C04 TD4 E . -9.23 -24.62 -12.38
C05 TD4 E . -10.40 -23.79 -12.90
C06 TD4 E . -11.48 -23.40 -11.90
O07 TD4 E . -12.55 -22.65 -12.39
P08 TD4 E . -12.63 -21.04 -12.08
O09 TD4 E . -14.19 -20.60 -11.68
O10 TD4 E . -11.58 -20.65 -10.88
O11 TD4 E . -12.22 -20.30 -13.28
C12 TD4 E . -6.69 -26.88 -12.54
O13 TD4 E . -6.55 -28.06 -12.35
C14 TD4 E . -5.71 -25.89 -11.92
O15 TD4 E . -5.32 -26.13 -10.60
P16 TD4 E . -4.38 -25.01 -9.82
O17 TD4 E . -3.96 -25.65 -8.38
O18 TD4 E . -5.23 -23.62 -9.61
O19 TD4 E . -3.16 -24.75 -10.55
HO01 TD4 E . -8.51 -27.38 -14.83
H03 TD4 E . -7.36 -24.46 -13.20
H03A TD4 E . -8.47 -24.79 -14.26
H04 TD4 E . -8.80 -24.12 -11.64
H04A TD4 E . -9.59 -25.44 -12.02
H05 TD4 E . -10.82 -24.31 -13.59
H05A TD4 E . -10.05 -22.98 -13.31
H06 TD4 E . -11.86 -24.23 -11.54
H06A TD4 E . -11.06 -22.93 -11.16
H14 TD4 E . -4.91 -25.86 -12.47
H14A TD4 E . -6.13 -25.02 -11.94
NA NA F . -2.92 -27.14 -6.69
NA NA G . -9.07 -29.65 -17.99
NA NA H . -15.29 -27.95 -21.00
ZN ZN I . -9.02 -28.94 -12.59
S SO4 J . -4.72 -25.05 -9.71
O1 SO4 J . -5.53 -25.94 -10.52
O2 SO4 J . -5.22 -23.69 -9.82
O3 SO4 J . -4.79 -25.48 -8.31
O4 SO4 J . -3.33 -25.10 -10.16
S SO4 K . -12.24 -21.17 -12.12
O1 SO4 K . -11.99 -22.53 -12.61
O2 SO4 K . -11.86 -20.21 -13.14
O3 SO4 K . -13.67 -21.03 -11.82
O4 SO4 K . -11.47 -20.94 -10.91
O01 TD4 L . -6.59 10.12 -29.16
N02 TD4 L . -6.96 9.99 -27.82
C03 TD4 L . -6.47 8.85 -27.07
C04 TD4 L . -5.02 8.88 -26.60
C05 TD4 L . -3.97 8.13 -27.42
C06 TD4 L . -2.99 7.26 -26.64
O07 TD4 L . -1.68 7.14 -27.11
P08 TD4 L . -0.85 5.74 -26.84
O09 TD4 L . -0.30 5.17 -28.31
O10 TD4 L . 0.47 6.03 -25.91
O11 TD4 L . -1.74 4.77 -26.21
C12 TD4 L . -7.58 11.12 -27.14
O13 TD4 L . -7.76 12.14 -27.72
C14 TD4 L . -7.88 11.07 -25.65
O15 TD4 L . -7.61 12.24 -24.93
P16 TD4 L . -7.60 12.14 -23.29
O17 TD4 L . -7.38 13.63 -22.65
O18 TD4 L . -6.36 11.16 -22.83
O19 TD4 L . -8.88 11.59 -22.87
HO01 TD4 L . -7.13 9.63 -29.66
H03 TD4 L . -7.02 8.75 -26.28
H03A TD4 L . -6.59 8.07 -27.63
H04 TD4 L . -4.74 9.82 -26.51
H04A TD4 L . -5.00 8.49 -25.71
H05 TD4 L . -4.44 7.55 -28.03
H05A TD4 L . -3.47 8.77 -27.96
H06 TD4 L . -2.93 7.64 -25.74
H06A TD4 L . -3.37 6.37 -26.55
H14 TD4 L . -8.80 10.82 -25.51
H14A TD4 L . -7.31 10.37 -25.26
ZN ZN M . -6.23 12.23 -29.65
S SO4 N . -7.39 12.21 -23.23
O1 SO4 N . -6.89 12.54 -24.56
O2 SO4 N . -6.86 13.16 -22.25
O3 SO4 N . -8.85 12.28 -23.24
O4 SO4 N . -6.96 10.87 -22.86
S SO4 O . -0.66 5.55 -26.60
O1 SO4 O . 0.01 4.88 -27.72
O2 SO4 O . -1.35 6.74 -27.09
O3 SO4 O . -1.64 4.65 -26.00
O4 SO4 O . 0.34 5.95 -25.61
NA NA P . -7.52 15.92 -22.04
S SO4 Q . -7.63 21.32 15.46
O1 SO4 Q . -8.59 22.08 14.65
O2 SO4 Q . -7.76 21.71 16.87
O3 SO4 Q . -7.87 19.89 15.29
O4 SO4 Q . -6.29 21.65 15.01
S SO4 R . -8.11 14.44 21.80
O1 SO4 R . -8.34 14.08 20.39
O2 SO4 R . -8.46 15.84 21.97
O3 SO4 R . -8.92 13.59 22.66
O4 SO4 R . -6.70 14.26 22.11
NA NA S . -9.79 22.93 12.79
S SO4 T . 18.58 -8.74 17.95
O1 SO4 T . 19.13 -9.79 17.08
O2 SO4 T . 18.42 -7.50 17.20
O3 SO4 T . 17.27 -9.13 18.44
O4 SO4 T . 19.45 -8.52 19.11
S SO4 U . 21.96 1.52 16.69
O1 SO4 U . 22.33 0.12 16.53
O2 SO4 U . 21.90 2.15 15.36
O3 SO4 U . 20.65 1.58 17.33
O4 SO4 U . 22.98 2.22 17.48
NA NA V . 19.87 -12.03 15.95
#